data_8XR7
#
_entry.id   8XR7
#
_cell.length_a   1.00
_cell.length_b   1.00
_cell.length_c   1.00
_cell.angle_alpha   90.00
_cell.angle_beta   90.00
_cell.angle_gamma   90.00
#
_symmetry.space_group_name_H-M   'P 1'
#
loop_
_entity.id
_entity.type
_entity.pdbx_description
1 polymer Hemagglutinin
2 non-polymer 2-acetamido-2-deoxy-beta-D-glucopyranose
#
_entity_poly.entity_id   1
_entity_poly.type   'polypeptide(L)'
_entity_poly.pdbx_seq_one_letter_code
;DQICIGYHANNSTEKIDTILERNVTVTHAKDILEKTHNGKLCKLNGIPPLELGDCSIAGWLLGNPECDRLLRVPEWSYIM
EKENPRYSLCYPGSFNDYEELKHLLSSVKHFEKVKILPKDRWTQHTTTGGSMACAVSGKPSFFRNMVWLTTKGPNYPVAQ
GSYNNTSGEQMLIIWGVHHPNDEAEQRALYQKVGTYVSASTSTLYKRSIPEIAARPKVNGLGSRMEFSWTLLDMWDTINF
ESTGNLVAPEYGFKISKRGSSGIMKTEGTLENCETKCQTPLGAINTTLPFHNVHPLTIGECPKYVKSEKLVLATGLRNVP
QIESRGLFGAIAGFIEGGWQGMVDGWYGYHHSNDQGSGYAADKESTQKAFDGITNKVNSVIEKMNTQFEAVGKEFSNLEK
RLENLNKKMEDGFLDVWTYNAELLVLMENERTLDFHDSNVKNLYDKVRMQLRDNVKELGNGCFEFYHKCDNECMDSVKNG
TYDYPKYEEESKLNRNE
;
_entity_poly.pdbx_strand_id   A,B,C
#
loop_
_chem_comp.id
_chem_comp.type
_chem_comp.name
_chem_comp.formula
NAG D-saccharide, beta linking 2-acetamido-2-deoxy-beta-D-glucopyranose 'C8 H15 N O6'
#
# COMPACT_ATOMS: atom_id res chain seq x y z
N ASP A 1 -46.23 -46.83 -1.78
CA ASP A 1 -44.78 -46.76 -1.83
C ASP A 1 -44.31 -45.39 -2.29
N GLN A 2 -43.31 -44.84 -1.61
CA GLN A 2 -42.88 -43.48 -1.90
C GLN A 2 -41.37 -43.35 -1.84
N ILE A 3 -40.85 -42.39 -2.59
CA ILE A 3 -39.43 -42.02 -2.58
C ILE A 3 -39.33 -40.53 -2.33
N CYS A 4 -38.35 -40.13 -1.53
CA CYS A 4 -38.26 -38.76 -1.06
C CYS A 4 -36.82 -38.27 -1.15
N ILE A 5 -36.65 -36.95 -1.23
CA ILE A 5 -35.34 -36.31 -1.37
C ILE A 5 -35.13 -35.37 -0.20
N GLY A 6 -33.97 -35.47 0.44
CA GLY A 6 -33.64 -34.65 1.59
C GLY A 6 -32.15 -34.54 1.77
N TYR A 7 -31.75 -33.83 2.83
CA TYR A 7 -30.34 -33.57 3.08
C TYR A 7 -29.99 -33.89 4.53
N HIS A 8 -28.69 -33.79 4.82
CA HIS A 8 -28.10 -34.24 6.07
C HIS A 8 -28.26 -33.22 7.17
N ALA A 9 -28.50 -33.69 8.39
CA ALA A 9 -28.48 -32.86 9.58
C ALA A 9 -27.81 -33.62 10.71
N ASN A 10 -27.18 -32.89 11.62
CA ASN A 10 -26.50 -33.51 12.76
C ASN A 10 -26.54 -32.54 13.95
N ASN A 11 -25.71 -32.82 14.95
CA ASN A 11 -25.78 -32.17 16.26
C ASN A 11 -24.72 -31.09 16.44
N SER A 12 -24.05 -30.67 15.37
CA SER A 12 -23.03 -29.65 15.49
C SER A 12 -23.64 -28.30 15.86
N THR A 13 -22.90 -27.52 16.64
CA THR A 13 -23.32 -26.19 17.04
C THR A 13 -22.42 -25.11 16.48
N GLU A 14 -21.63 -25.43 15.46
CA GLU A 14 -20.72 -24.45 14.87
C GLU A 14 -21.52 -23.39 14.12
N LYS A 15 -21.01 -22.16 14.15
CA LYS A 15 -21.66 -21.01 13.55
C LYS A 15 -20.72 -20.34 12.55
N ILE A 16 -21.30 -19.80 11.48
CA ILE A 16 -20.57 -19.07 10.45
C ILE A 16 -21.31 -17.78 10.14
N ASP A 17 -20.60 -16.87 9.48
CA ASP A 17 -21.11 -15.54 9.17
C ASP A 17 -21.34 -15.42 7.67
N THR A 18 -22.41 -14.73 7.30
CA THR A 18 -22.83 -14.55 5.92
C THR A 18 -23.13 -13.08 5.68
N ILE A 19 -22.99 -12.65 4.43
CA ILE A 19 -23.26 -11.25 4.07
C ILE A 19 -24.71 -10.87 4.30
N LEU A 20 -25.63 -11.83 4.35
CA LEU A 20 -27.03 -11.56 4.61
C LEU A 20 -27.54 -12.10 5.94
N GLU A 21 -26.72 -12.81 6.71
CA GLU A 21 -27.19 -13.42 7.94
C GLU A 21 -26.02 -13.59 8.90
N ARG A 22 -26.33 -13.57 10.19
CA ARG A 22 -25.34 -13.70 11.25
C ARG A 22 -25.68 -14.91 12.11
N ASN A 23 -24.65 -15.62 12.57
CA ASN A 23 -24.80 -16.77 13.46
C ASN A 23 -25.67 -17.86 12.83
N VAL A 24 -25.16 -18.44 11.75
CA VAL A 24 -25.85 -19.51 11.04
C VAL A 24 -25.20 -20.84 11.41
N THR A 25 -25.99 -21.77 11.92
CA THR A 25 -25.49 -23.07 12.32
C THR A 25 -25.25 -23.94 11.10
N VAL A 26 -24.09 -24.58 11.06
CA VAL A 26 -23.69 -25.42 9.93
C VAL A 26 -23.26 -26.77 10.45
N THR A 27 -23.38 -27.78 9.59
CA THR A 27 -22.99 -29.13 9.98
C THR A 27 -21.48 -29.25 10.13
N HIS A 28 -20.73 -28.77 9.13
CA HIS A 28 -19.28 -28.81 9.15
C HIS A 28 -18.71 -27.44 8.82
N ALA A 29 -17.62 -27.08 9.47
CA ALA A 29 -16.96 -25.81 9.24
C ALA A 29 -15.47 -25.97 9.48
N LYS A 30 -14.69 -25.08 8.88
CA LYS A 30 -13.24 -25.08 9.00
C LYS A 30 -12.77 -23.72 9.49
N ASP A 31 -11.91 -23.73 10.50
CA ASP A 31 -11.34 -22.49 11.02
C ASP A 31 -10.00 -22.24 10.33
N ILE A 32 -9.84 -21.04 9.81
CA ILE A 32 -8.62 -20.67 9.09
C ILE A 32 -7.88 -19.53 9.80
N LEU A 33 -8.00 -19.44 11.12
CA LEU A 33 -7.32 -18.42 11.91
C LEU A 33 -6.72 -19.08 13.14
N GLU A 34 -5.45 -18.80 13.42
CA GLU A 34 -4.77 -19.35 14.57
C GLU A 34 -4.61 -18.28 15.64
N LYS A 35 -5.03 -18.60 16.86
CA LYS A 35 -5.04 -17.63 17.95
C LYS A 35 -4.24 -18.11 19.16
N THR A 36 -3.44 -19.15 19.01
CA THR A 36 -2.75 -19.75 20.15
C THR A 36 -1.24 -19.77 19.92
N HIS A 37 -0.50 -19.70 21.01
CA HIS A 37 0.95 -19.78 21.00
C HIS A 37 1.40 -20.46 22.28
N ASN A 38 2.62 -20.99 22.26
CA ASN A 38 3.12 -21.73 23.41
C ASN A 38 3.74 -20.84 24.49
N GLY A 39 3.82 -19.53 24.27
CA GLY A 39 4.32 -18.63 25.29
C GLY A 39 5.77 -18.86 25.66
N LYS A 40 6.61 -19.22 24.70
CA LYS A 40 8.01 -19.52 24.96
C LYS A 40 8.86 -18.97 23.82
N LEU A 41 10.12 -18.69 24.13
CA LEU A 41 11.11 -18.28 23.15
C LEU A 41 12.13 -19.40 23.02
N CYS A 42 12.25 -19.97 21.83
CA CYS A 42 13.20 -21.07 21.67
C CYS A 42 13.72 -21.12 20.24
N LYS A 43 14.35 -22.23 19.90
CA LYS A 43 15.21 -22.34 18.73
C LYS A 43 14.40 -22.30 17.43
N LEU A 44 14.96 -21.64 16.43
CA LEU A 44 14.34 -21.50 15.12
C LEU A 44 15.15 -22.33 14.12
N ASN A 45 14.52 -23.39 13.60
CA ASN A 45 15.15 -24.28 12.61
C ASN A 45 16.44 -24.89 13.14
N GLY A 46 16.49 -25.14 14.44
CA GLY A 46 17.62 -25.81 15.08
C GLY A 46 18.74 -24.93 15.57
N ILE A 47 18.77 -23.68 15.17
CA ILE A 47 19.82 -22.75 15.59
C ILE A 47 19.29 -21.91 16.75
N PRO A 48 19.95 -21.90 17.89
CA PRO A 48 19.50 -21.06 19.01
C PRO A 48 19.75 -19.59 18.72
N PRO A 49 18.97 -18.71 19.33
CA PRO A 49 19.12 -17.27 19.10
C PRO A 49 20.28 -16.70 19.91
N LEU A 50 20.53 -15.42 19.70
CA LEU A 50 21.57 -14.69 20.42
C LEU A 50 20.92 -13.96 21.60
N GLU A 51 21.16 -14.45 22.81
CA GLU A 51 20.62 -13.83 24.01
C GLU A 51 21.55 -12.71 24.43
N LEU A 52 21.13 -11.47 24.17
CA LEU A 52 21.93 -10.33 24.58
C LEU A 52 21.85 -10.07 26.08
N GLY A 53 20.70 -10.29 26.69
CA GLY A 53 20.56 -10.01 28.10
C GLY A 53 20.35 -8.52 28.33
N ASP A 54 21.12 -7.95 29.24
CA ASP A 54 21.09 -6.51 29.49
C ASP A 54 22.03 -5.76 28.56
N CYS A 55 22.64 -6.46 27.61
CA CYS A 55 23.59 -5.91 26.66
C CYS A 55 22.86 -5.01 25.67
N SER A 56 23.62 -4.25 24.92
CA SER A 56 23.12 -3.57 23.73
C SER A 56 23.92 -4.02 22.52
N ILE A 57 23.43 -3.66 21.34
CA ILE A 57 24.16 -3.99 20.12
C ILE A 57 25.51 -3.30 20.11
N ALA A 58 25.52 -2.01 20.46
CA ALA A 58 26.78 -1.27 20.55
C ALA A 58 27.64 -1.79 21.69
N GLY A 59 27.02 -2.17 22.81
CA GLY A 59 27.78 -2.74 23.90
C GLY A 59 28.42 -4.06 23.56
N TRP A 60 27.73 -4.87 22.77
CA TRP A 60 28.29 -6.14 22.33
C TRP A 60 29.41 -5.93 21.31
N LEU A 61 29.21 -5.00 20.37
CA LEU A 61 30.19 -4.77 19.32
C LEU A 61 31.42 -4.01 19.80
N LEU A 62 31.30 -3.22 20.86
CA LEU A 62 32.43 -2.46 21.37
C LEU A 62 33.21 -3.19 22.45
N GLY A 63 32.60 -4.18 23.10
CA GLY A 63 33.28 -4.92 24.15
C GLY A 63 33.08 -4.32 25.51
N ASN A 64 31.83 -4.10 25.89
CA ASN A 64 31.55 -3.55 27.21
C ASN A 64 32.06 -4.50 28.28
N PRO A 65 32.71 -3.99 29.33
CA PRO A 65 33.28 -4.91 30.34
C PRO A 65 32.27 -5.81 30.98
N GLU A 66 31.04 -5.35 31.21
CA GLU A 66 30.01 -6.19 31.77
C GLU A 66 29.30 -7.02 30.72
N CYS A 67 29.52 -6.72 29.45
CA CYS A 67 28.92 -7.45 28.34
C CYS A 67 29.90 -8.52 27.87
N ASP A 68 30.42 -9.28 28.83
CA ASP A 68 31.63 -10.06 28.64
C ASP A 68 31.37 -11.50 28.20
N ARG A 69 30.14 -11.97 28.22
CA ARG A 69 29.85 -13.34 27.82
C ARG A 69 29.75 -13.51 26.32
N LEU A 70 29.75 -12.42 25.56
CA LEU A 70 29.56 -12.46 24.12
C LEU A 70 30.83 -12.09 23.35
N LEU A 71 31.99 -12.39 23.92
CA LEU A 71 33.24 -12.14 23.22
C LEU A 71 33.51 -13.18 22.14
N ARG A 72 32.87 -14.33 22.20
CA ARG A 72 32.96 -15.37 21.16
C ARG A 72 31.56 -15.97 21.01
N VAL A 73 30.81 -15.45 20.05
CA VAL A 73 29.40 -15.79 19.89
C VAL A 73 29.25 -16.72 18.69
N PRO A 74 28.61 -17.87 18.85
CA PRO A 74 28.40 -18.79 17.73
C PRO A 74 27.26 -18.33 16.83
N GLU A 75 26.92 -19.20 15.87
CA GLU A 75 25.86 -18.93 14.92
C GLU A 75 24.55 -18.62 15.63
N TRP A 76 23.73 -17.79 14.99
CA TRP A 76 22.44 -17.43 15.55
C TRP A 76 21.39 -17.37 14.45
N SER A 77 20.13 -17.43 14.85
CA SER A 77 18.99 -17.28 13.96
C SER A 77 18.31 -15.92 14.09
N TYR A 78 18.19 -15.40 15.30
CA TYR A 78 17.67 -14.06 15.53
C TYR A 78 18.25 -13.53 16.82
N ILE A 79 18.22 -12.21 16.96
CA ILE A 79 18.80 -11.53 18.11
C ILE A 79 17.69 -11.08 19.03
N MET A 80 17.80 -11.43 20.31
CA MET A 80 16.84 -11.02 21.33
C MET A 80 17.45 -9.87 22.12
N GLU A 81 16.81 -8.71 22.06
CA GLU A 81 17.23 -7.53 22.77
C GLU A 81 16.09 -6.99 23.62
N LYS A 82 16.43 -6.15 24.58
CA LYS A 82 15.46 -5.53 25.47
C LYS A 82 15.13 -4.12 24.99
N GLU A 83 13.96 -3.63 25.40
CA GLU A 83 13.48 -2.34 24.93
C GLU A 83 14.37 -1.20 25.40
N ASN A 84 14.83 -1.26 26.65
CA ASN A 84 15.72 -0.25 27.22
C ASN A 84 16.92 -0.97 27.79
N PRO A 85 17.91 -1.32 26.96
CA PRO A 85 19.08 -2.04 27.44
C PRO A 85 19.83 -1.22 28.48
N ARG A 86 20.42 -1.93 29.45
CA ARG A 86 21.10 -1.31 30.56
C ARG A 86 22.62 -1.33 30.41
N TYR A 87 23.19 -2.47 30.00
CA TYR A 87 24.59 -2.53 29.62
C TYR A 87 24.74 -1.99 28.22
N SER A 88 25.28 -0.78 28.11
CA SER A 88 25.40 -0.04 26.87
C SER A 88 26.74 0.66 26.88
N LEU A 89 26.89 1.70 26.07
CA LEU A 89 28.07 2.54 26.13
C LEU A 89 28.31 2.99 27.57
N CYS A 90 29.37 2.48 28.20
CA CYS A 90 29.65 2.86 29.57
C CYS A 90 30.30 4.23 29.64
N TYR A 91 31.13 4.56 28.66
CA TYR A 91 31.56 5.95 28.50
C TYR A 91 30.49 6.70 27.72
N PRO A 92 29.98 7.81 28.25
CA PRO A 92 28.88 8.51 27.58
C PRO A 92 29.28 9.01 26.20
N GLY A 93 28.31 9.01 25.29
CA GLY A 93 28.58 9.50 23.95
C GLY A 93 27.46 9.12 23.00
N SER A 94 27.81 9.09 21.72
CA SER A 94 26.86 8.80 20.65
C SER A 94 27.44 7.73 19.73
N PHE A 95 26.61 7.32 18.77
CA PHE A 95 26.97 6.27 17.81
C PHE A 95 26.30 6.64 16.49
N ASN A 96 27.08 7.17 15.55
CA ASN A 96 26.53 7.63 14.29
C ASN A 96 25.99 6.47 13.47
N ASP A 97 24.85 6.69 12.81
CA ASP A 97 24.22 5.71 11.95
C ASP A 97 23.98 4.39 12.68
N TYR A 98 23.48 4.48 13.92
CA TYR A 98 23.22 3.29 14.71
C TYR A 98 22.13 2.43 14.09
N GLU A 99 21.06 3.07 13.60
CA GLU A 99 19.95 2.32 13.04
C GLU A 99 20.32 1.64 11.74
N GLU A 100 21.23 2.24 10.96
CA GLU A 100 21.72 1.57 9.76
C GLU A 100 22.49 0.31 10.13
N LEU A 101 23.29 0.36 11.18
CA LEU A 101 23.98 -0.84 11.65
C LEU A 101 22.99 -1.90 12.11
N LYS A 102 21.94 -1.47 12.83
CA LYS A 102 20.95 -2.44 13.28
C LYS A 102 20.20 -3.07 12.10
N HIS A 103 19.97 -2.29 11.05
CA HIS A 103 19.35 -2.83 9.85
C HIS A 103 20.28 -3.82 9.14
N LEU A 104 21.57 -3.51 9.10
CA LEU A 104 22.52 -4.43 8.47
C LEU A 104 22.61 -5.74 9.25
N LEU A 105 22.49 -5.67 10.57
CA LEU A 105 22.54 -6.87 11.41
C LEU A 105 21.32 -7.76 11.21
N SER A 106 20.30 -7.30 10.51
CA SER A 106 19.12 -8.10 10.24
C SER A 106 19.30 -9.03 9.05
N SER A 107 20.45 -9.01 8.39
CA SER A 107 20.74 -9.92 7.29
C SER A 107 22.07 -10.65 7.47
N VAL A 108 22.63 -10.66 8.67
CA VAL A 108 23.88 -11.34 8.97
C VAL A 108 23.60 -12.38 10.05
N LYS A 109 24.06 -13.61 9.82
CA LYS A 109 23.79 -14.70 10.74
C LYS A 109 25.05 -15.21 11.45
N HIS A 110 26.22 -14.66 11.14
CA HIS A 110 27.43 -15.07 11.84
C HIS A 110 28.52 -14.03 11.65
N PHE A 111 29.30 -13.80 12.70
CA PHE A 111 30.43 -12.90 12.69
C PHE A 111 31.69 -13.68 13.06
N GLU A 112 32.83 -13.27 12.50
CA GLU A 112 34.13 -13.79 12.89
C GLU A 112 35.02 -12.62 13.22
N LYS A 113 35.63 -12.65 14.41
CA LYS A 113 36.41 -11.53 14.91
C LYS A 113 37.88 -11.72 14.52
N VAL A 114 38.42 -10.76 13.78
CA VAL A 114 39.78 -10.80 13.26
C VAL A 114 40.57 -9.67 13.88
N LYS A 115 41.76 -9.98 14.37
CA LYS A 115 42.65 -8.98 14.94
C LYS A 115 43.35 -8.25 13.80
N ILE A 116 42.87 -7.05 13.49
CA ILE A 116 43.40 -6.32 12.35
C ILE A 116 44.52 -5.37 12.74
N LEU A 117 44.48 -4.81 13.95
CA LEU A 117 45.51 -3.90 14.44
C LEU A 117 45.87 -4.32 15.86
N PRO A 118 46.92 -5.12 16.04
CA PRO A 118 47.29 -5.57 17.38
C PRO A 118 47.65 -4.41 18.28
N LYS A 119 47.37 -4.57 19.57
CA LYS A 119 47.59 -3.50 20.55
C LYS A 119 49.06 -3.24 20.80
N ASP A 120 49.94 -4.17 20.44
CA ASP A 120 51.37 -4.00 20.68
C ASP A 120 52.08 -3.25 19.57
N ARG A 121 51.39 -2.95 18.47
CA ARG A 121 52.01 -2.21 17.38
C ARG A 121 52.19 -0.74 17.70
N TRP A 122 51.47 -0.22 18.69
CA TRP A 122 51.55 1.20 19.05
C TRP A 122 52.73 1.37 20.01
N THR A 123 53.94 1.33 19.43
CA THR A 123 55.15 1.41 20.22
C THR A 123 55.53 2.82 20.64
N GLN A 124 54.90 3.84 20.05
CA GLN A 124 55.20 5.22 20.38
C GLN A 124 54.05 5.91 21.11
N HIS A 125 53.16 5.14 21.73
CA HIS A 125 52.02 5.69 22.43
C HIS A 125 51.69 4.81 23.63
N THR A 126 50.89 5.35 24.53
CA THR A 126 50.42 4.61 25.70
C THR A 126 49.06 4.01 25.40
N THR A 127 48.89 2.73 25.73
CA THR A 127 47.71 1.99 25.35
C THR A 127 47.05 1.31 26.55
N THR A 128 47.10 1.93 27.73
CA THR A 128 46.52 1.36 28.93
C THR A 128 45.57 2.34 29.60
N GLY A 129 44.84 3.11 28.80
CA GLY A 129 43.90 4.08 29.33
C GLY A 129 42.60 3.43 29.79
N GLY A 130 41.94 4.08 30.73
CA GLY A 130 40.70 3.58 31.28
C GLY A 130 39.90 4.70 31.91
N SER A 131 38.72 4.33 32.41
CA SER A 131 37.84 5.29 33.06
C SER A 131 37.10 4.61 34.19
N MET A 132 36.66 5.41 35.16
CA MET A 132 35.89 4.89 36.29
C MET A 132 34.47 4.52 35.90
N ALA A 133 33.93 5.12 34.84
CA ALA A 133 32.61 4.72 34.38
C ALA A 133 32.65 3.31 33.80
N CYS A 134 33.71 2.98 33.08
CA CYS A 134 33.83 1.71 32.37
C CYS A 134 34.70 0.82 33.26
N ALA A 135 34.13 0.34 34.37
CA ALA A 135 34.93 -0.16 35.48
C ALA A 135 34.69 -1.63 35.76
N VAL A 136 35.75 -2.35 36.12
CA VAL A 136 35.67 -3.73 36.58
C VAL A 136 36.38 -3.83 37.92
N SER A 137 35.74 -4.51 38.87
CA SER A 137 36.33 -4.81 40.19
C SER A 137 36.85 -3.55 40.88
N GLY A 138 36.13 -2.46 40.70
CA GLY A 138 36.54 -1.18 41.28
C GLY A 138 37.57 -0.39 40.51
N LYS A 139 38.64 -1.06 40.08
CA LYS A 139 39.69 -0.38 39.33
C LYS A 139 39.19 -0.01 37.92
N PRO A 140 39.72 1.07 37.36
CA PRO A 140 39.25 1.51 36.04
C PRO A 140 39.62 0.54 34.93
N SER A 141 38.84 0.58 33.86
CA SER A 141 39.05 -0.25 32.69
C SER A 141 38.45 0.46 31.48
N PHE A 142 38.32 -0.28 30.37
CA PHE A 142 37.84 0.28 29.11
C PHE A 142 37.18 -0.82 28.31
N PHE A 143 36.71 -0.46 27.11
CA PHE A 143 36.16 -1.44 26.20
C PHE A 143 37.23 -2.47 25.81
N ARG A 144 36.78 -3.68 25.53
CA ARG A 144 37.69 -4.80 25.26
C ARG A 144 38.01 -4.97 23.79
N ASN A 145 37.42 -4.16 22.91
CA ASN A 145 37.70 -4.24 21.48
C ASN A 145 38.25 -2.94 20.92
N MET A 146 38.62 -1.99 21.78
CA MET A 146 39.12 -0.69 21.35
C MET A 146 40.36 -0.33 22.15
N VAL A 147 41.16 0.57 21.59
CA VAL A 147 42.39 1.05 22.22
C VAL A 147 42.32 2.55 22.37
N TRP A 148 42.62 3.03 23.58
CA TRP A 148 42.68 4.46 23.87
C TRP A 148 44.14 4.89 23.84
N LEU A 149 44.48 5.78 22.92
CA LEU A 149 45.87 6.20 22.73
C LEU A 149 46.12 7.49 23.50
N THR A 150 47.19 7.48 24.28
CA THR A 150 47.57 8.58 25.17
C THR A 150 49.07 8.83 25.00
N THR A 151 49.51 10.02 25.36
CA THR A 151 50.92 10.38 25.22
C THR A 151 51.81 9.47 26.06
N LYS A 152 52.93 9.06 25.46
CA LYS A 152 54.00 8.38 26.18
C LYS A 152 55.05 9.42 26.50
N GLY A 153 55.16 9.77 27.78
CA GLY A 153 55.93 10.94 28.16
C GLY A 153 55.22 12.19 27.70
N PRO A 154 55.96 13.28 27.56
CA PRO A 154 55.36 14.53 27.07
C PRO A 154 55.43 14.67 25.56
N ASN A 155 54.90 13.68 24.85
CA ASN A 155 54.99 13.67 23.40
C ASN A 155 53.90 12.77 22.83
N TYR A 156 53.23 13.26 21.78
CA TYR A 156 52.21 12.51 21.06
C TYR A 156 52.56 12.54 19.57
N PRO A 157 53.32 11.57 19.09
CA PRO A 157 53.66 11.53 17.66
C PRO A 157 52.44 11.27 16.81
N VAL A 158 52.62 11.37 15.50
CA VAL A 158 51.54 11.18 14.55
C VAL A 158 51.23 9.69 14.45
N ALA A 159 50.04 9.30 14.89
CA ALA A 159 49.64 7.91 14.84
C ALA A 159 49.23 7.53 13.42
N GLN A 160 49.64 6.33 13.00
CA GLN A 160 49.36 5.87 11.66
C GLN A 160 49.18 4.36 11.69
N GLY A 161 48.22 3.86 10.91
CA GLY A 161 47.97 2.44 10.84
C GLY A 161 47.07 2.07 9.68
N SER A 162 47.31 0.90 9.09
CA SER A 162 46.55 0.48 7.91
C SER A 162 46.26 -1.00 8.00
N TYR A 163 45.21 -1.42 7.28
CA TYR A 163 44.86 -2.82 7.18
C TYR A 163 44.30 -3.10 5.80
N ASN A 164 44.74 -4.20 5.20
CA ASN A 164 44.29 -4.65 3.89
C ASN A 164 43.38 -5.84 4.09
N ASN A 165 42.15 -5.75 3.57
CA ASN A 165 41.15 -6.79 3.83
C ASN A 165 41.42 -8.04 3.01
N THR A 166 42.24 -8.94 3.54
CA THR A 166 42.55 -10.22 2.91
C THR A 166 41.93 -11.37 3.68
N SER A 167 40.71 -11.16 4.18
CA SER A 167 40.05 -12.16 5.01
C SER A 167 39.15 -13.07 4.19
N GLY A 168 38.32 -12.52 3.32
CA GLY A 168 37.48 -13.32 2.47
C GLY A 168 36.10 -12.75 2.24
N GLU A 169 35.65 -11.86 3.12
CA GLU A 169 34.35 -11.23 2.99
C GLU A 169 34.44 -9.80 3.48
N GLN A 170 33.30 -9.12 3.48
CA GLN A 170 33.24 -7.75 3.97
C GLN A 170 33.52 -7.71 5.47
N MET A 171 34.11 -6.61 5.91
CA MET A 171 34.51 -6.43 7.29
C MET A 171 33.90 -5.15 7.84
N LEU A 172 33.45 -5.20 9.09
CA LEU A 172 32.87 -4.06 9.77
C LEU A 172 33.85 -3.55 10.80
N ILE A 173 34.17 -2.25 10.72
CA ILE A 173 35.16 -1.62 11.58
C ILE A 173 34.52 -0.42 12.27
N ILE A 174 34.76 -0.27 13.56
CA ILE A 174 34.23 0.83 14.36
C ILE A 174 35.39 1.58 15.00
N TRP A 175 35.38 2.91 14.87
CA TRP A 175 36.36 3.77 15.53
C TRP A 175 35.62 4.89 16.24
N GLY A 176 36.36 5.64 17.04
CA GLY A 176 35.76 6.69 17.85
C GLY A 176 36.66 7.91 18.00
N VAL A 177 36.04 9.02 18.37
CA VAL A 177 36.72 10.29 18.60
C VAL A 177 36.33 10.79 19.98
N HIS A 178 37.32 11.28 20.74
CA HIS A 178 37.10 11.73 22.10
C HIS A 178 36.87 13.24 22.13
N HIS A 179 35.83 13.66 22.86
CA HIS A 179 35.51 15.07 23.03
C HIS A 179 35.69 15.45 24.49
N PRO A 180 36.78 16.13 24.85
CA PRO A 180 37.06 16.38 26.28
C PRO A 180 36.15 17.41 26.91
N ASN A 181 36.41 17.72 28.18
CA ASN A 181 35.62 18.68 28.94
C ASN A 181 36.29 20.02 29.10
N ASP A 182 37.62 20.07 29.10
CA ASP A 182 38.35 21.32 29.28
C ASP A 182 39.71 21.19 28.63
N GLU A 183 40.36 22.33 28.40
CA GLU A 183 41.67 22.32 27.78
C GLU A 183 42.72 21.65 28.65
N ALA A 184 42.53 21.69 29.97
CA ALA A 184 43.51 21.09 30.89
C ALA A 184 43.60 19.59 30.66
N GLU A 185 42.47 18.91 30.54
CA GLU A 185 42.51 17.46 30.35
C GLU A 185 42.93 17.10 28.93
N GLN A 186 42.61 17.93 27.95
CA GLN A 186 43.11 17.72 26.60
C GLN A 186 44.62 17.77 26.57
N ARG A 187 45.21 18.74 27.27
CA ARG A 187 46.67 18.81 27.34
C ARG A 187 47.26 17.69 28.19
N ALA A 188 46.59 17.30 29.26
CA ALA A 188 47.08 16.23 30.12
C ALA A 188 46.94 14.86 29.49
N LEU A 189 46.16 14.73 28.41
CA LEU A 189 45.98 13.46 27.75
C LEU A 189 46.66 13.36 26.39
N TYR A 190 46.65 14.44 25.60
CA TYR A 190 47.18 14.40 24.24
C TYR A 190 48.29 15.41 23.96
N GLN A 191 48.59 16.30 24.89
CA GLN A 191 49.79 17.13 24.89
C GLN A 191 49.76 18.24 23.85
N LYS A 192 48.77 18.23 22.96
CA LYS A 192 48.63 19.29 21.98
C LYS A 192 47.16 19.64 21.78
N VAL A 193 46.94 20.86 21.30
CA VAL A 193 45.61 21.34 20.97
C VAL A 193 45.52 21.52 19.47
N GLY A 194 44.29 21.50 18.95
CA GLY A 194 44.08 21.59 17.52
C GLY A 194 44.46 20.30 16.82
N THR A 195 43.82 19.20 17.20
CA THR A 195 44.11 17.87 16.70
C THR A 195 43.04 17.45 15.70
N TYR A 196 43.25 16.28 15.10
CA TYR A 196 42.30 15.76 14.12
C TYR A 196 42.41 14.25 14.05
N VAL A 197 41.37 13.62 13.53
CA VAL A 197 41.32 12.18 13.28
C VAL A 197 40.85 11.96 11.85
N SER A 198 41.68 11.32 11.04
CA SER A 198 41.39 11.07 9.65
C SER A 198 41.28 9.57 9.40
N ALA A 199 40.16 9.14 8.81
CA ALA A 199 39.98 7.76 8.39
C ALA A 199 39.58 7.75 6.93
N SER A 200 40.23 6.93 6.14
CA SER A 200 40.01 6.96 4.69
C SER A 200 40.14 5.57 4.09
N THR A 201 39.18 5.23 3.23
CA THR A 201 39.21 4.02 2.41
C THR A 201 39.12 4.44 0.94
N SER A 202 38.97 3.45 0.06
CA SER A 202 38.82 3.75 -1.36
C SER A 202 37.50 4.41 -1.69
N THR A 203 36.54 4.45 -0.75
CA THR A 203 35.26 5.06 -1.01
C THR A 203 34.77 5.93 0.16
N LEU A 204 35.61 6.17 1.17
CA LEU A 204 35.21 6.95 2.33
C LEU A 204 36.33 7.89 2.71
N TYR A 205 35.98 9.13 3.00
CA TYR A 205 36.89 10.12 3.56
C TYR A 205 36.19 10.83 4.71
N LYS A 206 36.96 11.13 5.76
CA LYS A 206 36.38 11.74 6.95
C LYS A 206 37.47 12.39 7.76
N ARG A 207 37.24 13.63 8.19
CA ARG A 207 38.12 14.34 9.10
C ARG A 207 37.28 14.91 10.24
N SER A 208 37.69 14.62 11.47
CA SER A 208 36.96 15.04 12.65
C SER A 208 37.89 15.85 13.56
N ILE A 209 37.33 16.87 14.19
CA ILE A 209 38.07 17.75 15.09
C ILE A 209 37.43 17.65 16.46
N PRO A 210 38.20 17.50 17.53
CA PRO A 210 37.62 17.43 18.87
C PRO A 210 36.90 18.72 19.25
N GLU A 211 35.86 18.57 20.06
CA GLU A 211 35.07 19.69 20.56
C GLU A 211 35.22 19.76 22.07
N ILE A 212 35.82 20.84 22.57
CA ILE A 212 36.07 21.01 23.99
C ILE A 212 35.05 22.01 24.54
N ALA A 213 34.20 21.53 25.45
CA ALA A 213 33.18 22.39 26.05
C ALA A 213 32.66 21.72 27.30
N ALA A 214 32.34 22.53 28.30
CA ALA A 214 31.70 22.02 29.51
C ALA A 214 30.31 21.51 29.18
N ARG A 215 29.97 20.35 29.74
CA ARG A 215 28.74 19.66 29.41
C ARG A 215 28.09 19.14 30.68
N PRO A 216 26.79 18.90 30.66
CA PRO A 216 26.14 18.25 31.79
C PRO A 216 26.74 16.88 32.06
N LYS A 217 26.87 16.54 33.34
CA LYS A 217 27.57 15.33 33.74
C LYS A 217 26.64 14.13 33.62
N VAL A 218 26.99 13.19 32.74
CA VAL A 218 26.29 11.93 32.57
C VAL A 218 27.26 10.82 32.90
N ASN A 219 26.83 9.88 33.74
CA ASN A 219 27.69 8.82 34.27
C ASN A 219 28.86 9.37 35.08
N GLY A 220 28.74 10.60 35.56
CA GLY A 220 29.77 11.22 36.35
C GLY A 220 30.82 11.98 35.58
N LEU A 221 30.80 11.92 34.25
CA LEU A 221 31.82 12.52 33.41
C LEU A 221 31.20 13.55 32.49
N GLY A 222 31.92 14.65 32.27
CA GLY A 222 31.47 15.68 31.36
C GLY A 222 31.97 15.54 29.94
N SER A 223 32.75 14.50 29.65
CA SER A 223 33.30 14.27 28.33
C SER A 223 32.49 13.20 27.60
N ARG A 224 32.66 13.13 26.29
CA ARG A 224 31.87 12.25 25.45
C ARG A 224 32.77 11.55 24.43
N MET A 225 32.27 10.43 23.91
CA MET A 225 32.93 9.67 22.87
C MET A 225 31.96 9.45 21.72
N GLU A 226 32.38 9.81 20.51
CA GLU A 226 31.56 9.68 19.31
C GLU A 226 32.12 8.57 18.44
N PHE A 227 31.27 7.60 18.10
CA PHE A 227 31.69 6.41 17.37
C PHE A 227 31.12 6.42 15.96
N SER A 228 31.87 5.86 15.01
CA SER A 228 31.44 5.73 13.64
C SER A 228 31.87 4.37 13.10
N TRP A 229 31.20 3.92 12.05
CA TRP A 229 31.46 2.59 11.48
C TRP A 229 31.53 2.68 9.97
N THR A 230 32.17 1.67 9.37
CA THR A 230 32.27 1.54 7.93
C THR A 230 32.23 0.07 7.56
N LEU A 231 31.97 -0.20 6.28
CA LEU A 231 31.91 -1.56 5.75
C LEU A 231 33.00 -1.68 4.68
N LEU A 232 34.10 -2.33 5.04
CA LEU A 232 35.24 -2.47 4.14
C LEU A 232 35.03 -3.64 3.19
N ASP A 233 35.16 -3.38 1.89
CA ASP A 233 34.98 -4.42 0.90
C ASP A 233 36.24 -5.26 0.77
N MET A 234 36.16 -6.31 -0.04
CA MET A 234 37.30 -7.20 -0.23
C MET A 234 38.43 -6.50 -0.95
N TRP A 235 39.66 -6.85 -0.59
CA TRP A 235 40.87 -6.32 -1.20
C TRP A 235 40.88 -4.79 -1.16
N ASP A 236 40.58 -4.24 0.01
CA ASP A 236 40.53 -2.80 0.22
C ASP A 236 41.31 -2.46 1.49
N THR A 237 41.72 -1.20 1.58
CA THR A 237 42.57 -0.73 2.66
C THR A 237 41.91 0.42 3.40
N ILE A 238 42.06 0.43 4.73
CA ILE A 238 41.58 1.51 5.57
C ILE A 238 42.78 2.16 6.25
N ASN A 239 42.87 3.48 6.19
CA ASN A 239 43.99 4.23 6.73
C ASN A 239 43.52 5.06 7.91
N PHE A 240 44.27 5.00 9.00
CA PHE A 240 44.03 5.79 10.19
C PHE A 240 45.18 6.77 10.38
N GLU A 241 44.85 8.02 10.68
CA GLU A 241 45.87 9.03 10.94
C GLU A 241 45.29 10.01 11.96
N SER A 242 46.06 10.29 13.01
CA SER A 242 45.57 11.14 14.08
C SER A 242 46.74 11.80 14.79
N THR A 243 46.57 13.07 15.12
CA THR A 243 47.45 13.77 16.04
C THR A 243 46.89 13.80 17.46
N GLY A 244 45.76 13.17 17.69
CA GLY A 244 45.18 13.10 19.02
C GLY A 244 43.71 12.75 18.95
N ASN A 245 43.21 12.28 20.09
CA ASN A 245 41.77 12.02 20.29
C ASN A 245 41.26 10.91 19.38
N LEU A 246 41.99 9.81 19.29
CA LEU A 246 41.61 8.67 18.47
C LEU A 246 41.43 7.44 19.35
N VAL A 247 40.31 6.75 19.17
CA VAL A 247 40.08 5.47 19.83
C VAL A 247 40.12 4.38 18.77
N ALA A 248 41.30 3.79 18.58
CA ALA A 248 41.52 2.92 17.44
C ALA A 248 40.88 1.55 17.65
N PRO A 249 40.45 0.91 16.57
CA PRO A 249 39.92 -0.46 16.69
C PRO A 249 41.04 -1.49 16.73
N GLU A 250 40.81 -2.54 17.52
CA GLU A 250 41.71 -3.68 17.57
C GLU A 250 41.18 -4.89 16.81
N TYR A 251 39.87 -5.01 16.67
CA TYR A 251 39.25 -6.13 15.99
C TYR A 251 38.30 -5.63 14.90
N GLY A 252 38.10 -6.46 13.90
CA GLY A 252 37.11 -6.20 12.87
C GLY A 252 36.26 -7.42 12.65
N PHE A 253 35.00 -7.19 12.30
CA PHE A 253 33.99 -8.24 12.27
C PHE A 253 33.75 -8.66 10.82
N LYS A 254 34.08 -9.92 10.52
CA LYS A 254 33.90 -10.49 9.20
C LYS A 254 32.52 -11.11 9.09
N ILE A 255 31.81 -10.83 8.01
CA ILE A 255 30.48 -11.38 7.78
C ILE A 255 30.66 -12.81 7.29
N SER A 256 30.55 -13.78 8.19
CA SER A 256 30.82 -15.17 7.85
C SER A 256 29.66 -15.78 7.08
N LYS A 257 28.46 -15.76 7.66
CA LYS A 257 27.28 -16.30 7.02
C LYS A 257 26.22 -15.22 6.89
N ARG A 258 25.53 -15.23 5.75
CA ARG A 258 24.45 -14.30 5.47
C ARG A 258 23.13 -15.06 5.37
N GLY A 259 22.04 -14.31 5.50
CA GLY A 259 20.72 -14.92 5.44
C GLY A 259 19.67 -13.97 5.93
N SER A 260 18.53 -14.53 6.32
CA SER A 260 17.40 -13.77 6.82
C SER A 260 17.33 -13.93 8.34
N SER A 261 17.41 -12.83 9.05
CA SER A 261 17.39 -12.81 10.50
C SER A 261 16.61 -11.58 10.93
N GLY A 262 16.73 -11.22 12.21
CA GLY A 262 16.09 -10.01 12.69
C GLY A 262 16.44 -9.78 14.14
N ILE A 263 16.08 -8.58 14.61
CA ILE A 263 16.21 -8.21 16.01
C ILE A 263 14.81 -8.14 16.59
N MET A 264 14.57 -8.92 17.64
CA MET A 264 13.27 -8.98 18.30
C MET A 264 13.38 -8.38 19.69
N LYS A 265 12.49 -7.45 19.99
CA LYS A 265 12.52 -6.70 21.25
C LYS A 265 11.58 -7.37 22.25
N THR A 266 12.13 -8.21 23.10
CA THR A 266 11.42 -8.90 24.17
C THR A 266 12.07 -8.61 25.50
N GLU A 267 11.58 -9.27 26.54
CA GLU A 267 12.13 -9.12 27.88
C GLU A 267 12.26 -10.47 28.57
N GLY A 268 12.32 -11.55 27.81
CA GLY A 268 12.34 -12.88 28.38
C GLY A 268 13.64 -13.63 28.19
N THR A 269 13.63 -14.92 28.47
CA THR A 269 14.81 -15.77 28.40
C THR A 269 14.53 -16.93 27.44
N LEU A 270 15.60 -17.60 27.03
CA LEU A 270 15.51 -18.69 26.09
C LEU A 270 15.16 -19.99 26.81
N GLU A 271 14.23 -20.74 26.26
CA GLU A 271 13.83 -22.04 26.78
C GLU A 271 14.17 -23.12 25.76
N ASN A 272 13.79 -24.36 26.06
CA ASN A 272 14.16 -25.52 25.26
C ASN A 272 12.94 -26.00 24.47
N CYS A 273 12.78 -25.47 23.26
CA CYS A 273 11.84 -26.02 22.29
C CYS A 273 12.32 -25.66 20.90
N GLU A 274 11.64 -26.21 19.90
CA GLU A 274 12.02 -26.03 18.51
C GLU A 274 10.79 -25.62 17.72
N THR A 275 10.90 -24.54 16.96
CA THR A 275 9.77 -23.94 16.27
C THR A 275 10.14 -23.66 14.83
N LYS A 276 9.20 -23.05 14.11
CA LYS A 276 9.44 -22.54 12.77
C LYS A 276 9.02 -21.09 12.60
N CYS A 277 8.12 -20.57 13.45
CA CYS A 277 7.84 -19.15 13.51
C CYS A 277 7.92 -18.71 14.97
N GLN A 278 8.36 -17.47 15.17
CA GLN A 278 8.55 -16.92 16.50
C GLN A 278 7.97 -15.52 16.58
N THR A 279 7.15 -15.29 17.59
CA THR A 279 6.59 -13.99 17.92
C THR A 279 7.10 -13.55 19.28
N PRO A 280 7.06 -12.24 19.57
CA PRO A 280 7.51 -11.80 20.90
C PRO A 280 6.71 -12.38 22.05
N LEU A 281 5.48 -12.83 21.80
CA LEU A 281 4.68 -13.46 22.83
C LEU A 281 4.85 -14.97 22.90
N GLY A 282 5.39 -15.60 21.86
CA GLY A 282 5.54 -17.04 21.87
C GLY A 282 5.86 -17.55 20.47
N ALA A 283 5.54 -18.82 20.25
CA ALA A 283 5.79 -19.48 18.98
C ALA A 283 4.51 -20.11 18.46
N ILE A 284 4.44 -20.27 17.14
CA ILE A 284 3.26 -20.79 16.46
C ILE A 284 3.61 -22.09 15.76
N ASN A 285 2.79 -23.11 15.97
CA ASN A 285 2.93 -24.42 15.32
C ASN A 285 1.62 -24.67 14.59
N THR A 286 1.50 -24.20 13.36
CA THR A 286 0.23 -24.20 12.66
C THR A 286 0.45 -24.38 11.16
N THR A 287 -0.64 -24.72 10.48
CA THR A 287 -0.70 -24.77 9.03
C THR A 287 -1.76 -23.85 8.46
N LEU A 288 -2.52 -23.17 9.31
CA LEU A 288 -3.59 -22.30 8.85
C LEU A 288 -3.02 -21.07 8.16
N PRO A 289 -3.74 -20.52 7.17
CA PRO A 289 -3.19 -19.38 6.41
C PRO A 289 -3.03 -18.11 7.23
N PHE A 290 -3.80 -17.93 8.30
CA PHE A 290 -3.81 -16.67 9.04
C PHE A 290 -3.50 -16.89 10.52
N HIS A 291 -3.21 -15.79 11.20
CA HIS A 291 -3.10 -15.76 12.65
C HIS A 291 -3.29 -14.33 13.10
N ASN A 292 -3.53 -14.15 14.40
CA ASN A 292 -3.71 -12.82 14.96
C ASN A 292 -2.95 -12.63 16.27
N VAL A 293 -1.77 -13.24 16.39
CA VAL A 293 -1.03 -13.17 17.65
C VAL A 293 -0.29 -11.84 17.78
N HIS A 294 0.63 -11.55 16.86
CA HIS A 294 1.40 -10.33 16.92
C HIS A 294 1.84 -9.93 15.52
N PRO A 295 1.85 -8.65 15.19
CA PRO A 295 2.26 -8.22 13.84
C PRO A 295 3.68 -8.60 13.48
N LEU A 296 4.61 -8.56 14.43
CA LEU A 296 6.03 -8.78 14.16
C LEU A 296 6.37 -10.25 14.44
N THR A 297 6.80 -10.97 13.40
CA THR A 297 7.19 -12.36 13.52
C THR A 297 8.53 -12.57 12.81
N ILE A 298 9.11 -13.74 13.02
CA ILE A 298 10.36 -14.13 12.37
C ILE A 298 10.25 -15.61 12.00
N GLY A 299 10.39 -15.91 10.72
CA GLY A 299 10.29 -17.25 10.20
C GLY A 299 9.18 -17.36 9.17
N GLU A 300 8.93 -18.60 8.75
CA GLU A 300 7.83 -18.89 7.83
C GLU A 300 6.52 -18.83 8.61
N CYS A 301 5.71 -17.81 8.36
CA CYS A 301 4.60 -17.54 9.26
C CYS A 301 3.37 -17.13 8.48
N PRO A 302 2.18 -17.41 9.01
CA PRO A 302 0.95 -16.98 8.35
C PRO A 302 0.78 -15.46 8.38
N LYS A 303 -0.13 -14.99 7.55
CA LYS A 303 -0.45 -13.56 7.50
C LYS A 303 -1.21 -13.14 8.76
N TYR A 304 -1.08 -11.86 9.10
CA TYR A 304 -1.67 -11.30 10.30
C TYR A 304 -2.84 -10.41 9.93
N VAL A 305 -3.94 -10.52 10.69
CA VAL A 305 -5.15 -9.73 10.49
C VAL A 305 -5.70 -9.28 11.83
N LYS A 306 -6.57 -8.27 11.80
CA LYS A 306 -7.20 -7.78 13.03
C LYS A 306 -8.53 -8.48 13.28
N SER A 307 -8.58 -9.80 13.22
CA SER A 307 -9.85 -10.48 13.22
C SER A 307 -10.01 -11.34 14.46
N GLU A 308 -11.25 -11.44 14.94
CA GLU A 308 -11.57 -12.29 16.08
C GLU A 308 -11.98 -13.69 15.66
N LYS A 309 -12.55 -13.85 14.47
CA LYS A 309 -12.91 -15.18 13.98
C LYS A 309 -12.97 -15.15 12.46
N LEU A 310 -12.57 -16.27 11.85
CA LEU A 310 -12.63 -16.45 10.39
C LEU A 310 -12.88 -17.94 10.15
N VAL A 311 -14.15 -18.31 9.99
CA VAL A 311 -14.55 -19.69 9.82
C VAL A 311 -15.21 -19.85 8.46
N LEU A 312 -14.76 -20.83 7.69
CA LEU A 312 -15.31 -21.13 6.38
C LEU A 312 -16.32 -22.26 6.50
N ALA A 313 -17.50 -22.06 5.91
CA ALA A 313 -18.55 -23.08 5.95
C ALA A 313 -18.29 -24.13 4.88
N THR A 314 -18.10 -25.37 5.30
CA THR A 314 -17.88 -26.48 4.39
C THR A 314 -18.99 -27.53 4.53
N GLY A 315 -20.15 -27.12 5.00
CA GLY A 315 -21.25 -28.04 5.21
C GLY A 315 -22.59 -27.41 4.89
N LEU A 316 -23.67 -28.06 5.31
CA LEU A 316 -25.00 -27.60 5.01
C LEU A 316 -25.57 -26.78 6.18
N ARG A 317 -26.72 -26.19 5.94
CA ARG A 317 -27.43 -25.44 6.96
C ARG A 317 -28.15 -26.42 7.88
N ASN A 318 -27.76 -26.43 9.15
CA ASN A 318 -28.32 -27.38 10.12
C ASN A 318 -29.72 -26.95 10.49
N VAL A 319 -30.72 -27.61 9.91
CA VAL A 319 -32.12 -27.34 10.20
C VAL A 319 -32.80 -28.65 10.56
N PRO A 320 -32.72 -29.09 11.82
CA PRO A 320 -33.30 -30.38 12.20
C PRO A 320 -34.81 -30.39 11.99
N GLN A 321 -35.33 -31.58 11.69
CA GLN A 321 -36.74 -31.74 11.39
C GLN A 321 -37.58 -31.76 12.66
N ILE A 331 -42.20 -39.80 6.56
CA ILE A 331 -40.97 -39.04 6.39
C ILE A 331 -41.25 -37.88 5.46
N ALA A 332 -40.79 -36.68 5.85
CA ALA A 332 -41.19 -35.47 5.17
C ALA A 332 -40.39 -35.23 3.89
N GLY A 333 -39.08 -35.06 4.01
CA GLY A 333 -38.28 -34.67 2.86
C GLY A 333 -37.42 -33.46 3.14
N PHE A 334 -37.27 -32.58 2.14
CA PHE A 334 -36.36 -31.45 2.26
C PHE A 334 -37.05 -30.10 2.34
N ILE A 335 -38.32 -30.01 1.95
CA ILE A 335 -39.05 -28.75 2.13
C ILE A 335 -39.23 -28.45 3.61
N GLU A 336 -39.29 -29.49 4.45
CA GLU A 336 -39.54 -29.30 5.86
C GLU A 336 -38.27 -29.21 6.70
N GLY A 337 -37.19 -29.85 6.28
CA GLY A 337 -35.95 -29.76 7.04
C GLY A 337 -34.99 -30.88 6.66
N GLY A 338 -34.00 -31.07 7.53
CA GLY A 338 -32.98 -32.08 7.31
C GLY A 338 -33.31 -33.40 7.96
N TRP A 339 -32.43 -34.37 7.73
CA TRP A 339 -32.57 -35.72 8.23
C TRP A 339 -31.41 -36.06 9.15
N GLN A 340 -31.70 -36.72 10.27
CA GLN A 340 -30.69 -37.12 11.22
C GLN A 340 -30.25 -38.57 11.03
N GLY A 341 -30.83 -39.28 10.06
CA GLY A 341 -30.48 -40.67 9.87
C GLY A 341 -29.52 -40.92 8.74
N MET A 342 -29.23 -39.89 7.94
CA MET A 342 -28.33 -40.03 6.80
C MET A 342 -26.89 -39.83 7.28
N VAL A 343 -26.33 -40.90 7.82
CA VAL A 343 -24.94 -40.86 8.25
C VAL A 343 -23.97 -41.11 7.10
N ASP A 344 -24.48 -41.48 5.93
CA ASP A 344 -23.60 -41.86 4.82
C ASP A 344 -23.01 -40.62 4.14
N GLY A 345 -23.86 -39.76 3.59
CA GLY A 345 -23.38 -38.62 2.82
C GLY A 345 -24.13 -37.33 3.08
N TRP A 346 -24.21 -36.48 2.06
CA TRP A 346 -24.85 -35.18 2.19
C TRP A 346 -26.28 -35.18 1.65
N TYR A 347 -26.45 -35.57 0.39
CA TYR A 347 -27.77 -35.64 -0.23
C TYR A 347 -28.12 -37.09 -0.49
N GLY A 348 -29.39 -37.42 -0.35
CA GLY A 348 -29.80 -38.79 -0.53
C GLY A 348 -31.30 -38.92 -0.59
N TYR A 349 -31.75 -40.18 -0.63
CA TYR A 349 -33.15 -40.53 -0.75
C TYR A 349 -33.59 -41.35 0.46
N HIS A 350 -34.90 -41.56 0.53
CA HIS A 350 -35.49 -42.47 1.50
C HIS A 350 -36.66 -43.20 0.83
N HIS A 351 -36.67 -44.51 0.93
CA HIS A 351 -37.70 -45.33 0.30
C HIS A 351 -38.51 -46.06 1.36
N SER A 352 -39.79 -46.29 1.04
CA SER A 352 -40.71 -46.99 1.94
C SER A 352 -41.64 -47.83 1.08
N ASN A 353 -41.28 -49.10 0.90
CA ASN A 353 -42.10 -50.04 0.14
C ASN A 353 -42.37 -51.28 0.98
N ASP A 354 -42.94 -52.30 0.33
CA ASP A 354 -43.37 -53.50 1.04
C ASP A 354 -42.19 -54.22 1.68
N GLN A 355 -41.06 -54.31 0.96
CA GLN A 355 -39.92 -55.06 1.47
C GLN A 355 -39.36 -54.44 2.74
N GLY A 356 -39.23 -53.11 2.76
CA GLY A 356 -38.68 -52.46 3.94
C GLY A 356 -38.50 -50.98 3.70
N SER A 357 -37.92 -50.32 4.70
CA SER A 357 -37.65 -48.89 4.65
C SER A 357 -36.22 -48.64 5.10
N GLY A 358 -35.66 -47.52 4.63
CA GLY A 358 -34.30 -47.16 5.00
C GLY A 358 -33.82 -45.98 4.20
N TYR A 359 -32.70 -45.44 4.64
CA TYR A 359 -32.07 -44.29 4.02
C TYR A 359 -30.98 -44.72 3.05
N ALA A 360 -30.61 -43.81 2.15
CA ALA A 360 -29.55 -44.04 1.21
C ALA A 360 -28.84 -42.72 0.93
N ALA A 361 -27.89 -42.74 0.02
CA ALA A 361 -27.12 -41.55 -0.30
C ALA A 361 -26.76 -41.56 -1.78
N ASP A 362 -26.73 -40.37 -2.38
CA ASP A 362 -26.38 -40.22 -3.79
C ASP A 362 -24.88 -39.93 -3.88
N LYS A 363 -24.13 -40.87 -4.46
CA LYS A 363 -22.68 -40.75 -4.45
C LYS A 363 -22.21 -39.67 -5.41
N GLU A 364 -22.85 -39.55 -6.57
CA GLU A 364 -22.38 -38.61 -7.58
C GLU A 364 -22.51 -37.16 -7.12
N SER A 365 -23.70 -36.79 -6.64
CA SER A 365 -23.91 -35.41 -6.19
C SER A 365 -23.04 -35.09 -4.99
N THR A 366 -22.95 -36.00 -4.04
CA THR A 366 -22.12 -35.77 -2.86
C THR A 366 -20.66 -35.59 -3.25
N GLN A 367 -20.17 -36.43 -4.16
CA GLN A 367 -18.77 -36.32 -4.57
C GLN A 367 -18.51 -35.01 -5.31
N LYS A 368 -19.42 -34.62 -6.19
CA LYS A 368 -19.24 -33.37 -6.92
C LYS A 368 -19.21 -32.18 -5.97
N ALA A 369 -20.14 -32.13 -5.02
CA ALA A 369 -20.18 -31.03 -4.06
C ALA A 369 -18.94 -31.03 -3.17
N PHE A 370 -18.51 -32.20 -2.73
CA PHE A 370 -17.32 -32.28 -1.88
C PHE A 370 -16.09 -31.79 -2.62
N ASP A 371 -15.92 -32.20 -3.87
CA ASP A 371 -14.78 -31.75 -4.65
C ASP A 371 -14.83 -30.24 -4.86
N GLY A 372 -16.01 -29.70 -5.15
CA GLY A 372 -16.12 -28.26 -5.33
C GLY A 372 -15.77 -27.48 -4.07
N ILE A 373 -16.27 -27.92 -2.92
CA ILE A 373 -16.00 -27.20 -1.67
C ILE A 373 -14.52 -27.30 -1.31
N THR A 374 -13.92 -28.49 -1.50
CA THR A 374 -12.49 -28.63 -1.24
C THR A 374 -11.68 -27.71 -2.15
N ASN A 375 -12.06 -27.62 -3.42
CA ASN A 375 -11.36 -26.74 -4.35
C ASN A 375 -11.49 -25.29 -3.92
N LYS A 376 -12.68 -24.89 -3.46
CA LYS A 376 -12.86 -23.50 -3.02
C LYS A 376 -12.01 -23.19 -1.81
N VAL A 377 -11.98 -24.10 -0.82
CA VAL A 377 -11.16 -23.90 0.37
C VAL A 377 -9.69 -23.78 -0.01
N ASN A 378 -9.22 -24.67 -0.89
CA ASN A 378 -7.83 -24.63 -1.30
C ASN A 378 -7.52 -23.36 -2.08
N SER A 379 -8.44 -22.91 -2.93
CA SER A 379 -8.22 -21.69 -3.69
C SER A 379 -8.09 -20.49 -2.78
N VAL A 380 -8.93 -20.41 -1.74
CA VAL A 380 -8.80 -19.31 -0.79
C VAL A 380 -7.49 -19.42 -0.04
N ILE A 381 -7.16 -20.61 0.45
CA ILE A 381 -5.94 -20.78 1.24
C ILE A 381 -4.71 -20.68 0.35
N GLU A 382 -4.67 -21.44 -0.74
CA GLU A 382 -3.47 -21.54 -1.57
C GLU A 382 -3.46 -20.48 -2.68
N LYS A 383 -3.69 -19.23 -2.29
CA LYS A 383 -3.52 -18.10 -3.19
C LYS A 383 -2.85 -16.93 -2.49
N MET A 384 -2.46 -17.07 -1.23
CA MET A 384 -1.88 -15.99 -0.45
C MET A 384 -0.37 -16.20 -0.40
N ASN A 385 0.36 -15.19 -0.85
CA ASN A 385 1.82 -15.25 -0.92
C ASN A 385 2.37 -15.22 0.50
N THR A 386 2.92 -16.35 0.96
CA THR A 386 3.54 -16.44 2.28
C THR A 386 5.05 -16.57 2.09
N GLN A 387 5.71 -15.42 1.91
CA GLN A 387 7.17 -15.39 1.85
C GLN A 387 7.78 -14.92 3.17
N PHE A 388 7.40 -13.73 3.63
CA PHE A 388 7.90 -13.18 4.89
C PHE A 388 6.83 -12.27 5.46
N GLU A 389 7.21 -11.42 6.42
CA GLU A 389 6.26 -10.58 7.13
C GLU A 389 6.73 -9.12 7.17
N ALA A 390 6.05 -8.31 7.98
CA ALA A 390 6.39 -6.89 8.14
C ALA A 390 7.50 -6.78 9.16
N VAL A 391 8.73 -6.60 8.68
CA VAL A 391 9.88 -6.57 9.59
C VAL A 391 9.83 -5.32 10.48
N GLY A 392 10.63 -5.35 11.54
CA GLY A 392 10.70 -4.25 12.47
C GLY A 392 11.93 -3.39 12.27
N LYS A 393 11.73 -2.13 11.91
CA LYS A 393 12.81 -1.19 11.69
C LYS A 393 12.86 -0.17 12.83
N GLU A 394 14.06 0.30 13.13
CA GLU A 394 14.26 1.28 14.19
C GLU A 394 14.67 2.61 13.58
N PHE A 395 14.18 3.70 14.17
CA PHE A 395 14.46 5.05 13.71
C PHE A 395 14.90 5.92 14.88
N SER A 396 15.59 7.01 14.55
CA SER A 396 16.14 7.91 15.54
C SER A 396 15.11 8.96 15.94
N ASN A 397 15.53 9.90 16.79
CA ASN A 397 14.65 10.95 17.25
C ASN A 397 14.54 12.11 16.28
N LEU A 398 15.42 12.18 15.28
CA LEU A 398 15.34 13.19 14.23
C LEU A 398 14.76 12.65 12.93
N GLU A 399 14.22 11.44 12.96
CA GLU A 399 13.63 10.80 11.79
C GLU A 399 12.17 10.43 12.05
N LYS A 400 11.42 11.35 12.65
CA LYS A 400 10.04 11.07 13.01
C LYS A 400 9.16 10.95 11.76
N ARG A 401 9.46 11.73 10.72
CA ARG A 401 8.67 11.66 9.50
C ARG A 401 8.78 10.29 8.85
N LEU A 402 10.01 9.76 8.76
CA LEU A 402 10.22 8.44 8.17
C LEU A 402 9.55 7.35 9.00
N GLU A 403 9.62 7.47 10.32
CA GLU A 403 8.97 6.49 11.19
C GLU A 403 7.46 6.52 11.01
N ASN A 404 6.88 7.72 10.89
CA ASN A 404 5.46 7.83 10.62
C ASN A 404 5.10 7.23 9.28
N LEU A 405 5.94 7.43 8.27
CA LEU A 405 5.71 6.83 6.96
C LEU A 405 5.67 5.31 7.05
N ASN A 406 6.65 4.72 7.74
CA ASN A 406 6.71 3.27 7.90
C ASN A 406 5.47 2.76 8.63
N LYS A 407 5.10 3.44 9.71
CA LYS A 407 3.93 3.01 10.48
C LYS A 407 2.66 3.08 9.65
N LYS A 408 2.49 4.16 8.88
CA LYS A 408 1.29 4.31 8.08
C LYS A 408 1.22 3.27 6.98
N MET A 409 2.34 2.96 6.34
CA MET A 409 2.33 1.93 5.30
C MET A 409 1.98 0.57 5.88
N GLU A 410 2.59 0.23 7.03
CA GLU A 410 2.28 -1.05 7.66
C GLU A 410 0.81 -1.14 8.04
N ASP A 411 0.27 -0.08 8.65
CA ASP A 411 -1.13 -0.08 9.04
C ASP A 411 -2.05 -0.17 7.84
N GLY A 412 -1.73 0.54 6.76
CA GLY A 412 -2.58 0.50 5.59
C GLY A 412 -2.65 -0.87 4.96
N PHE A 413 -1.49 -1.51 4.78
CA PHE A 413 -1.49 -2.85 4.19
C PHE A 413 -2.22 -3.84 5.09
N LEU A 414 -2.00 -3.74 6.40
CA LEU A 414 -2.63 -4.67 7.32
C LEU A 414 -4.14 -4.51 7.33
N ASP A 415 -4.62 -3.26 7.27
CA ASP A 415 -6.06 -3.00 7.17
C ASP A 415 -6.63 -3.56 5.88
N VAL A 416 -5.91 -3.37 4.78
CA VAL A 416 -6.40 -3.84 3.47
C VAL A 416 -6.58 -5.35 3.49
N TRP A 417 -5.58 -6.06 4.04
CA TRP A 417 -5.68 -7.51 4.04
C TRP A 417 -6.77 -8.00 4.99
N THR A 418 -6.96 -7.33 6.12
CA THR A 418 -8.06 -7.70 7.02
C THR A 418 -9.40 -7.57 6.32
N TYR A 419 -9.62 -6.44 5.64
CA TYR A 419 -10.87 -6.22 4.92
C TYR A 419 -11.07 -7.28 3.84
N ASN A 420 -10.01 -7.58 3.09
CA ASN A 420 -10.11 -8.56 2.01
C ASN A 420 -10.51 -9.93 2.55
N ALA A 421 -9.84 -10.38 3.62
CA ALA A 421 -10.14 -11.69 4.16
C ALA A 421 -11.56 -11.77 4.68
N GLU A 422 -12.02 -10.74 5.38
CA GLU A 422 -13.38 -10.76 5.93
C GLU A 422 -14.41 -10.83 4.82
N LEU A 423 -14.29 -9.98 3.80
CA LEU A 423 -15.28 -9.98 2.72
C LEU A 423 -15.25 -11.29 1.94
N LEU A 424 -14.05 -11.84 1.72
CA LEU A 424 -13.96 -13.13 1.03
C LEU A 424 -14.71 -14.21 1.80
N VAL A 425 -14.50 -14.28 3.11
CA VAL A 425 -15.16 -15.31 3.90
C VAL A 425 -16.67 -15.14 3.84
N LEU A 426 -17.16 -13.90 3.97
CA LEU A 426 -18.60 -13.68 3.97
C LEU A 426 -19.24 -14.11 2.64
N MET A 427 -18.69 -13.63 1.53
CA MET A 427 -19.29 -13.93 0.23
C MET A 427 -19.19 -15.42 -0.09
N GLU A 428 -18.06 -16.05 0.25
CA GLU A 428 -17.92 -17.48 -0.01
C GLU A 428 -18.92 -18.29 0.81
N ASN A 429 -19.16 -17.88 2.06
CA ASN A 429 -20.14 -18.60 2.87
C ASN A 429 -21.54 -18.49 2.27
N GLU A 430 -21.92 -17.30 1.83
CA GLU A 430 -23.23 -17.15 1.20
C GLU A 430 -23.36 -18.04 -0.03
N ARG A 431 -22.34 -18.03 -0.88
CA ARG A 431 -22.41 -18.83 -2.10
C ARG A 431 -22.39 -20.31 -1.81
N THR A 432 -21.71 -20.74 -0.74
CA THR A 432 -21.71 -22.16 -0.38
C THR A 432 -23.09 -22.62 0.04
N LEU A 433 -23.76 -21.83 0.89
CA LEU A 433 -25.10 -22.22 1.30
C LEU A 433 -26.06 -22.27 0.11
N ASP A 434 -26.00 -21.26 -0.75
CA ASP A 434 -26.84 -21.27 -1.95
C ASP A 434 -26.50 -22.45 -2.86
N PHE A 435 -25.22 -22.82 -2.92
CA PHE A 435 -24.79 -23.96 -3.73
C PHE A 435 -25.43 -25.25 -3.24
N HIS A 436 -25.44 -25.46 -1.93
CA HIS A 436 -26.07 -26.67 -1.39
C HIS A 436 -27.56 -26.69 -1.69
N ASP A 437 -28.23 -25.55 -1.50
CA ASP A 437 -29.66 -25.50 -1.80
C ASP A 437 -29.95 -25.84 -3.26
N SER A 438 -29.15 -25.26 -4.18
CA SER A 438 -29.33 -25.51 -5.60
C SER A 438 -29.08 -26.98 -5.94
N ASN A 439 -28.08 -27.59 -5.30
CA ASN A 439 -27.80 -28.99 -5.59
C ASN A 439 -28.96 -29.89 -5.18
N VAL A 440 -29.54 -29.66 -4.01
CA VAL A 440 -30.69 -30.47 -3.60
C VAL A 440 -31.86 -30.27 -4.55
N LYS A 441 -32.13 -29.02 -4.94
CA LYS A 441 -33.23 -28.78 -5.87
C LYS A 441 -32.98 -29.44 -7.22
N ASN A 442 -31.72 -29.44 -7.67
CA ASN A 442 -31.39 -30.08 -8.95
C ASN A 442 -31.64 -31.58 -8.89
N LEU A 443 -31.27 -32.22 -7.78
CA LEU A 443 -31.55 -33.64 -7.65
C LEU A 443 -33.05 -33.90 -7.69
N TYR A 444 -33.83 -33.07 -6.98
CA TYR A 444 -35.28 -33.25 -7.00
C TYR A 444 -35.85 -33.10 -8.40
N ASP A 445 -35.40 -32.08 -9.13
CA ASP A 445 -35.91 -31.87 -10.48
C ASP A 445 -35.49 -32.99 -11.42
N LYS A 446 -34.29 -33.54 -11.23
CA LYS A 446 -33.85 -34.67 -12.03
C LYS A 446 -34.79 -35.86 -11.85
N VAL A 447 -35.08 -36.19 -10.59
CA VAL A 447 -35.97 -37.32 -10.33
C VAL A 447 -37.36 -37.04 -10.90
N ARG A 448 -37.86 -35.82 -10.75
CA ARG A 448 -39.20 -35.50 -11.24
C ARG A 448 -39.27 -35.62 -12.75
N MET A 449 -38.27 -35.10 -13.46
CA MET A 449 -38.25 -35.18 -14.91
C MET A 449 -38.16 -36.63 -15.37
N GLN A 450 -37.36 -37.45 -14.68
CA GLN A 450 -37.27 -38.85 -15.06
C GLN A 450 -38.58 -39.60 -14.83
N LEU A 451 -39.28 -39.29 -13.74
CA LEU A 451 -40.46 -40.06 -13.37
C LEU A 451 -41.73 -39.61 -14.09
N ARG A 452 -41.81 -38.34 -14.51
CA ARG A 452 -42.94 -37.84 -15.27
C ARG A 452 -44.29 -38.12 -14.64
N ASP A 453 -45.25 -38.57 -15.46
CA ASP A 453 -46.65 -38.65 -15.05
C ASP A 453 -46.90 -39.88 -14.19
N ASN A 454 -46.00 -40.86 -14.21
CA ASN A 454 -46.22 -42.14 -13.54
C ASN A 454 -46.42 -41.99 -12.04
N VAL A 455 -46.02 -40.85 -11.47
CA VAL A 455 -46.12 -40.61 -10.04
C VAL A 455 -46.95 -39.34 -9.82
N LYS A 456 -47.32 -39.13 -8.56
CA LYS A 456 -47.97 -37.90 -8.13
C LYS A 456 -47.11 -37.23 -7.07
N GLU A 457 -46.93 -35.93 -7.21
CA GLU A 457 -46.11 -35.17 -6.27
C GLU A 457 -46.90 -34.86 -5.01
N LEU A 458 -46.24 -34.96 -3.86
CA LEU A 458 -46.90 -34.76 -2.59
C LEU A 458 -46.66 -33.38 -1.99
N GLY A 459 -45.74 -32.60 -2.55
CA GLY A 459 -45.54 -31.23 -2.12
C GLY A 459 -44.56 -31.01 -1.00
N ASN A 460 -43.91 -32.05 -0.49
CA ASN A 460 -42.88 -31.90 0.53
C ASN A 460 -41.59 -32.61 0.14
N GLY A 461 -41.32 -32.78 -1.14
CA GLY A 461 -40.15 -33.49 -1.61
C GLY A 461 -40.33 -34.98 -1.75
N CYS A 462 -41.56 -35.47 -1.64
CA CYS A 462 -41.84 -36.89 -1.61
C CYS A 462 -42.71 -37.24 -2.82
N PHE A 463 -42.37 -38.32 -3.50
CA PHE A 463 -43.13 -38.79 -4.65
C PHE A 463 -43.89 -40.05 -4.27
N GLU A 464 -45.14 -40.16 -4.72
CA GLU A 464 -45.94 -41.35 -4.53
C GLU A 464 -46.22 -42.00 -5.88
N PHE A 465 -45.88 -43.28 -6.00
CA PHE A 465 -46.01 -43.99 -7.26
C PHE A 465 -47.47 -44.36 -7.53
N TYR A 466 -47.77 -44.54 -8.81
CA TYR A 466 -49.05 -45.08 -9.25
C TYR A 466 -48.96 -46.56 -9.60
N HIS A 467 -47.99 -47.27 -9.03
CA HIS A 467 -47.80 -48.69 -9.28
C HIS A 467 -46.96 -49.25 -8.13
N LYS A 468 -46.50 -50.49 -8.30
CA LYS A 468 -45.68 -51.17 -7.31
C LYS A 468 -44.22 -51.02 -7.71
N CYS A 469 -43.46 -50.27 -6.91
CA CYS A 469 -42.07 -49.94 -7.22
C CYS A 469 -41.20 -50.60 -6.16
N ASP A 470 -40.70 -51.80 -6.46
CA ASP A 470 -40.00 -52.63 -5.51
C ASP A 470 -38.51 -52.26 -5.48
N ASN A 471 -37.69 -53.12 -4.88
CA ASN A 471 -36.28 -52.81 -4.68
C ASN A 471 -35.56 -52.58 -6.00
N GLU A 472 -35.83 -53.44 -7.00
CA GLU A 472 -35.24 -53.20 -8.31
C GLU A 472 -35.67 -51.87 -8.88
N CYS A 473 -36.95 -51.54 -8.74
CA CYS A 473 -37.49 -50.25 -9.16
C CYS A 473 -36.80 -49.10 -8.44
N MET A 474 -36.62 -49.20 -7.13
CA MET A 474 -36.02 -48.11 -6.38
C MET A 474 -34.55 -47.93 -6.74
N ASP A 475 -33.81 -49.02 -6.87
CA ASP A 475 -32.43 -48.89 -7.31
C ASP A 475 -32.35 -48.36 -8.73
N SER A 476 -33.36 -48.65 -9.55
CA SER A 476 -33.38 -48.09 -10.89
C SER A 476 -33.57 -46.57 -10.86
N VAL A 477 -34.50 -46.09 -10.04
CA VAL A 477 -34.73 -44.65 -9.97
C VAL A 477 -33.56 -43.94 -9.31
N LYS A 478 -32.86 -44.61 -8.39
CA LYS A 478 -31.76 -43.94 -7.69
C LYS A 478 -30.62 -43.60 -8.64
N ASN A 479 -30.27 -44.49 -9.56
CA ASN A 479 -29.14 -44.26 -10.45
C ASN A 479 -29.55 -43.92 -11.88
N GLY A 480 -30.75 -43.37 -12.06
CA GLY A 480 -31.11 -42.74 -13.31
C GLY A 480 -31.44 -43.64 -14.46
N THR A 481 -31.81 -44.90 -14.21
CA THR A 481 -32.21 -45.83 -15.26
C THR A 481 -33.62 -46.31 -14.93
N TYR A 482 -34.61 -45.54 -15.35
CA TYR A 482 -36.01 -45.82 -15.05
C TYR A 482 -36.76 -45.97 -16.36
N ASP A 483 -37.37 -47.13 -16.56
CA ASP A 483 -38.06 -47.46 -17.81
C ASP A 483 -39.50 -46.96 -17.71
N TYR A 484 -39.72 -45.72 -18.13
CA TYR A 484 -41.07 -45.18 -18.17
C TYR A 484 -42.01 -45.99 -19.05
N PRO A 485 -41.63 -46.46 -20.25
CA PRO A 485 -42.57 -47.30 -21.03
C PRO A 485 -43.03 -48.55 -20.30
N LYS A 486 -42.18 -49.14 -19.46
CA LYS A 486 -42.50 -50.43 -18.87
C LYS A 486 -43.77 -50.37 -18.02
N TYR A 487 -43.91 -49.31 -17.22
CA TYR A 487 -45.04 -49.20 -16.30
C TYR A 487 -46.10 -48.23 -16.81
N GLU A 488 -46.06 -47.85 -18.08
CA GLU A 488 -46.95 -46.80 -18.58
C GLU A 488 -48.41 -47.24 -18.51
N GLU A 489 -48.70 -48.46 -18.97
CA GLU A 489 -50.09 -48.92 -18.99
C GLU A 489 -50.63 -49.12 -17.59
N GLU A 490 -49.81 -49.65 -16.67
CA GLU A 490 -50.23 -49.79 -15.29
C GLU A 490 -50.49 -48.42 -14.66
N SER A 491 -49.61 -47.46 -14.91
CA SER A 491 -49.81 -46.13 -14.36
C SER A 491 -51.09 -45.51 -14.88
N LYS A 492 -51.36 -45.67 -16.18
CA LYS A 492 -52.60 -45.15 -16.73
C LYS A 492 -53.82 -45.81 -16.10
N LEU A 493 -53.76 -47.13 -15.90
CA LEU A 493 -54.90 -47.84 -15.33
C LEU A 493 -55.20 -47.37 -13.92
N ASN A 494 -54.18 -47.29 -13.07
CA ASN A 494 -54.43 -46.81 -11.70
C ASN A 494 -54.80 -45.33 -11.67
N ARG A 495 -54.23 -44.52 -12.55
CA ARG A 495 -54.52 -43.09 -12.52
C ARG A 495 -55.96 -42.80 -12.94
N ASN A 496 -56.39 -43.39 -14.07
CA ASN A 496 -57.71 -43.05 -14.59
C ASN A 496 -58.82 -43.46 -13.64
N GLU A 497 -58.69 -44.63 -13.04
CA GLU A 497 -59.70 -45.12 -12.09
C GLU A 497 -59.69 -44.30 -10.81
N ASP B 1 -44.60 -34.52 -34.36
CA ASP B 1 -44.12 -33.17 -34.13
C ASP B 1 -43.30 -33.12 -32.85
N GLN B 2 -42.31 -32.23 -32.80
CA GLN B 2 -41.43 -32.16 -31.64
C GLN B 2 -40.65 -30.86 -31.67
N ILE B 3 -40.45 -30.27 -30.50
CA ILE B 3 -39.65 -29.07 -30.34
C ILE B 3 -38.71 -29.26 -29.15
N CYS B 4 -37.48 -28.79 -29.29
CA CYS B 4 -36.48 -28.96 -28.25
C CYS B 4 -35.74 -27.65 -28.03
N ILE B 5 -35.19 -27.50 -26.84
CA ILE B 5 -34.44 -26.31 -26.44
C ILE B 5 -33.06 -26.76 -26.01
N GLY B 6 -32.02 -26.13 -26.57
CA GLY B 6 -30.65 -26.50 -26.28
C GLY B 6 -29.73 -25.33 -26.49
N TYR B 7 -28.43 -25.59 -26.37
CA TYR B 7 -27.42 -24.56 -26.49
C TYR B 7 -26.33 -24.98 -27.46
N HIS B 8 -25.49 -24.03 -27.83
CA HIS B 8 -24.54 -24.17 -28.91
C HIS B 8 -23.21 -24.73 -28.41
N ALA B 9 -22.63 -25.63 -29.21
CA ALA B 9 -21.34 -26.23 -28.91
C ALA B 9 -20.47 -26.19 -30.17
N ASN B 10 -19.15 -26.23 -29.97
CA ASN B 10 -18.20 -26.17 -31.07
C ASN B 10 -16.96 -26.96 -30.70
N ASN B 11 -15.88 -26.74 -31.44
CA ASN B 11 -14.67 -27.53 -31.34
C ASN B 11 -13.57 -26.82 -30.56
N SER B 12 -13.90 -25.76 -29.84
CA SER B 12 -12.89 -25.01 -29.10
C SER B 12 -12.29 -25.87 -28.00
N THR B 13 -11.02 -25.58 -27.68
CA THR B 13 -10.29 -26.30 -26.64
C THR B 13 -9.78 -25.37 -25.56
N GLU B 14 -10.34 -24.17 -25.47
CA GLU B 14 -9.91 -23.19 -24.49
C GLU B 14 -10.41 -23.57 -23.09
N LYS B 15 -9.61 -23.25 -22.08
CA LYS B 15 -9.90 -23.60 -20.70
C LYS B 15 -9.93 -22.34 -19.84
N ILE B 16 -10.67 -22.40 -18.73
CA ILE B 16 -10.69 -21.34 -17.74
C ILE B 16 -10.42 -21.95 -16.36
N ASP B 17 -10.51 -21.11 -15.34
CA ASP B 17 -10.43 -21.54 -13.95
C ASP B 17 -11.58 -20.90 -13.18
N THR B 18 -12.16 -21.67 -12.27
CA THR B 18 -13.28 -21.24 -11.44
C THR B 18 -12.99 -21.61 -10.00
N ILE B 19 -13.60 -20.88 -9.06
CA ILE B 19 -13.35 -21.15 -7.65
C ILE B 19 -13.90 -22.49 -7.21
N LEU B 20 -14.75 -23.12 -8.03
CA LEU B 20 -15.23 -24.47 -7.77
C LEU B 20 -14.57 -25.52 -8.62
N GLU B 21 -14.30 -25.24 -9.90
CA GLU B 21 -13.76 -26.21 -10.82
C GLU B 21 -12.56 -25.65 -11.56
N ARG B 22 -11.69 -26.56 -12.02
CA ARG B 22 -10.49 -26.19 -12.75
C ARG B 22 -10.49 -26.83 -14.12
N ASN B 23 -9.92 -26.12 -15.09
CA ASN B 23 -9.78 -26.60 -16.47
C ASN B 23 -11.14 -26.93 -17.08
N VAL B 24 -11.95 -25.88 -17.23
CA VAL B 24 -13.28 -26.01 -17.81
C VAL B 24 -13.21 -25.55 -19.26
N THR B 25 -13.57 -26.44 -20.18
CA THR B 25 -13.57 -26.09 -21.60
C THR B 25 -14.73 -25.17 -21.92
N VAL B 26 -14.47 -24.18 -22.78
CA VAL B 26 -15.48 -23.18 -23.13
C VAL B 26 -15.52 -22.99 -24.64
N THR B 27 -16.64 -22.46 -25.11
CA THR B 27 -16.78 -22.15 -26.53
C THR B 27 -15.96 -20.93 -26.90
N HIS B 28 -16.00 -19.88 -26.10
CA HIS B 28 -15.27 -18.66 -26.34
C HIS B 28 -14.60 -18.20 -25.06
N ALA B 29 -13.51 -17.46 -25.22
CA ALA B 29 -12.79 -16.90 -24.08
C ALA B 29 -12.04 -15.67 -24.54
N LYS B 30 -11.60 -14.87 -23.56
CA LYS B 30 -10.86 -13.65 -23.85
C LYS B 30 -9.73 -13.53 -22.85
N ASP B 31 -8.50 -13.47 -23.37
CA ASP B 31 -7.31 -13.31 -22.53
C ASP B 31 -7.08 -11.84 -22.25
N ILE B 32 -6.96 -11.49 -20.98
CA ILE B 32 -6.79 -10.09 -20.58
C ILE B 32 -5.42 -9.92 -19.97
N LEU B 33 -4.44 -10.70 -20.44
CA LEU B 33 -3.07 -10.62 -19.97
C LEU B 33 -2.13 -10.69 -21.17
N GLU B 34 -1.13 -9.82 -21.20
CA GLU B 34 -0.15 -9.78 -22.29
C GLU B 34 1.18 -10.33 -21.79
N LYS B 35 1.77 -11.24 -22.55
CA LYS B 35 3.04 -11.86 -22.17
C LYS B 35 4.08 -11.81 -23.28
N THR B 36 3.91 -10.97 -24.29
CA THR B 36 4.82 -10.93 -25.42
C THR B 36 5.43 -9.54 -25.57
N HIS B 37 6.70 -9.50 -25.95
CA HIS B 37 7.42 -8.27 -26.23
C HIS B 37 8.34 -8.51 -27.42
N ASN B 38 8.76 -7.43 -28.07
CA ASN B 38 9.59 -7.52 -29.26
C ASN B 38 11.07 -7.64 -28.95
N GLY B 39 11.47 -7.59 -27.69
CA GLY B 39 12.88 -7.76 -27.34
C GLY B 39 13.79 -6.66 -27.83
N LYS B 40 13.27 -5.44 -28.00
CA LYS B 40 14.04 -4.36 -28.59
C LYS B 40 13.74 -3.06 -27.85
N LEU B 41 14.70 -2.13 -27.93
CA LEU B 41 14.55 -0.80 -27.36
C LEU B 41 14.47 0.20 -28.50
N CYS B 42 13.41 1.01 -28.53
CA CYS B 42 13.31 2.01 -29.58
C CYS B 42 12.49 3.19 -29.11
N LYS B 43 12.10 4.05 -30.05
CA LYS B 43 11.62 5.39 -29.77
C LYS B 43 10.27 5.39 -29.07
N LEU B 44 10.13 6.26 -28.08
CA LEU B 44 8.87 6.43 -27.36
C LEU B 44 8.18 7.68 -27.89
N ASN B 45 6.99 7.49 -28.48
CA ASN B 45 6.19 8.58 -29.03
C ASN B 45 6.93 9.36 -30.11
N GLY B 46 7.84 8.69 -30.82
CA GLY B 46 8.55 9.29 -31.92
C GLY B 46 9.85 9.98 -31.56
N ILE B 47 10.14 10.14 -30.27
CA ILE B 47 11.35 10.82 -29.81
C ILE B 47 12.34 9.76 -29.35
N PRO B 48 13.55 9.70 -29.91
CA PRO B 48 14.52 8.69 -29.50
C PRO B 48 15.03 8.97 -28.10
N PRO B 49 15.50 7.94 -27.40
CA PRO B 49 16.05 8.12 -26.06
C PRO B 49 17.47 8.68 -26.11
N LEU B 50 18.04 8.90 -24.93
CA LEU B 50 19.42 9.35 -24.78
C LEU B 50 20.27 8.13 -24.43
N GLU B 51 21.09 7.69 -25.38
CA GLU B 51 21.95 6.53 -25.19
C GLU B 51 23.28 7.00 -24.61
N LEU B 52 23.56 6.60 -23.38
CA LEU B 52 24.77 7.01 -22.70
C LEU B 52 25.97 6.13 -23.04
N GLY B 53 25.73 4.87 -23.37
CA GLY B 53 26.83 3.99 -23.72
C GLY B 53 27.54 3.50 -22.48
N ASP B 54 28.86 3.65 -22.46
CA ASP B 54 29.66 3.30 -21.31
C ASP B 54 29.84 4.46 -20.33
N CYS B 55 29.23 5.60 -20.61
CA CYS B 55 29.30 6.77 -19.77
C CYS B 55 28.27 6.69 -18.66
N SER B 56 28.42 7.58 -17.67
CA SER B 56 27.48 7.73 -16.59
C SER B 56 26.92 9.14 -16.60
N ILE B 57 25.93 9.38 -15.74
CA ILE B 57 25.32 10.70 -15.66
C ILE B 57 26.33 11.74 -15.22
N ALA B 58 27.12 11.42 -14.19
CA ALA B 58 28.16 12.33 -13.73
C ALA B 58 29.22 12.54 -14.80
N GLY B 59 29.61 11.48 -15.50
CA GLY B 59 30.59 11.62 -16.55
C GLY B 59 30.10 12.47 -17.70
N TRP B 60 28.80 12.39 -18.01
CA TRP B 60 28.25 13.20 -19.08
C TRP B 60 28.14 14.66 -18.66
N LEU B 61 27.66 14.93 -17.45
CA LEU B 61 27.49 16.30 -17.02
C LEU B 61 28.83 17.00 -16.78
N LEU B 62 29.80 16.29 -16.20
CA LEU B 62 31.11 16.85 -15.95
C LEU B 62 31.98 16.96 -17.21
N GLY B 63 31.68 16.19 -18.24
CA GLY B 63 32.44 16.25 -19.47
C GLY B 63 33.66 15.36 -19.48
N ASN B 64 33.47 14.06 -19.29
CA ASN B 64 34.58 13.13 -19.34
C ASN B 64 35.20 13.16 -20.75
N PRO B 65 36.53 13.09 -20.85
CA PRO B 65 37.15 13.10 -22.18
C PRO B 65 36.72 11.95 -23.07
N GLU B 66 36.31 10.83 -22.47
CA GLU B 66 35.91 9.65 -23.23
C GLU B 66 34.40 9.60 -23.46
N CYS B 67 33.73 10.74 -23.36
CA CYS B 67 32.30 10.86 -23.63
C CYS B 67 32.03 12.10 -24.47
N ASP B 68 32.87 12.33 -25.47
CA ASP B 68 32.80 13.56 -26.27
C ASP B 68 31.63 13.57 -27.24
N ARG B 69 30.97 12.43 -27.46
CA ARG B 69 29.77 12.43 -28.29
C ARG B 69 28.63 13.18 -27.62
N LEU B 70 28.55 13.13 -26.30
CA LEU B 70 27.46 13.75 -25.55
C LEU B 70 27.82 15.16 -25.09
N LEU B 71 28.20 16.02 -26.05
CA LEU B 71 28.43 17.43 -25.76
C LEU B 71 27.36 18.34 -26.33
N ARG B 72 26.59 17.87 -27.30
CA ARG B 72 25.41 18.59 -27.82
C ARG B 72 24.31 17.53 -28.00
N VAL B 73 23.53 17.33 -26.96
CA VAL B 73 22.53 16.26 -26.91
C VAL B 73 21.18 16.85 -27.31
N PRO B 74 20.51 16.30 -28.31
CA PRO B 74 19.15 16.75 -28.63
C PRO B 74 18.11 16.26 -27.63
N GLU B 75 16.85 16.52 -27.92
CA GLU B 75 15.76 16.13 -27.02
C GLU B 75 15.68 14.62 -26.89
N TRP B 76 15.23 14.16 -25.72
CA TRP B 76 15.15 12.73 -25.45
C TRP B 76 13.84 12.41 -24.73
N SER B 77 13.45 11.15 -24.80
CA SER B 77 12.26 10.63 -24.13
C SER B 77 12.58 9.90 -22.83
N TYR B 78 13.66 9.12 -22.81
CA TYR B 78 14.12 8.47 -21.59
C TYR B 78 15.62 8.24 -21.72
N ILE B 79 16.26 7.94 -20.60
CA ILE B 79 17.71 7.77 -20.52
C ILE B 79 18.02 6.30 -20.32
N MET B 80 18.94 5.78 -21.13
CA MET B 80 19.42 4.41 -21.00
C MET B 80 20.82 4.43 -20.40
N GLU B 81 21.01 3.64 -19.35
CA GLU B 81 22.28 3.59 -18.63
C GLU B 81 22.61 2.15 -18.28
N LYS B 82 23.89 1.89 -18.06
CA LYS B 82 24.34 0.57 -17.67
C LYS B 82 24.43 0.46 -16.15
N GLU B 83 24.38 -0.78 -15.67
CA GLU B 83 24.38 -1.01 -14.23
C GLU B 83 25.70 -0.58 -13.60
N ASN B 84 26.82 -0.92 -14.23
CA ASN B 84 28.14 -0.54 -13.76
C ASN B 84 28.89 0.13 -14.90
N PRO B 85 28.61 1.41 -15.17
CA PRO B 85 29.27 2.10 -16.28
C PRO B 85 30.77 2.23 -16.04
N ARG B 86 31.52 2.17 -17.13
CA ARG B 86 32.97 2.30 -17.06
C ARG B 86 33.42 3.75 -17.07
N TYR B 87 33.00 4.51 -18.08
CA TYR B 87 33.35 5.92 -18.15
C TYR B 87 32.56 6.69 -17.10
N SER B 88 33.28 7.25 -16.14
CA SER B 88 32.72 7.81 -14.92
C SER B 88 33.62 8.96 -14.51
N LEU B 89 33.59 9.31 -13.22
CA LEU B 89 34.54 10.29 -12.71
C LEU B 89 35.97 9.88 -13.09
N CYS B 90 36.57 10.67 -13.98
CA CYS B 90 37.95 10.45 -14.38
C CYS B 90 38.91 10.58 -13.21
N TYR B 91 38.84 11.68 -12.50
CA TYR B 91 39.63 11.85 -11.28
C TYR B 91 38.88 11.23 -10.11
N PRO B 92 39.51 10.35 -9.34
CA PRO B 92 38.77 9.65 -8.27
C PRO B 92 38.18 10.62 -7.27
N GLY B 93 37.00 10.29 -6.78
CA GLY B 93 36.33 11.18 -5.84
C GLY B 93 34.92 10.73 -5.57
N SER B 94 34.07 11.71 -5.22
CA SER B 94 32.68 11.47 -4.88
C SER B 94 31.81 12.50 -5.58
N PHE B 95 30.51 12.37 -5.37
CA PHE B 95 29.52 13.28 -5.95
C PHE B 95 28.37 13.38 -4.95
N ASN B 96 28.26 14.53 -4.29
CA ASN B 96 27.26 14.70 -3.25
C ASN B 96 25.86 14.79 -3.84
N ASP B 97 24.91 14.11 -3.20
CA ASP B 97 23.51 14.09 -3.62
C ASP B 97 23.36 13.62 -5.07
N TYR B 98 24.08 12.56 -5.42
CA TYR B 98 24.01 12.02 -6.77
C TYR B 98 22.62 11.48 -7.10
N GLU B 99 22.01 10.78 -6.15
CA GLU B 99 20.71 10.17 -6.40
C GLU B 99 19.62 11.23 -6.56
N GLU B 100 19.73 12.34 -5.82
CA GLU B 100 18.78 13.43 -6.00
C GLU B 100 18.87 14.02 -7.40
N LEU B 101 20.09 14.18 -7.93
CA LEU B 101 20.26 14.66 -9.29
C LEU B 101 19.68 13.67 -10.30
N LYS B 102 19.92 12.39 -10.10
CA LYS B 102 19.37 11.40 -11.01
C LYS B 102 17.85 11.38 -10.97
N HIS B 103 17.27 11.63 -9.79
CA HIS B 103 15.81 11.73 -9.69
C HIS B 103 15.29 12.98 -10.39
N LEU B 104 16.02 14.09 -10.28
CA LEU B 104 15.62 15.30 -10.98
C LEU B 104 15.64 15.11 -12.49
N LEU B 105 16.63 14.38 -12.99
CA LEU B 105 16.72 14.11 -14.43
C LEU B 105 15.62 13.19 -14.94
N SER B 106 14.73 12.72 -14.08
CA SER B 106 13.61 11.90 -14.50
C SER B 106 12.39 12.72 -14.90
N SER B 107 12.42 14.03 -14.68
CA SER B 107 11.36 14.92 -15.14
C SER B 107 11.89 16.01 -16.07
N VAL B 108 13.08 15.83 -16.63
CA VAL B 108 13.70 16.78 -17.55
C VAL B 108 13.87 16.07 -18.89
N LYS B 109 13.44 16.72 -19.97
CA LYS B 109 13.49 16.12 -21.29
C LYS B 109 14.47 16.81 -22.24
N HIS B 110 15.04 17.95 -21.85
CA HIS B 110 16.04 18.60 -22.70
C HIS B 110 16.85 19.57 -21.85
N PHE B 111 18.12 19.72 -22.23
CA PHE B 111 19.04 20.65 -21.60
C PHE B 111 19.63 21.56 -22.66
N GLU B 112 20.00 22.78 -22.25
CA GLU B 112 20.68 23.71 -23.13
C GLU B 112 21.85 24.30 -22.35
N LYS B 113 23.06 24.10 -22.87
CA LYS B 113 24.28 24.45 -22.15
C LYS B 113 24.64 25.90 -22.39
N VAL B 114 24.68 26.68 -21.32
CA VAL B 114 25.03 28.10 -21.38
C VAL B 114 26.44 28.27 -20.82
N LYS B 115 27.21 29.17 -21.41
CA LYS B 115 28.53 29.54 -20.90
C LYS B 115 28.35 30.65 -19.87
N ILE B 116 28.56 30.32 -18.60
CA ILE B 116 28.24 31.25 -17.53
C ILE B 116 29.51 31.92 -17.00
N LEU B 117 30.62 31.20 -17.00
CA LEU B 117 31.90 31.71 -16.52
C LEU B 117 32.97 31.35 -17.54
N PRO B 118 33.25 32.24 -18.49
CA PRO B 118 34.24 31.93 -19.52
C PRO B 118 35.62 31.67 -18.92
N LYS B 119 36.36 30.77 -19.57
CA LYS B 119 37.66 30.36 -19.07
C LYS B 119 38.67 31.51 -19.08
N ASP B 120 38.56 32.41 -20.06
CA ASP B 120 39.53 33.48 -20.20
C ASP B 120 39.34 34.61 -19.19
N ARG B 121 38.26 34.59 -18.41
CA ARG B 121 38.05 35.64 -17.41
C ARG B 121 39.03 35.53 -16.25
N TRP B 122 39.62 34.35 -16.02
CA TRP B 122 40.59 34.17 -14.95
C TRP B 122 41.96 34.61 -15.46
N THR B 123 42.16 35.93 -15.46
CA THR B 123 43.38 36.53 -15.98
C THR B 123 44.52 36.56 -14.95
N GLN B 124 44.27 36.11 -13.73
CA GLN B 124 45.29 36.12 -12.68
C GLN B 124 45.64 34.71 -12.20
N HIS B 125 45.20 33.67 -12.91
CA HIS B 125 45.46 32.30 -12.51
C HIS B 125 45.87 31.50 -13.73
N THR B 126 46.26 30.25 -13.50
CA THR B 126 46.58 29.30 -14.56
C THR B 126 45.41 28.35 -14.73
N THR B 127 44.88 28.26 -15.94
CA THR B 127 43.66 27.51 -16.20
C THR B 127 43.90 26.36 -17.17
N THR B 128 45.13 25.85 -17.22
CA THR B 128 45.45 24.75 -18.12
C THR B 128 45.94 23.53 -17.35
N GLY B 129 45.28 23.21 -16.25
CA GLY B 129 45.66 22.07 -15.45
C GLY B 129 45.13 20.77 -16.03
N GLY B 130 45.82 19.68 -15.72
CA GLY B 130 45.45 18.38 -16.23
C GLY B 130 45.96 17.27 -15.32
N SER B 131 45.59 16.04 -15.67
CA SER B 131 46.00 14.88 -14.90
C SER B 131 46.19 13.70 -15.84
N MET B 132 47.01 12.74 -15.39
CA MET B 132 47.28 11.56 -16.21
C MET B 132 46.13 10.58 -16.22
N ALA B 133 45.27 10.60 -15.20
CA ALA B 133 44.12 9.70 -15.20
C ALA B 133 43.17 10.02 -16.34
N CYS B 134 42.96 11.30 -16.60
CA CYS B 134 42.01 11.76 -17.61
C CYS B 134 42.76 12.12 -18.90
N ALA B 135 43.38 11.12 -19.49
CA ALA B 135 44.35 11.33 -20.57
C ALA B 135 43.74 11.00 -21.92
N VAL B 136 44.00 11.86 -22.90
CA VAL B 136 43.65 11.62 -24.29
C VAL B 136 44.93 11.61 -25.11
N SER B 137 45.12 10.54 -25.90
CA SER B 137 46.30 10.38 -26.75
C SER B 137 47.60 10.49 -25.95
N GLY B 138 47.58 10.00 -24.71
CA GLY B 138 48.74 10.02 -23.83
C GLY B 138 48.95 11.30 -23.05
N LYS B 139 48.63 12.44 -23.66
CA LYS B 139 48.80 13.71 -22.99
C LYS B 139 47.77 13.88 -21.88
N PRO B 140 48.14 14.54 -20.79
CA PRO B 140 47.17 14.81 -19.72
C PRO B 140 46.06 15.75 -20.19
N SER B 141 44.88 15.56 -19.62
CA SER B 141 43.73 16.39 -19.96
C SER B 141 42.80 16.42 -18.74
N PHE B 142 41.64 17.04 -18.91
CA PHE B 142 40.72 17.25 -17.81
C PHE B 142 39.29 17.25 -18.34
N PHE B 143 38.34 17.44 -17.44
CA PHE B 143 36.94 17.56 -17.81
C PHE B 143 36.73 18.76 -18.72
N ARG B 144 35.80 18.62 -19.67
CA ARG B 144 35.56 19.65 -20.66
C ARG B 144 34.62 20.74 -20.17
N ASN B 145 33.89 20.52 -19.08
CA ASN B 145 32.96 21.51 -18.55
C ASN B 145 33.46 22.18 -17.28
N MET B 146 34.66 21.85 -16.80
CA MET B 146 35.19 22.39 -15.56
C MET B 146 36.57 22.99 -15.81
N VAL B 147 36.94 23.94 -14.96
CA VAL B 147 38.24 24.62 -15.05
C VAL B 147 38.99 24.39 -13.75
N TRP B 148 40.26 24.01 -13.87
CA TRP B 148 41.14 23.81 -12.72
C TRP B 148 42.04 25.04 -12.58
N LEU B 149 41.83 25.81 -11.52
CA LEU B 149 42.63 27.00 -11.26
C LEU B 149 43.89 26.63 -10.49
N THR B 150 45.02 27.20 -10.90
CA THR B 150 46.32 26.93 -10.33
C THR B 150 47.10 28.24 -10.27
N THR B 151 48.19 28.24 -9.51
CA THR B 151 48.98 29.46 -9.32
C THR B 151 49.60 29.92 -10.63
N LYS B 152 49.58 31.23 -10.83
CA LYS B 152 50.27 31.88 -11.96
C LYS B 152 51.52 32.52 -11.36
N GLY B 153 52.63 31.80 -11.40
CA GLY B 153 53.79 32.18 -10.64
C GLY B 153 53.58 31.82 -9.19
N PRO B 154 54.52 32.18 -8.34
CA PRO B 154 54.42 31.86 -6.91
C PRO B 154 53.40 32.71 -6.14
N ASN B 155 52.21 32.85 -6.70
CA ASN B 155 51.15 33.57 -5.99
C ASN B 155 49.79 33.15 -6.54
N TYR B 156 48.81 33.07 -5.65
CA TYR B 156 47.45 32.62 -5.96
C TYR B 156 46.47 33.61 -5.35
N PRO B 157 46.05 34.62 -6.10
CA PRO B 157 45.13 35.61 -5.55
C PRO B 157 43.76 35.01 -5.28
N VAL B 158 42.93 35.79 -4.61
CA VAL B 158 41.57 35.37 -4.32
C VAL B 158 40.75 35.33 -5.60
N ALA B 159 40.12 34.19 -5.86
CA ALA B 159 39.34 33.99 -7.07
C ALA B 159 37.87 34.30 -6.79
N GLN B 160 37.32 35.25 -7.53
CA GLN B 160 35.95 35.70 -7.33
C GLN B 160 35.21 35.66 -8.66
N GLY B 161 34.01 35.10 -8.65
CA GLY B 161 33.21 35.04 -9.85
C GLY B 161 31.74 34.96 -9.51
N SER B 162 30.91 35.55 -10.37
CA SER B 162 29.48 35.61 -10.14
C SER B 162 28.74 35.47 -11.46
N TYR B 163 27.47 35.07 -11.37
CA TYR B 163 26.62 34.91 -12.54
C TYR B 163 25.17 35.19 -12.16
N ASN B 164 24.50 35.97 -12.98
CA ASN B 164 23.09 36.33 -12.78
C ASN B 164 22.25 35.57 -13.79
N ASN B 165 21.28 34.79 -13.29
CA ASN B 165 20.50 33.89 -14.13
C ASN B 165 19.47 34.68 -14.92
N THR B 166 19.88 35.15 -16.09
CA THR B 166 19.02 35.87 -17.01
C THR B 166 18.79 35.07 -18.29
N SER B 167 18.69 33.74 -18.16
CA SER B 167 18.53 32.85 -19.30
C SER B 167 17.06 32.57 -19.61
N GLY B 168 16.27 32.26 -18.59
CA GLY B 168 14.85 32.04 -18.80
C GLY B 168 14.28 30.83 -18.11
N GLU B 169 15.12 30.06 -17.42
CA GLU B 169 14.66 28.90 -16.68
C GLU B 169 15.69 28.57 -15.60
N GLN B 170 15.39 27.54 -14.81
CA GLN B 170 16.33 27.10 -13.80
C GLN B 170 17.60 26.56 -14.44
N MET B 171 18.70 26.68 -13.73
CA MET B 171 20.01 26.29 -14.23
C MET B 171 20.67 25.35 -13.24
N LEU B 172 21.36 24.34 -13.77
CA LEU B 172 22.06 23.35 -12.96
C LEU B 172 23.55 23.65 -13.00
N ILE B 173 24.13 23.93 -11.84
CA ILE B 173 25.54 24.32 -11.72
C ILE B 173 26.25 23.32 -10.83
N ILE B 174 27.42 22.87 -11.28
CA ILE B 174 28.24 21.89 -10.55
C ILE B 174 29.61 22.50 -10.30
N TRP B 175 30.10 22.38 -9.07
CA TRP B 175 31.44 22.81 -8.71
C TRP B 175 32.11 21.71 -7.91
N GLY B 176 33.44 21.80 -7.81
CA GLY B 176 34.21 20.76 -7.16
C GLY B 176 35.25 21.34 -6.20
N VAL B 177 35.70 20.47 -5.31
CA VAL B 177 36.73 20.80 -4.31
C VAL B 177 37.80 19.72 -4.39
N HIS B 178 39.07 20.13 -4.39
CA HIS B 178 40.19 19.22 -4.52
C HIS B 178 40.78 18.87 -3.17
N HIS B 179 41.06 17.59 -2.97
CA HIS B 179 41.66 17.07 -1.74
C HIS B 179 43.01 16.43 -2.07
N PRO B 180 44.12 17.11 -1.84
CA PRO B 180 45.43 16.55 -2.23
C PRO B 180 45.88 15.41 -1.34
N ASN B 181 47.02 14.81 -1.67
CA ASN B 181 47.58 13.70 -0.93
C ASN B 181 48.52 14.15 0.18
N ASP B 182 49.42 15.08 -0.12
CA ASP B 182 50.41 15.53 0.83
C ASP B 182 50.52 17.05 0.76
N GLU B 183 51.16 17.63 1.78
CA GLU B 183 51.32 19.07 1.84
C GLU B 183 52.18 19.60 0.71
N ALA B 184 53.10 18.78 0.20
CA ALA B 184 53.93 19.20 -0.93
C ALA B 184 53.08 19.47 -2.17
N GLU B 185 52.08 18.62 -2.42
CA GLU B 185 51.17 18.85 -3.53
C GLU B 185 50.39 20.14 -3.36
N GLN B 186 49.89 20.39 -2.15
CA GLN B 186 49.13 21.61 -1.90
C GLN B 186 50.00 22.85 -2.12
N ARG B 187 51.24 22.82 -1.66
CA ARG B 187 52.13 23.96 -1.86
C ARG B 187 52.48 24.14 -3.33
N ALA B 188 52.71 23.03 -4.04
CA ALA B 188 53.10 23.13 -5.45
C ALA B 188 51.95 23.60 -6.31
N LEU B 189 50.71 23.32 -5.92
CA LEU B 189 49.55 23.67 -6.73
C LEU B 189 48.92 25.00 -6.36
N TYR B 190 48.82 25.34 -5.08
CA TYR B 190 48.09 26.52 -4.65
C TYR B 190 48.89 27.50 -3.81
N GLN B 191 50.11 27.15 -3.38
CA GLN B 191 51.08 28.08 -2.81
C GLN B 191 50.72 28.50 -1.39
N LYS B 192 49.54 28.12 -0.91
CA LYS B 192 49.16 28.45 0.46
C LYS B 192 48.35 27.31 1.06
N VAL B 193 48.40 27.22 2.39
CA VAL B 193 47.65 26.24 3.14
C VAL B 193 46.54 26.96 3.92
N GLY B 194 45.64 26.18 4.49
CA GLY B 194 44.51 26.75 5.20
C GLY B 194 43.57 27.49 4.27
N THR B 195 43.28 26.89 3.12
CA THR B 195 42.45 27.50 2.11
C THR B 195 40.98 27.14 2.33
N TYR B 196 40.10 27.80 1.59
CA TYR B 196 38.67 27.58 1.69
C TYR B 196 38.03 27.73 0.32
N VAL B 197 36.87 27.12 0.15
CA VAL B 197 36.04 27.28 -1.03
C VAL B 197 34.65 27.66 -0.56
N SER B 198 34.15 28.80 -1.03
CA SER B 198 32.88 29.34 -0.59
C SER B 198 31.97 29.58 -1.78
N ALA B 199 30.81 28.94 -1.78
CA ALA B 199 29.78 29.13 -2.79
C ALA B 199 28.48 29.51 -2.12
N SER B 200 27.81 30.53 -2.64
CA SER B 200 26.62 31.05 -1.99
C SER B 200 25.65 31.60 -3.01
N THR B 201 24.36 31.33 -2.80
CA THR B 201 23.27 31.91 -3.56
C THR B 201 22.29 32.56 -2.61
N SER B 202 21.12 32.94 -3.09
CA SER B 202 20.11 33.54 -2.21
C SER B 202 19.51 32.54 -1.23
N THR B 203 19.77 31.25 -1.41
CA THR B 203 19.22 30.22 -0.53
C THR B 203 20.34 29.35 0.04
N LEU B 204 21.38 29.12 -0.75
CA LEU B 204 22.47 28.23 -0.38
C LEU B 204 23.66 29.01 0.15
N TYR B 205 24.25 28.49 1.22
CA TYR B 205 25.55 28.96 1.71
C TYR B 205 26.38 27.74 2.08
N LYS B 206 27.65 27.75 1.68
CA LYS B 206 28.49 26.57 1.84
C LYS B 206 29.96 26.99 1.91
N ARG B 207 30.69 26.42 2.87
CA ARG B 207 32.13 26.56 2.96
C ARG B 207 32.76 25.19 3.08
N SER B 208 33.85 24.97 2.34
CA SER B 208 34.55 23.71 2.34
C SER B 208 36.03 23.96 2.56
N ILE B 209 36.67 23.09 3.34
CA ILE B 209 38.09 23.20 3.67
C ILE B 209 38.78 21.97 3.09
N PRO B 210 39.85 22.13 2.31
CA PRO B 210 40.57 20.96 1.80
C PRO B 210 41.14 20.12 2.94
N GLU B 211 41.17 18.81 2.71
CA GLU B 211 41.59 17.84 3.71
C GLU B 211 42.70 16.98 3.13
N ILE B 212 43.91 17.15 3.65
CA ILE B 212 45.11 16.53 3.11
C ILE B 212 45.42 15.29 3.94
N ALA B 213 45.44 14.14 3.28
CA ALA B 213 45.75 12.89 3.95
C ALA B 213 46.21 11.87 2.92
N ALA B 214 46.95 10.87 3.38
CA ALA B 214 47.36 9.77 2.54
C ALA B 214 46.21 8.77 2.42
N ARG B 215 45.89 8.37 1.20
CA ARG B 215 44.73 7.55 0.91
C ARG B 215 45.14 6.38 0.03
N PRO B 216 44.36 5.30 0.04
CA PRO B 216 44.59 4.23 -0.92
C PRO B 216 44.46 4.75 -2.35
N LYS B 217 45.28 4.21 -3.24
CA LYS B 217 45.36 4.71 -4.59
C LYS B 217 44.24 4.14 -5.45
N VAL B 218 43.43 5.02 -6.01
CA VAL B 218 42.39 4.65 -6.98
C VAL B 218 42.73 5.35 -8.29
N ASN B 219 42.79 4.57 -9.37
CA ASN B 219 43.26 5.02 -10.67
C ASN B 219 44.68 5.55 -10.63
N GLY B 220 45.47 5.11 -9.64
CA GLY B 220 46.85 5.50 -9.53
C GLY B 220 47.11 6.80 -8.79
N LEU B 221 46.09 7.40 -8.18
CA LEU B 221 46.23 8.67 -7.50
C LEU B 221 45.68 8.58 -6.08
N GLY B 222 46.39 9.18 -5.14
CA GLY B 222 45.92 9.25 -3.77
C GLY B 222 45.07 10.45 -3.46
N SER B 223 44.82 11.31 -4.44
CA SER B 223 44.01 12.50 -4.27
C SER B 223 42.54 12.21 -4.62
N ARG B 224 41.67 13.10 -4.20
CA ARG B 224 40.25 12.97 -4.44
C ARG B 224 39.66 14.31 -4.86
N MET B 225 38.50 14.25 -5.51
CA MET B 225 37.77 15.44 -5.92
C MET B 225 36.30 15.27 -5.57
N GLU B 226 35.76 16.19 -4.78
CA GLU B 226 34.38 16.14 -4.34
C GLU B 226 33.56 17.16 -5.10
N PHE B 227 32.42 16.72 -5.64
CA PHE B 227 31.59 17.55 -6.51
C PHE B 227 30.23 17.77 -5.86
N SER B 228 29.74 19.01 -5.95
CA SER B 228 28.43 19.38 -5.44
C SER B 228 27.65 20.13 -6.52
N TRP B 229 26.34 20.10 -6.40
CA TRP B 229 25.46 20.71 -7.39
C TRP B 229 24.36 21.51 -6.70
N THR B 230 23.86 22.53 -7.41
CA THR B 230 22.75 23.34 -6.94
C THR B 230 21.80 23.59 -8.10
N LEU B 231 20.63 24.15 -7.77
CA LEU B 231 19.62 24.52 -8.76
C LEU B 231 19.33 26.00 -8.61
N LEU B 232 19.80 26.79 -9.56
CA LEU B 232 19.67 28.24 -9.49
C LEU B 232 18.34 28.68 -10.09
N ASP B 233 17.58 29.46 -9.32
CA ASP B 233 16.29 29.95 -9.77
C ASP B 233 16.48 31.15 -10.69
N MET B 234 15.39 31.54 -11.34
CA MET B 234 15.42 32.68 -12.25
C MET B 234 15.74 33.96 -11.50
N TRP B 235 16.54 34.81 -12.13
CA TRP B 235 16.90 36.13 -11.60
C TRP B 235 17.60 36.04 -10.27
N ASP B 236 18.38 34.98 -10.05
CA ASP B 236 19.14 34.78 -8.84
C ASP B 236 20.62 34.66 -9.20
N THR B 237 21.47 35.09 -8.27
CA THR B 237 22.90 35.18 -8.50
C THR B 237 23.65 34.14 -7.68
N ILE B 238 24.70 33.57 -8.28
CA ILE B 238 25.57 32.62 -7.61
C ILE B 238 26.95 33.26 -7.47
N ASN B 239 27.57 33.08 -6.32
CA ASN B 239 28.86 33.70 -6.00
C ASN B 239 29.88 32.63 -5.65
N PHE B 240 31.06 32.74 -6.24
CA PHE B 240 32.18 31.85 -5.96
C PHE B 240 33.32 32.65 -5.37
N GLU B 241 33.91 32.16 -4.29
CA GLU B 241 35.10 32.76 -3.70
C GLU B 241 35.95 31.66 -3.10
N SER B 242 37.24 31.68 -3.41
CA SER B 242 38.13 30.63 -2.92
C SER B 242 39.56 31.13 -2.90
N THR B 243 40.32 30.68 -1.89
CA THR B 243 41.76 30.90 -1.82
C THR B 243 42.55 29.72 -2.35
N GLY B 244 41.88 28.68 -2.81
CA GLY B 244 42.54 27.52 -3.38
C GLY B 244 41.60 26.36 -3.47
N ASN B 245 42.02 25.37 -4.26
CA ASN B 245 41.33 24.08 -4.35
C ASN B 245 39.90 24.23 -4.89
N LEU B 246 39.72 25.08 -5.89
CA LEU B 246 38.41 25.29 -6.50
C LEU B 246 38.44 24.79 -7.93
N VAL B 247 37.51 23.91 -8.25
CA VAL B 247 37.30 23.42 -9.62
C VAL B 247 36.04 24.10 -10.12
N ALA B 248 36.21 25.22 -10.82
CA ALA B 248 35.11 26.09 -11.17
C ALA B 248 34.33 25.56 -12.37
N PRO B 249 33.05 25.89 -12.47
CA PRO B 249 32.29 25.53 -13.68
C PRO B 249 32.48 26.55 -14.79
N GLU B 250 32.45 26.04 -16.02
CA GLU B 250 32.45 26.88 -17.20
C GLU B 250 31.12 26.89 -17.93
N TYR B 251 30.28 25.89 -17.72
CA TYR B 251 29.00 25.79 -18.39
C TYR B 251 27.90 25.54 -17.37
N GLY B 252 26.71 26.02 -17.68
CA GLY B 252 25.54 25.77 -16.86
C GLY B 252 24.44 25.14 -17.68
N PHE B 253 23.72 24.22 -17.05
CA PHE B 253 22.70 23.44 -17.74
C PHE B 253 21.33 24.04 -17.44
N LYS B 254 20.66 24.52 -18.47
CA LYS B 254 19.35 25.16 -18.35
C LYS B 254 18.27 24.19 -18.76
N ILE B 255 17.23 24.07 -17.95
CA ILE B 255 16.13 23.14 -18.21
C ILE B 255 15.23 23.76 -19.28
N SER B 256 15.26 23.19 -20.49
CA SER B 256 14.50 23.71 -21.60
C SER B 256 13.12 23.09 -21.71
N LYS B 257 13.03 21.77 -21.64
CA LYS B 257 11.75 21.07 -21.71
C LYS B 257 11.56 20.17 -20.50
N ARG B 258 10.36 20.19 -19.95
CA ARG B 258 9.99 19.37 -18.81
C ARG B 258 8.94 18.36 -19.23
N GLY B 259 8.76 17.33 -18.41
CA GLY B 259 7.78 16.31 -18.70
C GLY B 259 7.98 15.08 -17.85
N SER B 260 7.58 13.94 -18.40
CA SER B 260 7.71 12.66 -17.73
C SER B 260 8.75 11.82 -18.46
N SER B 261 9.75 11.35 -17.72
CA SER B 261 10.84 10.58 -18.28
C SER B 261 11.35 9.62 -17.20
N GLY B 262 12.51 9.05 -17.42
CA GLY B 262 13.11 8.17 -16.44
C GLY B 262 14.42 7.62 -16.94
N ILE B 263 15.12 6.92 -16.04
CA ILE B 263 16.36 6.25 -16.35
C ILE B 263 16.09 4.75 -16.35
N MET B 264 16.39 4.11 -17.47
CA MET B 264 16.16 2.68 -17.64
C MET B 264 17.50 1.99 -17.76
N LYS B 265 17.75 1.02 -16.88
CA LYS B 265 19.04 0.36 -16.77
C LYS B 265 19.06 -0.86 -17.68
N THR B 266 19.74 -0.75 -18.83
CA THR B 266 19.89 -1.84 -19.78
C THR B 266 21.34 -1.98 -20.18
N GLU B 267 21.62 -3.06 -20.91
CA GLU B 267 22.92 -3.32 -21.52
C GLU B 267 22.78 -3.40 -23.03
N GLY B 268 21.73 -2.79 -23.56
CA GLY B 268 21.41 -2.95 -24.97
C GLY B 268 21.70 -1.74 -25.82
N THR B 269 21.20 -1.76 -27.06
CA THR B 269 21.47 -0.74 -28.05
C THR B 269 20.17 -0.34 -28.74
N LEU B 270 20.04 0.95 -29.02
CA LEU B 270 18.84 1.45 -29.68
C LEU B 270 18.67 0.83 -31.06
N GLU B 271 17.44 0.46 -31.39
CA GLU B 271 17.10 -0.05 -32.71
C GLU B 271 15.96 0.77 -33.29
N ASN B 272 15.58 0.44 -34.52
CA ASN B 272 14.64 1.25 -35.28
C ASN B 272 13.23 0.70 -35.15
N CYS B 273 12.45 1.31 -34.27
CA CYS B 273 11.02 1.07 -34.18
C CYS B 273 10.38 2.17 -33.34
N GLU B 274 9.05 2.19 -33.35
CA GLU B 274 8.28 3.11 -32.52
C GLU B 274 7.47 2.29 -31.51
N THR B 275 7.14 2.93 -30.39
CA THR B 275 6.32 2.27 -29.38
C THR B 275 5.67 3.33 -28.50
N LYS B 276 4.75 2.88 -27.67
CA LYS B 276 4.11 3.74 -26.67
C LYS B 276 4.27 3.21 -25.26
N CYS B 277 4.82 2.01 -25.09
CA CYS B 277 5.16 1.47 -23.78
C CYS B 277 6.49 0.75 -23.91
N GLN B 278 7.40 1.00 -22.98
CA GLN B 278 8.75 0.44 -23.04
C GLN B 278 9.12 -0.23 -21.73
N THR B 279 9.74 -1.40 -21.85
CA THR B 279 10.26 -2.17 -20.73
C THR B 279 11.73 -2.48 -21.00
N PRO B 280 12.51 -2.80 -19.97
CA PRO B 280 13.93 -3.08 -20.19
C PRO B 280 14.19 -4.26 -21.10
N LEU B 281 13.23 -5.18 -21.26
CA LEU B 281 13.40 -6.29 -22.17
C LEU B 281 12.84 -6.02 -23.56
N GLY B 282 11.84 -5.15 -23.69
CA GLY B 282 11.30 -4.86 -25.00
C GLY B 282 10.02 -4.06 -24.90
N ALA B 283 9.51 -3.69 -26.07
CA ALA B 283 8.31 -2.88 -26.18
C ALA B 283 7.06 -3.75 -26.16
N ILE B 284 5.94 -3.13 -25.82
CA ILE B 284 4.66 -3.81 -25.70
C ILE B 284 3.65 -3.11 -26.59
N ASN B 285 3.01 -3.87 -27.48
CA ASN B 285 1.97 -3.36 -28.37
C ASN B 285 0.69 -4.13 -28.04
N THR B 286 -0.07 -3.60 -27.08
CA THR B 286 -1.23 -4.31 -26.58
C THR B 286 -2.30 -3.31 -26.16
N THR B 287 -3.50 -3.83 -25.94
CA THR B 287 -4.63 -3.04 -25.46
C THR B 287 -5.29 -3.64 -24.24
N LEU B 288 -4.86 -4.82 -23.79
CA LEU B 288 -5.41 -5.45 -22.62
C LEU B 288 -4.93 -4.73 -21.36
N PRO B 289 -5.65 -4.89 -20.24
CA PRO B 289 -5.31 -4.13 -19.04
C PRO B 289 -4.28 -4.78 -18.12
N PHE B 290 -3.69 -5.91 -18.48
CA PHE B 290 -2.70 -6.55 -17.61
C PHE B 290 -1.53 -7.04 -18.45
N HIS B 291 -0.39 -7.20 -17.79
CA HIS B 291 0.79 -7.83 -18.39
C HIS B 291 1.68 -8.37 -17.28
N ASN B 292 2.62 -9.23 -17.68
CA ASN B 292 3.60 -9.77 -16.76
C ASN B 292 5.01 -9.78 -17.35
N VAL B 293 5.33 -8.77 -18.16
CA VAL B 293 6.64 -8.71 -18.80
C VAL B 293 7.70 -8.22 -17.84
N HIS B 294 7.55 -6.99 -17.33
CA HIS B 294 8.53 -6.40 -16.44
C HIS B 294 7.88 -5.31 -15.61
N PRO B 295 8.17 -5.23 -14.31
CA PRO B 295 7.55 -4.18 -13.49
C PRO B 295 7.97 -2.77 -13.87
N LEU B 296 9.22 -2.58 -14.29
CA LEU B 296 9.78 -1.24 -14.52
C LEU B 296 9.41 -0.80 -15.93
N THR B 297 8.29 -0.12 -16.05
CA THR B 297 7.79 0.34 -17.34
C THR B 297 7.92 1.86 -17.44
N ILE B 298 8.04 2.35 -18.67
CA ILE B 298 8.11 3.78 -18.95
C ILE B 298 7.08 4.09 -20.01
N GLY B 299 6.18 5.01 -19.71
CA GLY B 299 5.05 5.32 -20.57
C GLY B 299 3.75 4.75 -20.01
N GLU B 300 2.66 5.09 -20.69
CA GLU B 300 1.36 4.55 -20.30
C GLU B 300 1.29 3.08 -20.71
N CYS B 301 1.02 2.21 -19.74
CA CYS B 301 1.15 0.79 -19.93
C CYS B 301 0.07 0.09 -19.13
N PRO B 302 -0.28 -1.15 -19.49
CA PRO B 302 -1.16 -1.95 -18.63
C PRO B 302 -0.50 -2.29 -17.31
N LYS B 303 -1.34 -2.66 -16.35
CA LYS B 303 -0.89 -3.01 -15.00
C LYS B 303 -0.03 -4.27 -15.03
N TYR B 304 0.86 -4.37 -14.04
CA TYR B 304 1.74 -5.51 -13.91
C TYR B 304 1.24 -6.41 -12.79
N VAL B 305 1.09 -7.70 -13.10
CA VAL B 305 0.68 -8.70 -12.12
C VAL B 305 1.60 -9.90 -12.23
N LYS B 306 1.76 -10.60 -11.12
CA LYS B 306 2.58 -11.81 -11.07
C LYS B 306 1.66 -13.03 -11.25
N SER B 307 1.17 -13.17 -12.47
CA SER B 307 0.25 -14.24 -12.84
C SER B 307 0.67 -14.81 -14.18
N GLU B 308 0.30 -16.07 -14.42
CA GLU B 308 0.62 -16.73 -15.66
C GLU B 308 -0.59 -16.98 -16.54
N LYS B 309 -1.81 -16.78 -16.04
CA LYS B 309 -3.01 -17.07 -16.81
C LYS B 309 -4.18 -16.30 -16.22
N LEU B 310 -4.76 -15.39 -17.01
CA LEU B 310 -5.93 -14.61 -16.64
C LEU B 310 -6.87 -14.63 -17.84
N VAL B 311 -7.78 -15.60 -17.88
CA VAL B 311 -8.69 -15.79 -19.00
C VAL B 311 -10.12 -15.59 -18.52
N LEU B 312 -10.85 -14.75 -19.23
CA LEU B 312 -12.24 -14.44 -18.93
C LEU B 312 -13.14 -15.23 -19.87
N ALA B 313 -14.16 -15.87 -19.32
CA ALA B 313 -15.07 -16.68 -20.13
C ALA B 313 -16.18 -15.82 -20.69
N THR B 314 -16.32 -15.82 -22.01
CA THR B 314 -17.37 -15.07 -22.69
C THR B 314 -18.29 -15.98 -23.48
N GLY B 315 -18.31 -17.27 -23.16
CA GLY B 315 -19.08 -18.23 -23.90
C GLY B 315 -19.51 -19.37 -22.99
N LEU B 316 -20.16 -20.36 -23.58
CA LEU B 316 -20.76 -21.42 -22.80
C LEU B 316 -19.77 -22.54 -22.53
N ARG B 317 -20.18 -23.47 -21.69
CA ARG B 317 -19.37 -24.64 -21.38
C ARG B 317 -19.49 -25.66 -22.49
N ASN B 318 -18.37 -26.20 -22.93
CA ASN B 318 -18.33 -27.09 -24.08
C ASN B 318 -18.51 -28.53 -23.61
N VAL B 319 -19.75 -28.98 -23.62
CA VAL B 319 -20.10 -30.36 -23.33
C VAL B 319 -20.80 -30.93 -24.56
N PRO B 320 -20.07 -31.59 -25.44
CA PRO B 320 -20.67 -32.09 -26.68
C PRO B 320 -21.58 -33.28 -26.43
N GLN B 321 -22.54 -33.45 -27.33
CA GLN B 321 -23.51 -34.53 -27.20
C GLN B 321 -22.96 -35.84 -27.74
N ILE B 331 -33.05 -36.77 -31.39
CA ILE B 331 -32.23 -35.68 -30.91
C ILE B 331 -32.76 -35.19 -29.57
N ALA B 332 -31.85 -34.96 -28.62
CA ALA B 332 -32.20 -34.55 -27.27
C ALA B 332 -32.04 -33.04 -27.14
N GLY B 333 -32.20 -32.55 -25.91
CA GLY B 333 -32.09 -31.13 -25.65
C GLY B 333 -30.93 -30.80 -24.73
N PHE B 334 -31.07 -29.73 -23.95
CA PHE B 334 -29.96 -29.27 -23.12
C PHE B 334 -29.65 -30.19 -21.95
N ILE B 335 -30.53 -31.16 -21.65
CA ILE B 335 -30.25 -32.10 -20.57
C ILE B 335 -29.08 -33.01 -20.92
N GLU B 336 -28.98 -33.41 -22.18
CA GLU B 336 -27.90 -34.30 -22.59
C GLU B 336 -26.60 -33.54 -22.81
N GLY B 337 -26.65 -32.47 -23.60
CA GLY B 337 -25.45 -31.70 -23.86
C GLY B 337 -25.72 -30.64 -24.92
N GLY B 338 -24.62 -30.10 -25.43
CA GLY B 338 -24.71 -29.07 -26.45
C GLY B 338 -24.95 -29.63 -27.84
N TRP B 339 -25.19 -28.71 -28.77
CA TRP B 339 -25.42 -29.03 -30.17
C TRP B 339 -24.28 -28.46 -30.99
N GLN B 340 -23.76 -29.25 -31.94
CA GLN B 340 -22.70 -28.80 -32.83
C GLN B 340 -23.22 -28.40 -34.20
N GLY B 341 -24.53 -28.19 -34.32
CA GLY B 341 -25.10 -27.83 -35.60
C GLY B 341 -25.90 -26.54 -35.54
N MET B 342 -26.01 -25.96 -34.35
CA MET B 342 -26.73 -24.71 -34.18
C MET B 342 -25.76 -23.53 -34.24
N VAL B 343 -25.09 -23.39 -35.39
CA VAL B 343 -24.14 -22.28 -35.58
C VAL B 343 -24.95 -21.13 -36.16
N ASP B 344 -25.70 -20.47 -35.28
CA ASP B 344 -26.29 -19.17 -35.56
C ASP B 344 -26.28 -18.24 -34.36
N GLY B 345 -26.04 -18.75 -33.16
CA GLY B 345 -26.12 -17.99 -31.93
C GLY B 345 -25.72 -18.82 -30.74
N TRP B 346 -26.40 -18.63 -29.60
CA TRP B 346 -26.08 -19.34 -28.37
C TRP B 346 -27.22 -20.23 -27.90
N TYR B 347 -28.44 -19.70 -27.80
CA TYR B 347 -29.61 -20.46 -27.39
C TYR B 347 -30.59 -20.51 -28.55
N GLY B 348 -31.16 -21.69 -28.79
CA GLY B 348 -32.03 -21.87 -29.92
C GLY B 348 -32.94 -23.07 -29.77
N TYR B 349 -33.57 -23.43 -30.88
CA TYR B 349 -34.57 -24.49 -30.93
C TYR B 349 -34.16 -25.56 -31.94
N HIS B 350 -35.02 -26.56 -32.10
CA HIS B 350 -34.85 -27.58 -33.13
C HIS B 350 -36.22 -28.21 -33.39
N HIS B 351 -36.85 -27.82 -34.50
CA HIS B 351 -38.15 -28.37 -34.85
C HIS B 351 -38.02 -29.65 -35.66
N SER B 352 -39.02 -30.52 -35.56
CA SER B 352 -38.98 -31.81 -36.22
C SER B 352 -40.35 -32.17 -36.78
N ASN B 353 -41.02 -31.22 -37.41
CA ASN B 353 -42.34 -31.49 -37.95
C ASN B 353 -42.25 -32.27 -39.27
N ASP B 354 -43.40 -32.49 -39.89
CA ASP B 354 -43.44 -33.29 -41.13
C ASP B 354 -42.72 -32.57 -42.27
N GLN B 355 -42.95 -31.26 -42.42
CA GLN B 355 -42.36 -30.51 -43.52
C GLN B 355 -41.08 -29.79 -43.07
N GLY B 356 -40.08 -30.58 -42.69
CA GLY B 356 -38.79 -30.01 -42.35
C GLY B 356 -38.22 -30.44 -41.02
N SER B 357 -36.90 -30.27 -40.87
CA SER B 357 -36.22 -30.62 -39.63
C SER B 357 -34.92 -29.81 -39.57
N GLY B 358 -34.91 -28.75 -38.76
CA GLY B 358 -33.76 -27.87 -38.72
C GLY B 358 -33.61 -27.15 -37.40
N TYR B 359 -32.48 -26.44 -37.28
CA TYR B 359 -32.13 -25.68 -36.10
C TYR B 359 -32.55 -24.22 -36.30
N ALA B 360 -32.34 -23.43 -35.25
CA ALA B 360 -32.63 -21.99 -35.27
C ALA B 360 -31.96 -21.37 -34.06
N ALA B 361 -32.11 -20.05 -33.92
CA ALA B 361 -31.57 -19.33 -32.79
C ALA B 361 -32.60 -18.34 -32.28
N ASP B 362 -32.60 -18.13 -30.97
CA ASP B 362 -33.49 -17.15 -30.34
C ASP B 362 -32.74 -15.83 -30.24
N LYS B 363 -33.18 -14.85 -31.02
CA LYS B 363 -32.40 -13.61 -31.14
C LYS B 363 -32.44 -12.79 -29.86
N GLU B 364 -33.59 -12.73 -29.19
CA GLU B 364 -33.74 -11.85 -28.04
C GLU B 364 -32.85 -12.28 -26.89
N SER B 365 -32.93 -13.55 -26.50
CA SER B 365 -32.12 -14.04 -25.38
C SER B 365 -30.63 -13.97 -25.69
N THR B 366 -30.26 -14.33 -26.91
CA THR B 366 -28.86 -14.27 -27.31
C THR B 366 -28.34 -12.83 -27.26
N GLN B 367 -29.13 -11.87 -27.74
CA GLN B 367 -28.70 -10.48 -27.70
C GLN B 367 -28.58 -9.98 -26.27
N LYS B 368 -29.53 -10.35 -25.40
CA LYS B 368 -29.44 -9.92 -24.01
C LYS B 368 -28.19 -10.47 -23.35
N ALA B 369 -27.91 -11.76 -23.52
CA ALA B 369 -26.73 -12.35 -22.93
C ALA B 369 -25.45 -11.75 -23.51
N PHE B 370 -25.45 -11.49 -24.82
CA PHE B 370 -24.28 -10.90 -25.46
C PHE B 370 -23.99 -9.52 -24.89
N ASP B 371 -25.03 -8.70 -24.74
CA ASP B 371 -24.84 -7.37 -24.17
C ASP B 371 -24.34 -7.46 -22.73
N GLY B 372 -24.89 -8.39 -21.95
CA GLY B 372 -24.44 -8.54 -20.57
C GLY B 372 -22.98 -8.93 -20.48
N ILE B 373 -22.56 -9.89 -21.29
CA ILE B 373 -21.17 -10.34 -21.23
C ILE B 373 -20.23 -9.25 -21.72
N THR B 374 -20.61 -8.53 -22.78
CA THR B 374 -19.77 -7.43 -23.25
C THR B 374 -19.64 -6.35 -22.18
N ASN B 375 -20.74 -6.04 -21.49
CA ASN B 375 -20.70 -5.04 -20.44
C ASN B 375 -19.81 -5.49 -19.30
N LYS B 376 -19.87 -6.77 -18.94
CA LYS B 376 -19.02 -7.27 -17.86
C LYS B 376 -17.55 -7.18 -18.23
N VAL B 377 -17.21 -7.57 -19.46
CA VAL B 377 -15.81 -7.50 -19.90
C VAL B 377 -15.33 -6.06 -19.90
N ASN B 378 -16.14 -5.13 -20.40
CA ASN B 378 -15.75 -3.73 -20.40
C ASN B 378 -15.58 -3.20 -18.99
N SER B 379 -16.49 -3.55 -18.08
CA SER B 379 -16.41 -3.04 -16.71
C SER B 379 -15.17 -3.54 -16.01
N VAL B 380 -14.82 -4.81 -16.20
CA VAL B 380 -13.58 -5.31 -15.62
C VAL B 380 -12.37 -4.65 -16.27
N ILE B 381 -12.46 -4.35 -17.57
CA ILE B 381 -11.32 -3.76 -18.28
C ILE B 381 -11.28 -2.25 -18.07
N GLU B 382 -12.38 -1.55 -18.34
CA GLU B 382 -12.42 -0.10 -18.27
C GLU B 382 -12.70 0.40 -16.85
N LYS B 383 -11.94 -0.10 -15.90
CA LYS B 383 -12.03 0.37 -14.51
C LYS B 383 -10.67 0.65 -13.89
N MET B 384 -9.58 0.30 -14.56
CA MET B 384 -8.25 0.50 -14.02
C MET B 384 -7.63 1.75 -14.63
N ASN B 385 -7.11 2.62 -13.79
CA ASN B 385 -6.54 3.89 -14.22
C ASN B 385 -5.03 3.85 -13.97
N THR B 386 -4.26 3.89 -15.05
CA THR B 386 -2.80 3.90 -14.99
C THR B 386 -2.27 5.18 -15.62
N GLN B 387 -1.41 5.88 -14.87
CA GLN B 387 -0.78 7.10 -15.36
C GLN B 387 0.54 6.74 -16.03
N PHE B 388 1.39 7.75 -16.27
CA PHE B 388 2.70 7.50 -16.86
C PHE B 388 3.50 6.52 -16.02
N GLU B 389 3.81 6.90 -14.78
CA GLU B 389 4.40 6.00 -13.78
C GLU B 389 5.70 5.38 -14.27
N ALA B 390 6.69 6.24 -14.49
CA ALA B 390 8.04 5.80 -14.84
C ALA B 390 8.81 5.48 -13.56
N VAL B 391 8.45 4.36 -12.95
CA VAL B 391 8.98 3.95 -11.66
C VAL B 391 10.45 3.61 -11.78
N GLY B 392 11.14 3.51 -10.64
CA GLY B 392 12.55 3.25 -10.63
C GLY B 392 13.35 4.36 -9.98
N LYS B 393 13.88 4.10 -8.78
CA LYS B 393 14.63 5.08 -8.02
C LYS B 393 15.92 4.45 -7.50
N GLU B 394 16.91 5.29 -7.26
CA GLU B 394 18.23 4.84 -6.82
C GLU B 394 18.52 5.37 -5.42
N PHE B 395 19.11 4.52 -4.58
CA PHE B 395 19.47 4.86 -3.23
C PHE B 395 20.93 4.52 -2.98
N SER B 396 21.55 5.28 -2.09
CA SER B 396 22.98 5.12 -1.82
C SER B 396 23.20 3.98 -0.83
N ASN B 397 24.47 3.77 -0.45
CA ASN B 397 24.82 2.68 0.44
C ASN B 397 24.55 2.98 1.91
N LEU B 398 24.29 4.23 2.27
CA LEU B 398 23.91 4.60 3.61
C LEU B 398 22.41 4.87 3.75
N GLU B 399 21.62 4.48 2.76
CA GLU B 399 20.17 4.68 2.74
C GLU B 399 19.46 3.35 2.52
N LYS B 400 19.89 2.33 3.28
CA LYS B 400 19.34 1.00 3.08
C LYS B 400 17.94 0.85 3.64
N ARG B 401 17.59 1.59 4.69
CA ARG B 401 16.24 1.54 5.23
C ARG B 401 15.23 2.10 4.23
N LEU B 402 15.58 3.21 3.58
CA LEU B 402 14.70 3.80 2.57
C LEU B 402 14.51 2.86 1.39
N GLU B 403 15.59 2.18 0.97
CA GLU B 403 15.49 1.22 -0.12
C GLU B 403 14.54 0.07 0.24
N ASN B 404 14.66 -0.45 1.45
CA ASN B 404 13.77 -1.52 1.88
C ASN B 404 12.33 -1.04 1.95
N LEU B 405 12.12 0.19 2.41
CA LEU B 405 10.77 0.75 2.45
C LEU B 405 10.17 0.82 1.06
N ASN B 406 10.93 1.31 0.08
CA ASN B 406 10.45 1.39 -1.29
C ASN B 406 10.13 0.02 -1.85
N LYS B 407 11.03 -0.95 -1.62
CA LYS B 407 10.81 -2.30 -2.12
C LYS B 407 9.56 -2.91 -1.52
N LYS B 408 9.37 -2.75 -0.21
CA LYS B 408 8.22 -3.33 0.46
C LYS B 408 6.93 -2.70 -0.04
N MET B 409 6.93 -1.39 -0.25
CA MET B 409 5.71 -0.74 -0.75
C MET B 409 5.34 -1.26 -2.14
N GLU B 410 6.34 -1.35 -3.04
CA GLU B 410 6.05 -1.83 -4.38
C GLU B 410 5.57 -3.27 -4.37
N ASP B 411 6.23 -4.14 -3.59
CA ASP B 411 5.81 -5.53 -3.53
C ASP B 411 4.41 -5.67 -2.93
N GLY B 412 4.10 -4.90 -1.90
CA GLY B 412 2.77 -4.97 -1.31
C GLY B 412 1.68 -4.60 -2.30
N PHE B 413 1.90 -3.52 -3.06
CA PHE B 413 0.89 -3.15 -4.04
C PHE B 413 0.75 -4.20 -5.13
N LEU B 414 1.88 -4.78 -5.57
CA LEU B 414 1.80 -5.82 -6.59
C LEU B 414 1.01 -7.03 -6.10
N ASP B 415 1.28 -7.50 -4.87
CA ASP B 415 0.53 -8.63 -4.34
C ASP B 415 -0.96 -8.31 -4.20
N VAL B 416 -1.28 -7.11 -3.73
CA VAL B 416 -2.68 -6.73 -3.59
C VAL B 416 -3.38 -6.82 -4.94
N TRP B 417 -2.75 -6.26 -5.98
CA TRP B 417 -3.42 -6.21 -7.29
C TRP B 417 -3.50 -7.60 -7.92
N THR B 418 -2.48 -8.43 -7.73
CA THR B 418 -2.53 -9.79 -8.25
C THR B 418 -3.68 -10.57 -7.63
N TYR B 419 -3.82 -10.52 -6.31
CA TYR B 419 -4.92 -11.19 -5.65
C TYR B 419 -6.26 -10.66 -6.13
N ASN B 420 -6.38 -9.33 -6.25
CA ASN B 420 -7.62 -8.74 -6.71
C ASN B 420 -8.02 -9.29 -8.08
N ALA B 421 -7.09 -9.24 -9.04
CA ALA B 421 -7.42 -9.67 -10.39
C ALA B 421 -7.73 -11.16 -10.45
N GLU B 422 -6.93 -11.97 -9.77
CA GLU B 422 -7.15 -13.41 -9.80
C GLU B 422 -8.52 -13.77 -9.26
N LEU B 423 -8.87 -13.24 -8.08
CA LEU B 423 -10.16 -13.59 -7.50
C LEU B 423 -11.30 -13.01 -8.31
N LEU B 424 -11.13 -11.82 -8.91
CA LEU B 424 -12.19 -11.26 -9.73
C LEU B 424 -12.49 -12.15 -10.92
N VAL B 425 -11.45 -12.60 -11.62
CA VAL B 425 -11.68 -13.48 -12.77
C VAL B 425 -12.28 -14.81 -12.32
N LEU B 426 -11.79 -15.35 -11.21
CA LEU B 426 -12.29 -16.64 -10.72
C LEU B 426 -13.77 -16.57 -10.37
N MET B 427 -14.21 -15.48 -9.75
CA MET B 427 -15.62 -15.34 -9.42
C MET B 427 -16.47 -15.07 -10.67
N GLU B 428 -15.98 -14.21 -11.58
CA GLU B 428 -16.81 -13.85 -12.71
C GLU B 428 -16.97 -15.00 -13.69
N ASN B 429 -15.99 -15.89 -13.77
CA ASN B 429 -16.16 -17.08 -14.60
C ASN B 429 -17.29 -17.96 -14.08
N GLU B 430 -17.35 -18.16 -12.76
CA GLU B 430 -18.49 -18.84 -12.17
C GLU B 430 -19.78 -18.16 -12.52
N ARG B 431 -19.82 -16.83 -12.36
CA ARG B 431 -21.07 -16.11 -12.59
C ARG B 431 -21.54 -16.27 -14.02
N THR B 432 -20.64 -16.18 -15.01
CA THR B 432 -21.08 -16.31 -16.39
C THR B 432 -21.48 -17.75 -16.72
N LEU B 433 -20.74 -18.73 -16.21
CA LEU B 433 -21.06 -20.11 -16.49
C LEU B 433 -22.41 -20.50 -15.91
N ASP B 434 -22.77 -19.93 -14.75
CA ASP B 434 -24.11 -20.16 -14.20
C ASP B 434 -25.17 -19.32 -14.90
N PHE B 435 -24.79 -18.12 -15.37
CA PHE B 435 -25.72 -17.26 -16.07
C PHE B 435 -26.24 -17.95 -17.33
N HIS B 436 -25.36 -18.65 -18.04
CA HIS B 436 -25.77 -19.28 -19.30
C HIS B 436 -26.79 -20.39 -19.07
N ASP B 437 -26.52 -21.29 -18.13
CA ASP B 437 -27.47 -22.38 -17.93
C ASP B 437 -28.76 -21.89 -17.28
N SER B 438 -28.67 -20.82 -16.47
CA SER B 438 -29.90 -20.19 -15.99
C SER B 438 -30.73 -19.64 -17.15
N ASN B 439 -30.08 -19.04 -18.14
CA ASN B 439 -30.81 -18.53 -19.29
C ASN B 439 -31.46 -19.66 -20.09
N VAL B 440 -30.74 -20.77 -20.26
CA VAL B 440 -31.31 -21.91 -20.98
C VAL B 440 -32.54 -22.44 -20.25
N LYS B 441 -32.43 -22.59 -18.93
CA LYS B 441 -33.56 -23.08 -18.15
C LYS B 441 -34.73 -22.11 -18.18
N ASN B 442 -34.45 -20.81 -18.15
CA ASN B 442 -35.50 -19.82 -18.23
C ASN B 442 -36.23 -19.87 -19.57
N LEU B 443 -35.48 -20.05 -20.67
CA LEU B 443 -36.13 -20.20 -21.96
C LEU B 443 -37.01 -21.45 -22.00
N TYR B 444 -36.51 -22.55 -21.43
CA TYR B 444 -37.31 -23.77 -21.38
C TYR B 444 -38.60 -23.54 -20.59
N ASP B 445 -38.49 -22.86 -19.44
CA ASP B 445 -39.66 -22.60 -18.62
C ASP B 445 -40.65 -21.68 -19.33
N LYS B 446 -40.15 -20.67 -20.05
CA LYS B 446 -41.03 -19.79 -20.79
C LYS B 446 -41.79 -20.55 -21.86
N VAL B 447 -41.10 -21.42 -22.59
CA VAL B 447 -41.77 -22.22 -23.61
C VAL B 447 -42.81 -23.13 -22.98
N ARG B 448 -42.47 -23.76 -21.85
CA ARG B 448 -43.43 -24.64 -21.18
C ARG B 448 -44.66 -23.88 -20.71
N MET B 449 -44.46 -22.68 -20.13
CA MET B 449 -45.58 -21.90 -19.64
C MET B 449 -46.48 -21.47 -20.80
N GLN B 450 -45.89 -21.09 -21.93
CA GLN B 450 -46.68 -20.76 -23.10
C GLN B 450 -47.45 -21.97 -23.61
N LEU B 451 -46.84 -23.15 -23.63
CA LEU B 451 -47.48 -24.31 -24.25
C LEU B 451 -48.56 -24.91 -23.37
N ARG B 452 -48.40 -24.85 -22.05
CA ARG B 452 -49.41 -25.31 -21.08
C ARG B 452 -49.54 -26.83 -21.21
N ASP B 453 -50.75 -27.38 -21.23
CA ASP B 453 -50.96 -28.82 -21.24
C ASP B 453 -51.22 -29.38 -22.63
N ASN B 454 -51.06 -28.58 -23.68
CA ASN B 454 -51.23 -29.06 -25.04
C ASN B 454 -50.04 -29.89 -25.52
N VAL B 455 -49.00 -30.04 -24.70
CA VAL B 455 -47.78 -30.72 -25.08
C VAL B 455 -47.47 -31.79 -24.03
N LYS B 456 -46.35 -32.47 -24.23
CA LYS B 456 -45.95 -33.59 -23.38
C LYS B 456 -44.46 -33.47 -23.08
N GLU B 457 -44.11 -33.15 -21.84
CA GLU B 457 -42.71 -33.14 -21.45
C GLU B 457 -42.12 -34.54 -21.60
N LEU B 458 -40.90 -34.59 -22.14
CA LEU B 458 -40.23 -35.85 -22.39
C LEU B 458 -39.06 -36.12 -21.46
N GLY B 459 -38.63 -35.13 -20.68
CA GLY B 459 -37.57 -35.33 -19.72
C GLY B 459 -36.17 -35.07 -20.23
N ASN B 460 -35.98 -35.02 -21.55
CA ASN B 460 -34.69 -34.71 -22.14
C ASN B 460 -34.60 -33.28 -22.65
N GLY B 461 -35.60 -32.45 -22.36
CA GLY B 461 -35.64 -31.08 -22.84
C GLY B 461 -36.53 -30.85 -24.03
N CYS B 462 -37.29 -31.84 -24.47
CA CYS B 462 -38.09 -31.77 -25.68
C CYS B 462 -39.57 -31.81 -25.35
N PHE B 463 -40.38 -31.36 -26.31
CA PHE B 463 -41.82 -31.27 -26.16
C PHE B 463 -42.47 -31.96 -27.36
N GLU B 464 -43.50 -32.77 -27.10
CA GLU B 464 -44.21 -33.48 -28.15
C GLU B 464 -45.60 -32.87 -28.25
N PHE B 465 -45.94 -32.35 -29.43
CA PHE B 465 -47.21 -31.67 -29.63
C PHE B 465 -48.33 -32.67 -29.88
N TYR B 466 -49.50 -32.36 -29.34
CA TYR B 466 -50.68 -33.17 -29.59
C TYR B 466 -51.38 -32.77 -30.90
N HIS B 467 -51.44 -31.47 -31.18
CA HIS B 467 -51.94 -31.01 -32.46
C HIS B 467 -50.81 -30.94 -33.47
N LYS B 468 -51.13 -31.27 -34.72
CA LYS B 468 -50.14 -31.21 -35.79
C LYS B 468 -49.81 -29.76 -36.06
N CYS B 469 -48.57 -29.37 -35.77
CA CYS B 469 -48.13 -27.98 -35.86
C CYS B 469 -47.30 -27.79 -37.12
N ASP B 470 -47.70 -26.85 -37.97
CA ASP B 470 -46.99 -26.57 -39.20
C ASP B 470 -45.86 -25.58 -38.91
N ASN B 471 -45.20 -25.10 -39.96
CA ASN B 471 -44.07 -24.20 -39.78
C ASN B 471 -44.52 -22.86 -39.21
N GLU B 472 -45.70 -22.37 -39.62
CA GLU B 472 -46.20 -21.10 -39.10
C GLU B 472 -46.44 -21.18 -37.60
N CYS B 473 -47.01 -22.30 -37.13
CA CYS B 473 -47.26 -22.44 -35.70
C CYS B 473 -45.96 -22.58 -34.91
N MET B 474 -44.96 -23.26 -35.48
CA MET B 474 -43.65 -23.27 -34.84
C MET B 474 -43.06 -21.88 -34.76
N ASP B 475 -43.22 -21.08 -35.82
CA ASP B 475 -42.75 -19.70 -35.78
C ASP B 475 -43.46 -18.91 -34.71
N SER B 476 -44.77 -19.15 -34.55
CA SER B 476 -45.52 -18.47 -33.50
C SER B 476 -45.01 -18.86 -32.12
N VAL B 477 -44.70 -20.15 -31.93
CA VAL B 477 -44.17 -20.61 -30.65
C VAL B 477 -42.83 -19.95 -30.36
N LYS B 478 -41.97 -19.88 -31.37
CA LYS B 478 -40.66 -19.26 -31.19
C LYS B 478 -40.78 -17.77 -30.89
N ASN B 479 -41.67 -17.08 -31.60
CA ASN B 479 -41.83 -15.64 -31.40
C ASN B 479 -42.38 -15.33 -30.01
N GLY B 480 -43.47 -16.00 -29.63
CA GLY B 480 -44.11 -15.73 -28.36
C GLY B 480 -45.60 -15.51 -28.51
N THR B 481 -46.08 -15.53 -29.75
CA THR B 481 -47.51 -15.38 -30.04
C THR B 481 -48.16 -16.73 -30.30
N TYR B 482 -48.18 -17.58 -29.27
CA TYR B 482 -48.83 -18.87 -29.36
C TYR B 482 -50.29 -18.74 -28.93
N ASP B 483 -51.18 -19.32 -29.74
CA ASP B 483 -52.62 -19.21 -29.51
C ASP B 483 -53.10 -20.53 -28.90
N TYR B 484 -53.07 -20.58 -27.56
CA TYR B 484 -53.51 -21.78 -26.86
C TYR B 484 -54.97 -22.13 -27.11
N PRO B 485 -55.93 -21.21 -27.03
CA PRO B 485 -57.33 -21.63 -27.21
C PRO B 485 -57.63 -22.26 -28.56
N LYS B 486 -56.97 -21.81 -29.63
CA LYS B 486 -57.38 -22.24 -30.96
C LYS B 486 -56.94 -23.66 -31.26
N TYR B 487 -55.92 -24.16 -30.56
CA TYR B 487 -55.56 -25.57 -30.60
C TYR B 487 -56.06 -26.35 -29.40
N GLU B 488 -56.88 -25.74 -28.54
CA GLU B 488 -57.24 -26.37 -27.27
C GLU B 488 -58.11 -27.61 -27.48
N GLU B 489 -59.17 -27.48 -28.29
CA GLU B 489 -60.14 -28.56 -28.40
C GLU B 489 -59.52 -29.81 -29.02
N GLU B 490 -58.78 -29.66 -30.11
CA GLU B 490 -58.15 -30.82 -30.73
C GLU B 490 -57.14 -31.45 -29.78
N SER B 491 -56.41 -30.63 -29.04
CA SER B 491 -55.46 -31.15 -28.07
C SER B 491 -56.17 -31.98 -27.01
N LYS B 492 -57.31 -31.50 -26.52
CA LYS B 492 -58.07 -32.26 -25.53
C LYS B 492 -58.56 -33.59 -26.11
N LEU B 493 -59.10 -33.56 -27.33
CA LEU B 493 -59.59 -34.79 -27.95
C LEU B 493 -58.47 -35.80 -28.11
N ASN B 494 -57.28 -35.36 -28.54
CA ASN B 494 -56.19 -36.29 -28.72
C ASN B 494 -55.62 -36.76 -27.39
N ARG B 495 -55.62 -35.91 -26.37
CA ARG B 495 -55.04 -36.29 -25.09
C ARG B 495 -55.91 -37.29 -24.35
N ASN B 496 -57.23 -37.05 -24.33
CA ASN B 496 -58.13 -37.97 -23.62
C ASN B 496 -58.17 -39.34 -24.29
N GLU B 497 -57.98 -39.39 -25.60
CA GLU B 497 -57.98 -40.67 -26.31
C GLU B 497 -56.79 -41.53 -25.89
N ASP C 1 -62.28 -17.45 -10.45
CA ASP C 1 -61.50 -17.09 -9.28
C ASP C 1 -60.01 -17.17 -9.59
N GLN C 2 -59.27 -16.14 -9.20
CA GLN C 2 -57.86 -16.04 -9.57
C GLN C 2 -57.03 -15.62 -8.36
N ILE C 3 -55.78 -16.06 -8.35
CA ILE C 3 -54.76 -15.58 -7.43
C ILE C 3 -53.47 -15.40 -8.21
N CYS C 4 -52.76 -14.30 -7.96
CA CYS C 4 -51.55 -13.97 -8.69
C CYS C 4 -50.46 -13.57 -7.72
N ILE C 5 -49.21 -13.76 -8.13
CA ILE C 5 -48.04 -13.39 -7.35
C ILE C 5 -47.28 -12.32 -8.13
N GLY C 6 -46.97 -11.21 -7.46
CA GLY C 6 -46.27 -10.12 -8.12
C GLY C 6 -45.41 -9.30 -7.18
N TYR C 7 -44.98 -8.13 -7.63
CA TYR C 7 -44.13 -7.26 -6.81
C TYR C 7 -44.55 -5.80 -7.02
N HIS C 8 -43.83 -4.91 -6.35
CA HIS C 8 -44.23 -3.52 -6.15
C HIS C 8 -43.55 -2.61 -7.17
N ALA C 9 -44.29 -1.62 -7.67
CA ALA C 9 -43.75 -0.61 -8.56
C ALA C 9 -44.22 0.76 -8.13
N ASN C 10 -43.43 1.77 -8.44
CA ASN C 10 -43.74 3.15 -8.07
C ASN C 10 -43.18 4.08 -9.15
N ASN C 11 -43.09 5.37 -8.82
CA ASN C 11 -42.62 6.39 -9.76
C ASN C 11 -41.22 6.89 -9.43
N SER C 12 -40.36 6.00 -8.90
CA SER C 12 -39.02 6.39 -8.55
C SER C 12 -38.18 6.63 -9.80
N THR C 13 -37.05 7.32 -9.60
CA THR C 13 -36.14 7.68 -10.68
C THR C 13 -34.70 7.23 -10.42
N GLU C 14 -34.33 6.97 -9.16
CA GLU C 14 -32.96 6.65 -8.81
C GLU C 14 -32.45 5.46 -9.62
N LYS C 15 -31.21 5.58 -10.10
CA LYS C 15 -30.59 4.56 -10.91
C LYS C 15 -29.36 3.99 -10.19
N ILE C 16 -29.06 2.73 -10.49
CA ILE C 16 -27.90 2.04 -9.94
C ILE C 16 -27.15 1.40 -11.08
N ASP C 17 -25.90 1.05 -10.81
CA ASP C 17 -25.06 0.36 -11.78
C ASP C 17 -24.73 -1.02 -11.26
N THR C 18 -24.96 -2.03 -12.08
CA THR C 18 -24.56 -3.40 -11.80
C THR C 18 -23.39 -3.77 -12.69
N ILE C 19 -22.97 -5.04 -12.61
CA ILE C 19 -21.84 -5.50 -13.40
C ILE C 19 -22.27 -6.10 -14.73
N LEU C 20 -23.57 -6.26 -14.97
CA LEU C 20 -24.05 -6.78 -16.24
C LEU C 20 -24.84 -5.77 -17.05
N GLU C 21 -25.43 -4.76 -16.40
CA GLU C 21 -26.15 -3.71 -17.11
C GLU C 21 -25.88 -2.39 -16.43
N ARG C 22 -26.07 -1.32 -17.19
CA ARG C 22 -25.79 0.05 -16.73
C ARG C 22 -27.08 0.85 -16.70
N ASN C 23 -27.22 1.69 -15.68
CA ASN C 23 -28.39 2.56 -15.51
C ASN C 23 -29.68 1.75 -15.41
N VAL C 24 -29.78 0.98 -14.33
CA VAL C 24 -30.98 0.21 -14.03
C VAL C 24 -31.82 1.00 -13.03
N THR C 25 -33.06 1.30 -13.41
CA THR C 25 -33.96 2.01 -12.51
C THR C 25 -34.43 1.07 -11.39
N VAL C 26 -34.50 1.60 -10.17
CA VAL C 26 -34.83 0.82 -9.00
C VAL C 26 -35.89 1.56 -8.20
N THR C 27 -36.59 0.82 -7.35
CA THR C 27 -37.61 1.40 -6.49
C THR C 27 -36.98 2.19 -5.34
N HIS C 28 -36.14 1.53 -4.56
CA HIS C 28 -35.43 2.16 -3.45
C HIS C 28 -33.93 2.07 -3.70
N ALA C 29 -33.21 3.09 -3.23
CA ALA C 29 -31.77 3.12 -3.40
C ALA C 29 -31.15 3.90 -2.24
N LYS C 30 -29.87 3.63 -1.98
CA LYS C 30 -29.13 4.26 -0.91
C LYS C 30 -27.81 4.78 -1.47
N ASP C 31 -27.51 6.04 -1.18
CA ASP C 31 -26.26 6.66 -1.62
C ASP C 31 -25.23 6.54 -0.51
N ILE C 32 -24.04 6.08 -0.86
CA ILE C 32 -22.98 5.88 0.13
C ILE C 32 -21.77 6.75 -0.21
N LEU C 33 -22.03 7.89 -0.86
CA LEU C 33 -21.02 8.90 -1.16
C LEU C 33 -21.58 10.27 -0.84
N GLU C 34 -20.76 11.12 -0.23
CA GLU C 34 -21.16 12.48 0.13
C GLU C 34 -20.27 13.48 -0.59
N LYS C 35 -20.89 14.47 -1.22
CA LYS C 35 -20.18 15.41 -2.06
C LYS C 35 -20.45 16.87 -1.70
N THR C 36 -20.98 17.14 -0.51
CA THR C 36 -21.37 18.50 -0.13
C THR C 36 -20.58 18.96 1.09
N HIS C 37 -20.29 20.25 1.12
CA HIS C 37 -19.62 20.88 2.24
C HIS C 37 -20.11 22.33 2.34
N ASN C 38 -19.94 22.91 3.53
CA ASN C 38 -20.43 24.26 3.76
C ASN C 38 -19.43 25.35 3.37
N GLY C 39 -18.25 24.98 2.88
CA GLY C 39 -17.30 25.98 2.42
C GLY C 39 -16.79 26.92 3.48
N LYS C 40 -16.83 26.52 4.74
CA LYS C 40 -16.43 27.38 5.85
C LYS C 40 -15.49 26.63 6.78
N LEU C 41 -14.54 27.36 7.35
CA LEU C 41 -13.59 26.81 8.31
C LEU C 41 -14.15 26.99 9.71
N CYS C 42 -14.40 25.90 10.41
CA CYS C 42 -15.09 25.91 11.69
C CYS C 42 -14.17 25.47 12.82
N LYS C 43 -14.73 25.45 14.03
CA LYS C 43 -14.02 25.05 15.23
C LYS C 43 -14.21 23.56 15.45
N LEU C 44 -13.11 22.83 15.49
CA LEU C 44 -13.16 21.38 15.66
C LEU C 44 -13.49 21.06 17.11
N ASN C 45 -14.65 20.41 17.32
CA ASN C 45 -15.10 19.96 18.64
C ASN C 45 -15.30 21.10 19.62
N GLY C 46 -15.39 22.34 19.13
CA GLY C 46 -15.64 23.48 19.98
C GLY C 46 -14.43 24.28 20.39
N ILE C 47 -13.26 23.96 19.86
CA ILE C 47 -12.02 24.68 20.16
C ILE C 47 -11.57 25.39 18.90
N PRO C 48 -11.43 26.71 18.91
CA PRO C 48 -11.05 27.41 17.68
C PRO C 48 -9.63 27.06 17.27
N PRO C 49 -9.34 27.10 15.97
CA PRO C 49 -7.98 26.82 15.50
C PRO C 49 -7.06 28.02 15.71
N LEU C 50 -5.80 27.82 15.36
CA LEU C 50 -4.79 28.88 15.44
C LEU C 50 -4.68 29.55 14.09
N GLU C 51 -5.13 30.79 14.00
CA GLU C 51 -5.07 31.57 12.78
C GLU C 51 -3.75 32.31 12.75
N LEU C 52 -2.79 31.78 11.99
CA LEU C 52 -1.49 32.43 11.91
C LEU C 52 -1.52 33.68 11.04
N GLY C 53 -2.46 33.76 10.10
CA GLY C 53 -2.54 34.93 9.25
C GLY C 53 -1.45 34.90 8.22
N ASP C 54 -0.71 36.01 8.11
CA ASP C 54 0.40 36.12 7.18
C ASP C 54 1.73 35.72 7.81
N CYS C 55 1.71 34.90 8.84
CA CYS C 55 2.91 34.50 9.56
C CYS C 55 3.19 33.01 9.37
N SER C 56 4.47 32.67 9.37
CA SER C 56 4.91 31.28 9.33
C SER C 56 5.10 30.78 10.75
N ILE C 57 5.38 29.49 10.88
CA ILE C 57 5.66 28.91 12.18
C ILE C 57 6.96 29.47 12.74
N ALA C 58 7.94 29.69 11.87
CA ALA C 58 9.21 30.29 12.30
C ALA C 58 8.99 31.70 12.83
N GLY C 59 8.16 32.50 12.14
CA GLY C 59 7.89 33.84 12.62
C GLY C 59 7.17 33.86 13.95
N TRP C 60 6.21 32.94 14.13
CA TRP C 60 5.50 32.86 15.40
C TRP C 60 6.42 32.45 16.53
N LEU C 61 7.27 31.44 16.29
CA LEU C 61 8.11 30.90 17.36
C LEU C 61 9.35 31.74 17.62
N LEU C 62 9.73 32.60 16.69
CA LEU C 62 10.91 33.45 16.88
C LEU C 62 10.57 34.85 17.33
N GLY C 63 9.33 35.29 17.15
CA GLY C 63 8.92 36.61 17.59
C GLY C 63 9.06 37.68 16.53
N ASN C 64 8.49 37.42 15.36
CA ASN C 64 8.48 38.43 14.31
C ASN C 64 7.75 39.67 14.81
N PRO C 65 8.34 40.86 14.69
CA PRO C 65 7.70 42.04 15.28
C PRO C 65 6.31 42.32 14.75
N GLU C 66 6.02 41.91 13.51
CA GLU C 66 4.68 42.14 12.97
C GLU C 66 3.72 41.00 13.27
N CYS C 67 4.21 39.86 13.76
CA CYS C 67 3.35 38.82 14.32
C CYS C 67 3.31 38.94 15.84
N ASP C 68 2.90 40.10 16.31
CA ASP C 68 2.88 40.39 17.74
C ASP C 68 1.56 40.04 18.40
N ARG C 69 0.55 39.63 17.65
CA ARG C 69 -0.70 39.17 18.21
C ARG C 69 -0.64 37.72 18.67
N LEU C 70 0.47 37.02 18.40
CA LEU C 70 0.63 35.62 18.77
C LEU C 70 1.61 35.44 19.91
N LEU C 71 1.88 36.49 20.69
CA LEU C 71 2.81 36.38 21.80
C LEU C 71 2.28 35.45 22.89
N ARG C 72 0.96 35.43 23.10
CA ARG C 72 0.32 34.52 24.05
C ARG C 72 -0.89 33.94 23.35
N VAL C 73 -0.83 32.66 22.99
CA VAL C 73 -1.90 32.01 22.26
C VAL C 73 -2.55 30.94 23.12
N PRO C 74 -3.88 30.80 23.10
CA PRO C 74 -4.53 29.74 23.86
C PRO C 74 -4.55 28.41 23.12
N GLU C 75 -5.25 27.43 23.69
CA GLU C 75 -5.37 26.11 23.09
C GLU C 75 -5.90 26.19 21.67
N TRP C 76 -5.64 25.15 20.89
CA TRP C 76 -6.08 25.09 19.50
C TRP C 76 -6.36 23.64 19.11
N SER C 77 -7.14 23.49 18.04
CA SER C 77 -7.43 22.18 17.45
C SER C 77 -6.56 21.88 16.24
N TYR C 78 -6.31 22.88 15.40
CA TYR C 78 -5.43 22.71 14.25
C TYR C 78 -4.89 24.09 13.89
N ILE C 79 -3.87 24.09 13.03
CA ILE C 79 -3.17 25.31 12.63
C ILE C 79 -3.52 25.60 11.18
N MET C 80 -3.90 26.84 10.91
CA MET C 80 -4.15 27.31 9.55
C MET C 80 -3.03 28.25 9.14
N GLU C 81 -2.31 27.88 8.08
CA GLU C 81 -1.16 28.62 7.59
C GLU C 81 -1.28 28.83 6.10
N LYS C 82 -0.93 30.02 5.63
CA LYS C 82 -0.98 30.30 4.21
C LYS C 82 0.11 29.54 3.46
N GLU C 83 -0.12 29.34 2.16
CA GLU C 83 0.82 28.57 1.36
C GLU C 83 2.18 29.25 1.26
N ASN C 84 2.19 30.58 1.08
CA ASN C 84 3.42 31.35 1.01
C ASN C 84 3.32 32.51 2.00
N PRO C 85 3.61 32.27 3.27
CA PRO C 85 3.53 33.35 4.26
C PRO C 85 4.55 34.44 3.97
N ARG C 86 4.21 35.65 4.38
CA ARG C 86 5.02 36.81 4.03
C ARG C 86 5.83 37.36 5.20
N TYR C 87 5.44 37.05 6.44
CA TYR C 87 6.26 37.36 7.61
C TYR C 87 6.79 36.04 8.19
N SER C 88 7.96 35.61 7.70
CA SER C 88 8.58 34.39 8.21
C SER C 88 9.91 34.68 8.89
N LEU C 89 10.85 35.32 8.20
CA LEU C 89 12.17 35.60 8.74
C LEU C 89 12.60 36.95 8.18
N CYS C 90 12.41 38.00 8.98
CA CYS C 90 12.78 39.35 8.52
C CYS C 90 14.26 39.43 8.21
N TYR C 91 15.10 38.89 9.08
CA TYR C 91 16.51 38.73 8.77
C TYR C 91 16.70 37.50 7.93
N PRO C 92 17.31 37.60 6.75
CA PRO C 92 17.44 36.42 5.87
C PRO C 92 18.28 35.34 6.51
N GLY C 93 17.97 34.10 6.18
CA GLY C 93 18.70 32.98 6.75
C GLY C 93 17.96 31.68 6.52
N SER C 94 18.29 30.69 7.34
CA SER C 94 17.74 29.36 7.22
C SER C 94 17.35 28.83 8.58
N PHE C 95 16.42 27.87 8.57
CA PHE C 95 15.99 27.15 9.76
C PHE C 95 16.31 25.68 9.57
N ASN C 96 17.14 25.13 10.45
CA ASN C 96 17.55 23.74 10.35
C ASN C 96 16.47 22.82 10.87
N ASP C 97 16.20 21.75 10.13
CA ASP C 97 15.18 20.75 10.49
C ASP C 97 13.82 21.41 10.69
N TYR C 98 13.45 22.28 9.74
CA TYR C 98 12.19 22.99 9.82
C TYR C 98 10.99 22.04 9.70
N GLU C 99 11.06 21.09 8.76
CA GLU C 99 9.95 20.17 8.55
C GLU C 99 9.75 19.23 9.72
N GLU C 100 10.84 18.85 10.40
CA GLU C 100 10.70 18.05 11.62
C GLU C 100 9.95 18.82 12.70
N LEU C 101 10.25 20.11 12.83
CA LEU C 101 9.52 20.94 13.78
C LEU C 101 8.03 21.04 13.41
N LYS C 102 7.75 21.20 12.13
CA LYS C 102 6.36 21.27 11.70
C LYS C 102 5.63 19.96 11.95
N HIS C 103 6.32 18.83 11.79
CA HIS C 103 5.72 17.53 12.11
C HIS C 103 5.48 17.40 13.61
N LEU C 104 6.42 17.86 14.43
CA LEU C 104 6.23 17.81 15.88
C LEU C 104 5.03 18.64 16.31
N LEU C 105 4.82 19.80 15.66
CA LEU C 105 3.69 20.64 16.01
C LEU C 105 2.35 19.98 15.68
N SER C 106 2.35 18.91 14.89
CA SER C 106 1.11 18.22 14.54
C SER C 106 0.60 17.32 15.64
N SER C 107 1.36 17.13 16.72
CA SER C 107 0.91 16.37 17.87
C SER C 107 0.87 17.22 19.14
N VAL C 108 0.89 18.53 19.02
CA VAL C 108 0.89 19.45 20.15
C VAL C 108 -0.32 20.36 20.03
N LYS C 109 -1.01 20.59 21.15
CA LYS C 109 -2.22 21.40 21.15
C LYS C 109 -2.15 22.60 22.09
N HIS C 110 -1.06 22.77 22.84
CA HIS C 110 -0.89 23.97 23.66
C HIS C 110 0.56 24.14 24.04
N PHE C 111 1.01 25.39 24.05
CA PHE C 111 2.38 25.75 24.41
C PHE C 111 2.31 26.77 25.54
N GLU C 112 3.18 26.62 26.54
CA GLU C 112 3.34 27.61 27.59
C GLU C 112 4.73 28.19 27.52
N LYS C 113 4.81 29.52 27.43
CA LYS C 113 6.08 30.21 27.25
C LYS C 113 6.70 30.52 28.61
N VAL C 114 7.92 30.03 28.83
CA VAL C 114 8.61 30.17 30.10
C VAL C 114 9.91 30.93 29.86
N LYS C 115 10.16 31.93 30.69
CA LYS C 115 11.40 32.71 30.62
C LYS C 115 12.53 31.89 31.24
N ILE C 116 13.46 31.43 30.42
CA ILE C 116 14.53 30.56 30.88
C ILE C 116 15.84 31.33 31.06
N LEU C 117 16.13 32.29 30.20
CA LEU C 117 17.34 33.09 30.28
C LEU C 117 16.96 34.57 30.20
N PRO C 118 16.78 35.22 31.34
CA PRO C 118 16.37 36.63 31.32
C PRO C 118 17.38 37.51 30.62
N LYS C 119 16.87 38.55 29.96
CA LYS C 119 17.69 39.43 29.14
C LYS C 119 18.64 40.27 29.97
N ASP C 120 18.34 40.51 31.24
CA ASP C 120 19.19 41.33 32.09
C ASP C 120 20.31 40.55 32.76
N ARG C 121 20.39 39.24 32.53
CA ARG C 121 21.47 38.46 33.11
C ARG C 121 22.79 38.66 32.38
N TRP C 122 22.74 39.08 31.11
CA TRP C 122 23.94 39.34 30.33
C TRP C 122 24.46 40.73 30.70
N THR C 123 25.13 40.79 31.84
CA THR C 123 25.62 42.05 32.38
C THR C 123 26.98 42.45 31.81
N GLN C 124 27.56 41.64 30.95
CA GLN C 124 28.88 41.92 30.39
C GLN C 124 28.84 42.18 28.88
N HIS C 125 27.69 42.06 28.24
CA HIS C 125 27.56 42.27 26.80
C HIS C 125 26.50 43.33 26.56
N THR C 126 26.26 43.63 25.29
CA THR C 126 25.23 44.55 24.86
C THR C 126 24.07 43.76 24.26
N THR C 127 22.86 44.04 24.75
CA THR C 127 21.68 43.25 24.39
C THR C 127 20.60 44.11 23.75
N THR C 128 20.98 45.13 22.99
CA THR C 128 20.02 46.02 22.33
C THR C 128 20.22 46.06 20.81
N GLY C 129 20.83 45.03 20.24
CA GLY C 129 21.07 45.04 18.81
C GLY C 129 19.79 44.97 18.00
N GLY C 130 19.83 45.58 16.82
CA GLY C 130 18.69 45.57 15.93
C GLY C 130 19.13 45.78 14.50
N SER C 131 18.19 45.52 13.58
CA SER C 131 18.46 45.64 12.16
C SER C 131 17.25 46.29 11.49
N MET C 132 17.50 46.90 10.34
CA MET C 132 16.43 47.54 9.58
C MET C 132 15.52 46.53 8.87
N ALA C 133 15.95 45.27 8.75
CA ALA C 133 15.09 44.26 8.16
C ALA C 133 13.89 43.94 9.03
N CYS C 134 14.07 43.99 10.36
CA CYS C 134 12.99 43.83 11.32
C CYS C 134 12.78 45.18 11.98
N ALA C 135 11.96 46.02 11.33
CA ALA C 135 11.79 47.40 11.76
C ALA C 135 10.34 47.64 12.22
N VAL C 136 10.20 48.36 13.32
CA VAL C 136 8.91 48.80 13.81
C VAL C 136 8.92 50.33 13.89
N SER C 137 7.88 50.96 13.32
CA SER C 137 7.74 52.41 13.32
C SER C 137 8.97 53.10 12.71
N GLY C 138 9.68 52.40 11.84
CA GLY C 138 10.87 52.91 11.19
C GLY C 138 12.18 52.61 11.90
N LYS C 139 12.18 52.67 13.24
CA LYS C 139 13.40 52.42 13.98
C LYS C 139 13.77 50.93 13.94
N PRO C 140 15.06 50.61 14.01
CA PRO C 140 15.46 49.19 13.99
C PRO C 140 14.97 48.44 15.20
N SER C 141 14.71 47.15 15.02
CA SER C 141 14.26 46.27 16.07
C SER C 141 14.76 44.86 15.78
N PHE C 142 14.30 43.89 16.56
CA PHE C 142 14.73 42.51 16.41
C PHE C 142 13.61 41.58 16.84
N PHE C 143 13.87 40.28 16.73
CA PHE C 143 12.93 39.28 17.19
C PHE C 143 12.66 39.46 18.69
N ARG C 144 11.43 39.22 19.09
CA ARG C 144 11.01 39.48 20.46
C ARG C 144 11.27 38.32 21.41
N ASN C 145 11.64 37.15 20.89
CA ASN C 145 11.95 36.00 21.73
C ASN C 145 13.43 35.65 21.74
N MET C 146 14.28 36.46 21.10
CA MET C 146 15.70 36.21 21.03
C MET C 146 16.47 37.45 21.42
N VAL C 147 17.71 37.25 21.84
CA VAL C 147 18.61 38.33 22.23
C VAL C 147 19.86 38.25 21.36
N TRP C 148 20.30 39.41 20.87
CA TRP C 148 21.51 39.53 20.07
C TRP C 148 22.61 40.10 20.97
N LEU C 149 23.67 39.33 21.18
CA LEU C 149 24.74 39.73 22.07
C LEU C 149 25.85 40.41 21.27
N THR C 150 26.26 41.59 21.76
CA THR C 150 27.21 42.45 21.07
C THR C 150 28.19 42.99 22.10
N THR C 151 29.39 43.36 21.64
CA THR C 151 30.43 43.86 22.53
C THR C 151 29.95 45.06 23.33
N LYS C 152 30.26 45.05 24.62
CA LYS C 152 30.10 46.21 25.49
C LYS C 152 31.47 46.85 25.63
N GLY C 153 31.64 48.03 25.06
CA GLY C 153 32.96 48.61 24.93
C GLY C 153 33.76 47.85 23.91
N PRO C 154 35.08 48.03 23.92
CA PRO C 154 35.95 47.33 22.97
C PRO C 154 36.43 45.96 23.47
N ASN C 155 35.50 45.15 23.96
CA ASN C 155 35.84 43.81 24.43
C ASN C 155 34.59 42.96 24.46
N TYR C 156 34.78 41.65 24.35
CA TYR C 156 33.68 40.68 24.29
C TYR C 156 34.07 39.46 25.10
N PRO C 157 33.61 39.36 26.34
CA PRO C 157 33.94 38.18 27.17
C PRO C 157 33.22 36.94 26.66
N VAL C 158 33.63 35.80 27.21
CA VAL C 158 32.97 34.54 26.90
C VAL C 158 31.59 34.54 27.53
N ALA C 159 30.56 34.23 26.74
CA ALA C 159 29.19 34.25 27.18
C ALA C 159 28.78 32.85 27.59
N GLN C 160 28.39 32.69 28.85
CA GLN C 160 27.99 31.39 29.38
C GLN C 160 26.60 31.49 30.00
N GLY C 161 25.77 30.49 29.72
CA GLY C 161 24.44 30.44 30.28
C GLY C 161 23.95 29.00 30.32
N SER C 162 23.08 28.72 31.28
CA SER C 162 22.57 27.36 31.46
C SER C 162 21.15 27.43 32.00
N TYR C 163 20.41 26.35 31.76
CA TYR C 163 19.05 26.23 32.27
C TYR C 163 18.76 24.77 32.58
N ASN C 164 18.14 24.52 33.72
CA ASN C 164 17.76 23.18 34.15
C ASN C 164 16.25 23.06 34.07
N ASN C 165 15.77 22.06 33.33
CA ASN C 165 14.35 21.92 33.01
C ASN C 165 13.62 21.37 34.21
N THR C 166 13.18 22.27 35.09
CA THR C 166 12.37 21.94 36.25
C THR C 166 10.94 22.45 36.07
N SER C 167 10.43 22.37 34.85
CA SER C 167 9.13 22.95 34.52
C SER C 167 8.01 21.92 34.67
N GLY C 168 8.18 20.73 34.10
CA GLY C 168 7.18 19.69 34.26
C GLY C 168 6.87 18.92 33.00
N GLU C 169 7.42 19.35 31.87
CA GLU C 169 7.21 18.66 30.61
C GLU C 169 8.38 18.98 29.68
N GLN C 170 8.35 18.39 28.49
CA GLN C 170 9.39 18.64 27.51
C GLN C 170 9.36 20.09 27.05
N MET C 171 10.54 20.63 26.74
CA MET C 171 10.72 22.02 26.38
C MET C 171 11.33 22.12 24.99
N LEU C 172 10.95 23.17 24.26
CA LEU C 172 11.49 23.46 22.94
C LEU C 172 12.32 24.74 23.03
N ILE C 173 13.58 24.66 22.61
CA ILE C 173 14.52 25.77 22.71
C ILE C 173 15.11 26.04 21.33
N ILE C 174 15.15 27.31 20.94
CA ILE C 174 15.67 27.74 19.64
C ILE C 174 16.81 28.72 19.86
N TRP C 175 17.93 28.49 19.20
CA TRP C 175 19.05 29.42 19.19
C TRP C 175 19.47 29.67 17.75
N GLY C 176 20.48 30.52 17.57
CA GLY C 176 20.90 30.89 16.23
C GLY C 176 22.35 31.32 16.18
N VAL C 177 22.88 31.32 14.96
CA VAL C 177 24.26 31.70 14.68
C VAL C 177 24.25 32.75 13.57
N HIS C 178 25.03 33.81 13.74
CA HIS C 178 25.09 34.91 12.79
C HIS C 178 26.26 34.73 11.84
N HIS C 179 25.99 34.87 10.54
CA HIS C 179 27.00 34.75 9.50
C HIS C 179 27.18 36.10 8.82
N PRO C 180 28.21 36.87 9.17
CA PRO C 180 28.34 38.22 8.61
C PRO C 180 28.74 38.25 7.15
N ASN C 181 28.82 39.46 6.59
CA ASN C 181 29.13 39.69 5.20
C ASN C 181 30.62 39.95 4.96
N ASP C 182 31.25 40.75 5.81
CA ASP C 182 32.64 41.13 5.63
C ASP C 182 33.36 41.07 6.97
N GLU C 183 34.68 41.20 6.91
CA GLU C 183 35.49 41.19 8.12
C GLU C 183 35.24 42.42 8.98
N ALA C 184 34.99 43.56 8.34
CA ALA C 184 34.76 44.80 9.09
C ALA C 184 33.50 44.69 9.95
N GLU C 185 32.45 44.08 9.43
CA GLU C 185 31.21 43.95 10.20
C GLU C 185 31.41 42.98 11.37
N GLN C 186 32.20 41.93 11.17
CA GLN C 186 32.54 41.03 12.27
C GLN C 186 33.33 41.76 13.35
N ARG C 187 34.31 42.58 12.96
CA ARG C 187 35.12 43.29 13.93
C ARG C 187 34.36 44.41 14.62
N ALA C 188 33.40 45.04 13.94
CA ALA C 188 32.62 46.12 14.51
C ALA C 188 31.48 45.62 15.37
N LEU C 189 31.30 44.31 15.47
CA LEU C 189 30.21 43.72 16.22
C LEU C 189 30.65 42.77 17.31
N TYR C 190 31.75 42.04 17.12
CA TYR C 190 32.23 41.08 18.09
C TYR C 190 33.69 41.23 18.47
N GLN C 191 34.45 42.07 17.76
CA GLN C 191 35.79 42.51 18.16
C GLN C 191 36.84 41.42 17.97
N LYS C 192 36.43 40.20 17.69
CA LYS C 192 37.38 39.12 17.47
C LYS C 192 36.98 38.30 16.25
N VAL C 193 37.96 37.66 15.65
CA VAL C 193 37.75 36.76 14.53
C VAL C 193 38.09 35.34 14.99
N GLY C 194 37.51 34.36 14.32
CA GLY C 194 37.72 32.98 14.71
C GLY C 194 36.96 32.62 15.97
N THR C 195 35.65 32.87 15.96
CA THR C 195 34.79 32.63 17.11
C THR C 195 34.04 31.32 16.93
N TYR C 196 33.30 30.92 17.96
CA TYR C 196 32.54 29.69 17.92
C TYR C 196 31.28 29.84 18.77
N VAL C 197 30.29 28.99 18.49
CA VAL C 197 29.08 28.89 19.28
C VAL C 197 28.87 27.43 19.62
N SER C 198 28.83 27.11 20.90
CA SER C 198 28.68 25.74 21.38
C SER C 198 27.41 25.60 22.20
N ALA C 199 26.56 24.67 21.81
CA ALA C 199 25.35 24.33 22.54
C ALA C 199 25.38 22.83 22.84
N SER C 200 25.12 22.48 24.09
CA SER C 200 25.30 21.11 24.53
C SER C 200 24.26 20.72 25.56
N THR C 201 23.70 19.53 25.40
CA THR C 201 22.81 18.91 26.38
C THR C 201 23.34 17.53 26.72
N SER C 202 22.55 16.73 27.44
CA SER C 202 22.99 15.38 27.79
C SER C 202 23.02 14.45 26.59
N THR C 203 22.26 14.74 25.54
CA THR C 203 22.22 13.91 24.34
C THR C 203 22.60 14.67 23.08
N LEU C 204 23.00 15.93 23.19
CA LEU C 204 23.32 16.74 22.02
C LEU C 204 24.60 17.53 22.26
N TYR C 205 25.49 17.50 21.28
CA TYR C 205 26.68 18.35 21.27
C TYR C 205 26.81 18.95 19.88
N LYS C 206 27.10 20.25 19.83
CA LYS C 206 27.07 20.97 18.55
C LYS C 206 27.95 22.19 18.67
N ARG C 207 28.91 22.33 17.75
CA ARG C 207 29.75 23.51 17.67
C ARG C 207 29.71 24.05 16.25
N SER C 208 29.52 25.37 16.13
CA SER C 208 29.38 26.02 14.83
C SER C 208 30.38 27.15 14.70
N ILE C 209 30.81 27.39 13.47
CA ILE C 209 31.82 28.39 13.15
C ILE C 209 31.18 29.44 12.25
N PRO C 210 31.30 30.73 12.54
CA PRO C 210 30.74 31.74 11.66
C PRO C 210 31.37 31.70 10.27
N GLU C 211 30.55 32.04 9.27
CA GLU C 211 30.96 32.03 7.88
C GLU C 211 30.93 33.46 7.36
N ILE C 212 32.06 33.94 6.85
CA ILE C 212 32.19 35.32 6.37
C ILE C 212 32.44 35.27 4.88
N ALA C 213 31.47 35.76 4.11
CA ALA C 213 31.59 35.80 2.66
C ALA C 213 30.62 36.83 2.11
N ALA C 214 30.89 37.28 0.88
CA ALA C 214 30.00 38.19 0.19
C ALA C 214 28.89 37.39 -0.48
N ARG C 215 27.66 37.80 -0.25
CA ARG C 215 26.48 37.08 -0.70
C ARG C 215 25.51 38.03 -1.37
N PRO C 216 24.66 37.53 -2.26
CA PRO C 216 23.62 38.39 -2.84
C PRO C 216 22.68 38.91 -1.76
N LYS C 217 22.16 40.11 -1.99
CA LYS C 217 21.40 40.83 -0.98
C LYS C 217 19.95 40.37 -0.99
N VAL C 218 19.47 39.91 0.17
CA VAL C 218 18.06 39.62 0.40
C VAL C 218 17.58 40.56 1.50
N ASN C 219 16.52 41.31 1.22
CA ASN C 219 16.02 42.34 2.12
C ASN C 219 17.07 43.40 2.41
N GLY C 220 17.97 43.63 1.46
CA GLY C 220 18.99 44.65 1.60
C GLY C 220 20.21 44.26 2.39
N LEU C 221 20.32 43.00 2.81
CA LEU C 221 21.44 42.54 3.61
C LEU C 221 22.10 41.34 2.96
N GLY C 222 23.42 41.29 3.05
CA GLY C 222 24.19 40.15 2.58
C GLY C 222 24.55 39.15 3.65
N SER C 223 24.22 39.43 4.89
CA SER C 223 24.46 38.51 6.00
C SER C 223 23.29 37.57 6.18
N ARG C 224 23.52 36.50 6.94
CA ARG C 224 22.50 35.48 7.16
C ARG C 224 22.48 35.09 8.63
N MET C 225 21.35 34.53 9.05
CA MET C 225 21.17 34.03 10.41
C MET C 225 20.60 32.63 10.33
N GLU C 226 21.34 31.64 10.82
CA GLU C 226 20.94 30.25 10.79
C GLU C 226 20.46 29.83 12.17
N PHE C 227 19.25 29.28 12.23
CA PHE C 227 18.60 28.91 13.48
C PHE C 227 18.47 27.40 13.60
N SER C 228 18.63 26.90 14.83
CA SER C 228 18.49 25.48 15.13
C SER C 228 17.57 25.31 16.33
N TRP C 229 17.12 24.07 16.55
CA TRP C 229 16.20 23.78 17.63
C TRP C 229 16.52 22.42 18.25
N THR C 230 16.11 22.27 19.51
CA THR C 230 16.28 21.01 20.24
C THR C 230 15.10 20.84 21.18
N LEU C 231 14.92 19.60 21.65
CA LEU C 231 13.86 19.25 22.57
C LEU C 231 14.49 18.83 23.89
N LEU C 232 14.36 19.68 24.90
CA LEU C 232 14.97 19.42 26.20
C LEU C 232 14.06 18.54 27.04
N ASP C 233 14.62 17.48 27.61
CA ASP C 233 13.85 16.53 28.39
C ASP C 233 13.73 17.00 29.83
N MET C 234 12.87 16.31 30.58
CA MET C 234 12.64 16.66 31.97
C MET C 234 13.90 16.40 32.81
N TRP C 235 14.18 17.33 33.72
CA TRP C 235 15.34 17.25 34.60
C TRP C 235 16.64 17.13 33.80
N ASP C 236 16.76 17.99 32.79
CA ASP C 236 17.95 18.03 31.93
C ASP C 236 18.41 19.47 31.79
N THR C 237 19.71 19.64 31.57
CA THR C 237 20.34 20.95 31.52
C THR C 237 20.86 21.23 30.12
N ILE C 238 20.78 22.48 29.71
CA ILE C 238 21.30 22.94 28.42
C ILE C 238 22.32 24.02 28.68
N ASN C 239 23.48 23.90 28.05
CA ASN C 239 24.60 24.83 28.24
C ASN C 239 24.86 25.61 26.97
N PHE C 240 25.20 26.89 27.13
CA PHE C 240 25.52 27.78 26.02
C PHE C 240 26.88 28.39 26.27
N GLU C 241 27.75 28.33 25.27
CA GLU C 241 29.06 28.98 25.33
C GLU C 241 29.38 29.53 23.95
N SER C 242 29.84 30.77 23.91
CA SER C 242 30.14 31.41 22.63
C SER C 242 31.12 32.55 22.84
N THR C 243 32.09 32.66 21.94
CA THR C 243 32.98 33.79 21.87
C THR C 243 32.54 34.81 20.82
N GLY C 244 31.35 34.65 20.27
CA GLY C 244 30.82 35.56 19.29
C GLY C 244 29.80 34.89 18.40
N ASN C 245 28.95 35.73 17.79
CA ASN C 245 27.98 35.29 16.80
C ASN C 245 26.92 34.36 17.38
N LEU C 246 26.39 34.72 18.54
CA LEU C 246 25.36 33.94 19.21
C LEU C 246 24.09 34.75 19.35
N VAL C 247 22.98 34.20 18.88
CA VAL C 247 21.66 34.79 19.11
C VAL C 247 20.94 33.91 20.12
N ALA C 248 21.06 34.26 21.39
CA ALA C 248 20.61 33.41 22.47
C ALA C 248 19.09 33.49 22.64
N PRO C 249 18.46 32.43 23.11
CA PRO C 249 17.03 32.49 23.43
C PRO C 249 16.78 33.22 24.73
N GLU C 250 15.54 33.66 24.87
CA GLU C 250 15.04 34.20 26.12
C GLU C 250 13.85 33.43 26.66
N TYR C 251 13.03 32.85 25.80
CA TYR C 251 11.87 32.07 26.20
C TYR C 251 11.99 30.65 25.68
N GLY C 252 11.44 29.71 26.45
CA GLY C 252 11.34 28.33 26.01
C GLY C 252 9.89 27.90 26.00
N PHE C 253 9.55 27.04 25.05
CA PHE C 253 8.18 26.61 24.84
C PHE C 253 8.00 25.22 25.46
N LYS C 254 7.05 25.10 26.37
CA LYS C 254 6.78 23.86 27.08
C LYS C 254 5.51 23.23 26.53
N ILE C 255 5.57 21.93 26.26
CA ILE C 255 4.43 21.21 25.71
C ILE C 255 3.45 20.93 26.83
N SER C 256 2.35 21.69 26.86
CA SER C 256 1.35 21.55 27.92
C SER C 256 0.38 20.40 27.64
N LYS C 257 -0.31 20.46 26.51
CA LYS C 257 -1.27 19.43 26.15
C LYS C 257 -0.85 18.74 24.85
N ARG C 258 -1.01 17.43 24.81
CA ARG C 258 -0.65 16.63 23.66
C ARG C 258 -1.90 15.98 23.09
N GLY C 259 -1.89 15.77 21.78
CA GLY C 259 -3.02 15.14 21.12
C GLY C 259 -2.79 14.92 19.65
N SER C 260 -3.84 15.06 18.85
CA SER C 260 -3.77 14.88 17.41
C SER C 260 -4.27 16.15 16.74
N SER C 261 -3.36 16.87 16.09
CA SER C 261 -3.69 18.11 15.40
C SER C 261 -3.08 18.08 14.00
N GLY C 262 -3.06 19.22 13.32
CA GLY C 262 -2.46 19.25 12.00
C GLY C 262 -2.33 20.67 11.50
N ILE C 263 -1.61 20.80 10.38
CA ILE C 263 -1.40 22.07 9.71
C ILE C 263 -2.14 22.01 8.38
N MET C 264 -3.04 22.95 8.16
CA MET C 264 -3.83 23.04 6.94
C MET C 264 -3.44 24.28 6.17
N LYS C 265 -3.07 24.11 4.90
CA LYS C 265 -2.63 25.22 4.06
C LYS C 265 -3.85 25.82 3.37
N THR C 266 -4.42 26.84 3.99
CA THR C 266 -5.58 27.53 3.47
C THR C 266 -5.34 29.03 3.45
N GLU C 267 -6.09 29.73 2.60
CA GLU C 267 -6.05 31.18 2.51
C GLU C 267 -7.27 31.83 3.15
N GLY C 268 -8.06 31.06 3.91
CA GLY C 268 -9.32 31.54 4.43
C GLY C 268 -9.22 32.12 5.83
N THR C 269 -10.39 32.44 6.38
CA THR C 269 -10.51 33.00 7.72
C THR C 269 -11.57 32.23 8.49
N LEU C 270 -11.38 32.14 9.81
CA LEU C 270 -12.24 31.31 10.64
C LEU C 270 -13.61 31.96 10.83
N GLU C 271 -14.66 31.16 10.68
CA GLU C 271 -16.03 31.59 10.91
C GLU C 271 -16.60 30.89 12.13
N ASN C 272 -17.79 31.33 12.54
CA ASN C 272 -18.44 30.82 13.74
C ASN C 272 -19.30 29.63 13.37
N CYS C 273 -18.73 28.42 13.50
CA CYS C 273 -19.46 27.18 13.25
C CYS C 273 -18.73 26.05 13.95
N GLU C 274 -19.43 24.94 14.14
CA GLU C 274 -18.88 23.77 14.79
C GLU C 274 -18.85 22.61 13.81
N THR C 275 -17.88 21.71 13.99
CA THR C 275 -17.60 20.73 12.97
C THR C 275 -16.83 19.57 13.58
N LYS C 276 -17.04 18.37 13.03
CA LYS C 276 -16.28 17.19 13.39
C LYS C 276 -15.32 16.72 12.30
N CYS C 277 -15.55 17.11 11.05
CA CYS C 277 -14.67 16.73 9.94
C CYS C 277 -14.39 17.97 9.10
N GLN C 278 -13.13 18.40 9.08
CA GLN C 278 -12.72 19.63 8.42
C GLN C 278 -11.81 19.33 7.26
N THR C 279 -12.06 20.00 6.13
CA THR C 279 -11.26 19.94 4.92
C THR C 279 -10.84 21.36 4.55
N PRO C 280 -9.78 21.50 3.75
CA PRO C 280 -9.36 22.85 3.34
C PRO C 280 -10.40 23.60 2.53
N LEU C 281 -11.39 22.92 1.96
CA LEU C 281 -12.47 23.59 1.25
C LEU C 281 -13.71 23.82 2.09
N GLY C 282 -13.90 23.07 3.17
CA GLY C 282 -15.07 23.26 3.99
C GLY C 282 -15.22 22.16 5.02
N ALA C 283 -16.42 22.05 5.58
CA ALA C 283 -16.73 21.11 6.63
C ALA C 283 -17.76 20.09 6.13
N ILE C 284 -17.64 18.86 6.60
CA ILE C 284 -18.50 17.76 6.19
C ILE C 284 -19.39 17.36 7.36
N ASN C 285 -20.67 17.12 7.06
CA ASN C 285 -21.67 16.71 8.05
C ASN C 285 -22.42 15.53 7.44
N THR C 286 -21.93 14.32 7.69
CA THR C 286 -22.41 13.15 6.97
C THR C 286 -22.30 11.92 7.84
N THR C 287 -23.03 10.87 7.44
CA THR C 287 -23.04 9.58 8.12
C THR C 287 -22.80 8.45 7.13
N LEU C 288 -21.82 8.62 6.26
CA LEU C 288 -21.61 7.75 5.10
C LEU C 288 -20.17 7.28 5.04
N PRO C 289 -19.92 6.12 4.44
CA PRO C 289 -18.54 5.60 4.36
C PRO C 289 -17.59 6.53 3.63
N PHE C 290 -17.92 6.88 2.39
CA PHE C 290 -16.99 7.52 1.49
C PHE C 290 -17.35 8.98 1.26
N HIS C 291 -16.41 9.72 0.69
CA HIS C 291 -16.63 11.08 0.25
C HIS C 291 -15.65 11.38 -0.88
N ASN C 292 -15.87 12.49 -1.58
CA ASN C 292 -14.98 12.91 -2.65
C ASN C 292 -14.73 14.40 -2.59
N VAL C 293 -14.50 14.94 -1.40
CA VAL C 293 -14.30 16.37 -1.23
C VAL C 293 -12.83 16.73 -1.36
N HIS C 294 -12.00 16.21 -0.47
CA HIS C 294 -10.58 16.53 -0.48
C HIS C 294 -9.81 15.42 0.22
N PRO C 295 -8.61 15.07 -0.26
CA PRO C 295 -7.84 14.00 0.41
C PRO C 295 -7.35 14.38 1.79
N LEU C 296 -6.70 15.53 1.94
CA LEU C 296 -6.09 15.93 3.20
C LEU C 296 -7.19 16.47 4.12
N THR C 297 -7.67 15.62 5.02
CA THR C 297 -8.71 15.99 5.96
C THR C 297 -8.15 15.98 7.38
N ILE C 298 -8.93 16.52 8.31
CA ILE C 298 -8.59 16.55 9.72
C ILE C 298 -9.86 16.33 10.51
N GLY C 299 -9.85 15.34 11.40
CA GLY C 299 -10.99 14.98 12.20
C GLY C 299 -11.42 13.55 11.98
N GLU C 300 -12.58 13.20 12.53
CA GLU C 300 -13.16 11.88 12.33
C GLU C 300 -13.76 11.85 10.92
N CYS C 301 -12.89 11.64 9.95
CA CYS C 301 -13.43 11.92 8.63
C CYS C 301 -13.67 10.63 7.86
N PRO C 302 -14.81 10.57 7.16
CA PRO C 302 -15.11 9.41 6.32
C PRO C 302 -14.01 9.08 5.32
N LYS C 303 -14.11 7.89 4.73
CA LYS C 303 -13.13 7.43 3.77
C LYS C 303 -13.20 8.27 2.48
N TYR C 304 -12.13 8.23 1.72
CA TYR C 304 -11.99 9.06 0.52
C TYR C 304 -11.79 8.17 -0.70
N VAL C 305 -12.43 8.54 -1.81
CA VAL C 305 -12.34 7.83 -3.06
C VAL C 305 -12.39 8.83 -4.20
N LYS C 306 -11.98 8.38 -5.39
CA LYS C 306 -11.98 9.19 -6.60
C LYS C 306 -13.14 8.87 -7.51
N SER C 307 -14.26 8.44 -6.95
CA SER C 307 -15.45 8.12 -7.73
C SER C 307 -16.45 9.26 -7.64
N GLU C 308 -17.32 9.34 -8.64
CA GLU C 308 -18.34 10.38 -8.71
C GLU C 308 -19.73 9.89 -8.32
N LYS C 309 -19.93 8.58 -8.19
CA LYS C 309 -21.27 8.04 -7.92
C LYS C 309 -21.13 6.63 -7.36
N LEU C 310 -21.70 6.42 -6.18
CA LEU C 310 -21.69 5.10 -5.52
C LEU C 310 -23.07 4.92 -4.87
N VAL C 311 -23.97 4.22 -5.56
CA VAL C 311 -25.34 4.03 -5.11
C VAL C 311 -25.60 2.54 -4.96
N LEU C 312 -26.16 2.16 -3.81
CA LEU C 312 -26.50 0.78 -3.52
C LEU C 312 -28.00 0.57 -3.67
N ALA C 313 -28.38 -0.53 -4.30
CA ALA C 313 -29.78 -0.83 -4.54
C ALA C 313 -30.33 -1.62 -3.37
N THR C 314 -31.33 -1.05 -2.69
CA THR C 314 -32.00 -1.72 -1.58
C THR C 314 -33.46 -1.98 -1.89
N GLY C 315 -33.76 -2.24 -3.16
CA GLY C 315 -35.14 -2.40 -3.59
C GLY C 315 -35.21 -3.15 -4.90
N LEU C 316 -36.43 -3.25 -5.43
CA LEU C 316 -36.67 -4.04 -6.61
C LEU C 316 -36.44 -3.22 -7.88
N ARG C 317 -36.26 -3.94 -8.98
CA ARG C 317 -36.22 -3.30 -10.28
C ARG C 317 -37.60 -2.73 -10.62
N ASN C 318 -37.62 -1.52 -11.16
CA ASN C 318 -38.85 -0.78 -11.40
C ASN C 318 -39.28 -0.98 -12.85
N VAL C 319 -40.26 -1.84 -13.05
CA VAL C 319 -40.84 -2.07 -14.37
C VAL C 319 -42.35 -2.17 -14.23
N PRO C 320 -43.10 -1.17 -14.67
CA PRO C 320 -44.56 -1.24 -14.61
C PRO C 320 -45.11 -1.93 -15.86
N GLN C 321 -46.43 -2.16 -15.83
CA GLN C 321 -47.09 -2.81 -16.95
C GLN C 321 -47.58 -1.79 -17.97
N ILE C 331 -55.91 -9.05 -14.88
CA ILE C 331 -54.77 -8.53 -14.15
C ILE C 331 -53.63 -9.54 -14.17
N ALA C 332 -52.46 -9.10 -14.64
CA ALA C 332 -51.34 -9.98 -14.88
C ALA C 332 -50.59 -10.24 -13.57
N GLY C 333 -49.43 -10.89 -13.67
CA GLY C 333 -48.62 -11.26 -12.52
C GLY C 333 -47.20 -10.79 -12.70
N PHE C 334 -46.29 -11.48 -12.01
CA PHE C 334 -44.90 -11.04 -11.96
C PHE C 334 -44.16 -11.24 -13.28
N ILE C 335 -44.74 -11.97 -14.23
CA ILE C 335 -44.10 -12.13 -15.52
C ILE C 335 -44.20 -10.84 -16.33
N GLU C 336 -45.36 -10.18 -16.30
CA GLU C 336 -45.60 -9.02 -17.14
C GLU C 336 -45.09 -7.72 -16.56
N GLY C 337 -44.71 -7.68 -15.29
CA GLY C 337 -44.14 -6.49 -14.70
C GLY C 337 -44.61 -6.32 -13.28
N GLY C 338 -44.32 -5.13 -12.72
CA GLY C 338 -44.68 -4.83 -11.35
C GLY C 338 -46.05 -4.18 -11.23
N TRP C 339 -46.48 -4.01 -9.98
CA TRP C 339 -47.79 -3.49 -9.65
C TRP C 339 -47.64 -2.13 -8.97
N GLN C 340 -48.45 -1.17 -9.40
CA GLN C 340 -48.46 0.16 -8.83
C GLN C 340 -49.53 0.34 -7.76
N GLY C 341 -50.30 -0.70 -7.47
CA GLY C 341 -51.35 -0.59 -6.48
C GLY C 341 -51.01 -1.28 -5.18
N MET C 342 -49.97 -2.08 -5.19
CA MET C 342 -49.54 -2.80 -3.99
C MET C 342 -48.55 -1.92 -3.24
N VAL C 343 -49.00 -1.35 -2.14
CA VAL C 343 -48.26 -0.29 -1.45
C VAL C 343 -47.67 -0.74 -0.12
N ASP C 344 -48.15 -1.84 0.46
CA ASP C 344 -47.78 -2.22 1.82
C ASP C 344 -46.79 -3.37 1.85
N GLY C 345 -45.86 -3.42 0.92
CA GLY C 345 -44.84 -4.46 0.94
C GLY C 345 -44.20 -4.63 -0.42
N TRP C 346 -43.21 -5.53 -0.44
CA TRP C 346 -42.44 -5.81 -1.65
C TRP C 346 -43.11 -6.89 -2.50
N TYR C 347 -43.35 -8.06 -1.90
CA TYR C 347 -44.03 -9.16 -2.56
C TYR C 347 -45.43 -9.30 -2.00
N GLY C 348 -46.32 -9.89 -2.79
CA GLY C 348 -47.68 -10.06 -2.33
C GLY C 348 -48.53 -10.82 -3.33
N TYR C 349 -49.84 -10.73 -3.13
CA TYR C 349 -50.82 -11.44 -3.92
C TYR C 349 -51.93 -10.50 -4.34
N HIS C 350 -52.59 -10.84 -5.44
CA HIS C 350 -53.82 -10.18 -5.87
C HIS C 350 -54.86 -11.26 -6.13
N HIS C 351 -56.04 -11.11 -5.55
CA HIS C 351 -57.07 -12.12 -5.63
C HIS C 351 -58.39 -11.49 -6.10
N SER C 352 -59.24 -12.33 -6.67
CA SER C 352 -60.50 -11.85 -7.26
C SER C 352 -61.56 -12.95 -7.05
N ASN C 353 -62.32 -12.81 -5.98
CA ASN C 353 -63.45 -13.69 -5.70
C ASN C 353 -64.72 -13.08 -6.27
N ASP C 354 -65.87 -13.64 -5.92
CA ASP C 354 -67.13 -12.94 -6.11
C ASP C 354 -67.31 -11.88 -5.03
N GLN C 355 -66.87 -12.18 -3.81
CA GLN C 355 -66.96 -11.25 -2.68
C GLN C 355 -65.67 -10.45 -2.50
N GLY C 356 -65.22 -9.77 -3.54
CA GLY C 356 -64.08 -8.88 -3.40
C GLY C 356 -62.96 -9.07 -4.41
N SER C 357 -62.17 -8.01 -4.60
CA SER C 357 -61.07 -8.02 -5.57
C SER C 357 -60.07 -6.96 -5.11
N GLY C 358 -58.98 -7.39 -4.48
CA GLY C 358 -58.02 -6.44 -3.94
C GLY C 358 -56.63 -7.01 -3.82
N TYR C 359 -55.70 -6.16 -3.39
CA TYR C 359 -54.31 -6.51 -3.24
C TYR C 359 -54.00 -6.93 -1.80
N ALA C 360 -52.78 -7.39 -1.59
CA ALA C 360 -52.32 -7.85 -0.28
C ALA C 360 -50.80 -7.79 -0.28
N ALA C 361 -50.19 -8.42 0.72
CA ALA C 361 -48.74 -8.43 0.81
C ALA C 361 -48.31 -9.57 1.72
N ASP C 362 -47.26 -10.28 1.31
CA ASP C 362 -46.70 -11.33 2.14
C ASP C 362 -45.80 -10.73 3.20
N LYS C 363 -45.88 -11.26 4.41
CA LYS C 363 -45.17 -10.69 5.54
C LYS C 363 -43.84 -11.36 5.83
N GLU C 364 -43.80 -12.68 5.89
CA GLU C 364 -42.56 -13.39 6.21
C GLU C 364 -41.51 -13.16 5.14
N SER C 365 -41.91 -13.27 3.86
CA SER C 365 -40.96 -13.10 2.77
C SER C 365 -40.42 -11.68 2.71
N THR C 366 -41.32 -10.69 2.83
CA THR C 366 -40.88 -9.30 2.79
C THR C 366 -39.99 -8.97 3.98
N GLN C 367 -40.31 -9.51 5.16
CA GLN C 367 -39.48 -9.28 6.32
C GLN C 367 -38.10 -9.89 6.15
N LYS C 368 -38.02 -11.10 5.61
CA LYS C 368 -36.72 -11.73 5.39
C LYS C 368 -35.91 -10.93 4.38
N ALA C 369 -36.54 -10.48 3.30
CA ALA C 369 -35.82 -9.69 2.31
C ALA C 369 -35.33 -8.37 2.90
N PHE C 370 -36.18 -7.70 3.69
CA PHE C 370 -35.79 -6.46 4.34
C PHE C 370 -34.60 -6.68 5.26
N ASP C 371 -34.66 -7.73 6.08
CA ASP C 371 -33.56 -8.02 7.00
C ASP C 371 -32.28 -8.31 6.26
N GLY C 372 -32.36 -9.08 5.17
CA GLY C 372 -31.16 -9.40 4.41
C GLY C 372 -30.53 -8.18 3.77
N ILE C 373 -31.36 -7.33 3.16
CA ILE C 373 -30.84 -6.12 2.53
C ILE C 373 -30.22 -5.20 3.57
N THR C 374 -30.89 -5.05 4.72
CA THR C 374 -30.37 -4.21 5.79
C THR C 374 -29.04 -4.74 6.31
N ASN C 375 -28.95 -6.06 6.50
CA ASN C 375 -27.70 -6.65 6.96
C ASN C 375 -26.57 -6.44 5.96
N LYS C 376 -26.88 -6.58 4.66
CA LYS C 376 -25.87 -6.36 3.64
C LYS C 376 -25.35 -4.93 3.67
N VAL C 377 -26.27 -3.96 3.73
CA VAL C 377 -25.87 -2.55 3.74
C VAL C 377 -25.05 -2.25 4.98
N ASN C 378 -25.51 -2.73 6.14
CA ASN C 378 -24.80 -2.46 7.39
C ASN C 378 -23.42 -3.10 7.39
N SER C 379 -23.29 -4.30 6.82
CA SER C 379 -21.98 -4.94 6.74
C SER C 379 -21.05 -4.12 5.88
N VAL C 380 -21.50 -3.73 4.68
CA VAL C 380 -20.63 -2.94 3.80
C VAL C 380 -20.22 -1.64 4.48
N ILE C 381 -21.14 -1.00 5.20
CA ILE C 381 -20.82 0.27 5.84
C ILE C 381 -19.87 0.08 7.02
N GLU C 382 -20.09 -0.94 7.84
CA GLU C 382 -19.43 -1.04 9.12
C GLU C 382 -18.13 -1.84 9.09
N LYS C 383 -17.86 -2.61 8.03
CA LYS C 383 -16.55 -3.25 7.97
C LYS C 383 -15.44 -2.23 7.75
N MET C 384 -15.74 -1.12 7.10
CA MET C 384 -14.74 -0.08 6.84
C MET C 384 -14.52 0.70 8.12
N ASN C 385 -13.49 0.33 8.88
CA ASN C 385 -13.18 0.96 10.15
C ASN C 385 -11.93 1.81 9.97
N THR C 386 -12.05 3.11 10.26
CA THR C 386 -10.95 4.05 10.20
C THR C 386 -11.05 5.00 11.40
N GLN C 387 -9.94 5.67 11.70
CA GLN C 387 -9.85 6.54 12.86
C GLN C 387 -9.46 7.93 12.38
N PHE C 388 -9.13 8.81 13.32
CA PHE C 388 -8.79 10.19 13.04
C PHE C 388 -7.28 10.37 13.10
N GLU C 389 -6.72 10.83 11.98
CA GLU C 389 -5.28 11.11 11.91
C GLU C 389 -5.05 12.16 10.82
N ALA C 390 -4.00 12.95 10.98
CA ALA C 390 -3.63 13.92 9.96
C ALA C 390 -2.72 13.27 8.93
N VAL C 391 -2.89 13.66 7.67
CA VAL C 391 -2.15 13.06 6.56
C VAL C 391 -1.17 14.03 5.91
N GLY C 392 -1.09 15.27 6.37
CA GLY C 392 -0.20 16.23 5.77
C GLY C 392 1.23 16.09 6.24
N LYS C 393 2.16 16.23 5.30
CA LYS C 393 3.59 16.16 5.61
C LYS C 393 4.32 17.12 4.69
N GLU C 394 5.36 17.74 5.21
CA GLU C 394 6.15 18.72 4.47
C GLU C 394 7.56 18.20 4.26
N PHE C 395 8.09 18.44 3.06
CA PHE C 395 9.42 18.00 2.69
C PHE C 395 10.18 19.16 2.06
N SER C 396 11.49 19.19 2.28
CA SER C 396 12.34 20.24 1.76
C SER C 396 12.72 19.93 0.32
N ASN C 397 13.48 20.83 -0.29
CA ASN C 397 13.86 20.68 -1.69
C ASN C 397 15.08 19.78 -1.89
N LEU C 398 15.74 19.36 -0.82
CA LEU C 398 16.77 18.32 -0.90
C LEU C 398 16.21 16.93 -0.62
N GLU C 399 14.92 16.82 -0.31
CA GLU C 399 14.27 15.53 -0.08
C GLU C 399 13.11 15.42 -1.06
N LYS C 400 13.40 14.95 -2.26
CA LYS C 400 12.38 14.75 -3.28
C LYS C 400 12.04 13.29 -3.49
N ARG C 401 12.98 12.38 -3.26
CA ARG C 401 12.67 10.96 -3.30
C ARG C 401 11.71 10.59 -2.19
N LEU C 402 11.91 11.17 -0.99
CA LEU C 402 10.98 10.94 0.11
C LEU C 402 9.59 11.48 -0.22
N GLU C 403 9.53 12.67 -0.83
CA GLU C 403 8.24 13.25 -1.21
C GLU C 403 7.54 12.38 -2.24
N ASN C 404 8.28 11.88 -3.23
CA ASN C 404 7.70 11.00 -4.22
C ASN C 404 7.23 9.70 -3.60
N LEU C 405 7.98 9.17 -2.64
CA LEU C 405 7.55 7.97 -1.93
C LEU C 405 6.21 8.19 -1.25
N ASN C 406 6.10 9.29 -0.50
CA ASN C 406 4.86 9.58 0.20
C ASN C 406 3.70 9.75 -0.77
N LYS C 407 3.92 10.50 -1.85
CA LYS C 407 2.87 10.74 -2.83
C LYS C 407 2.41 9.44 -3.49
N LYS C 408 3.35 8.59 -3.88
CA LYS C 408 3.00 7.34 -4.53
C LYS C 408 2.25 6.42 -3.59
N MET C 409 2.67 6.37 -2.31
CA MET C 409 1.97 5.52 -1.35
C MET C 409 0.54 5.98 -1.15
N GLU C 410 0.34 7.30 -0.96
CA GLU C 410 -1.02 7.81 -0.81
C GLU C 410 -1.87 7.50 -2.04
N ASP C 411 -1.35 7.80 -3.22
CA ASP C 411 -2.11 7.59 -4.44
C ASP C 411 -2.47 6.11 -4.62
N GLY C 412 -1.51 5.22 -4.37
CA GLY C 412 -1.79 3.81 -4.52
C GLY C 412 -2.86 3.32 -3.58
N PHE C 413 -2.82 3.76 -2.33
CA PHE C 413 -3.83 3.32 -1.39
C PHE C 413 -5.21 3.82 -1.80
N LEU C 414 -5.30 5.07 -2.27
CA LEU C 414 -6.60 5.58 -2.69
C LEU C 414 -7.13 4.84 -3.92
N ASP C 415 -6.26 4.50 -4.87
CA ASP C 415 -6.72 3.72 -6.02
C ASP C 415 -7.19 2.33 -5.59
N VAL C 416 -6.49 1.70 -4.65
CA VAL C 416 -6.90 0.39 -4.18
C VAL C 416 -8.30 0.46 -3.56
N TRP C 417 -8.52 1.47 -2.71
CA TRP C 417 -9.83 1.57 -2.07
C TRP C 417 -10.93 1.93 -3.06
N THR C 418 -10.61 2.74 -4.08
CA THR C 418 -11.59 3.04 -5.12
C THR C 418 -12.00 1.78 -5.86
N TYR C 419 -11.03 0.95 -6.25
CA TYR C 419 -11.35 -0.30 -6.93
C TYR C 419 -12.18 -1.21 -6.05
N ASN C 420 -11.83 -1.30 -4.77
CA ASN C 420 -12.60 -2.13 -3.85
C ASN C 420 -14.05 -1.66 -3.77
N ALA C 421 -14.25 -0.35 -3.60
CA ALA C 421 -15.60 0.17 -3.46
C ALA C 421 -16.43 -0.05 -4.72
N GLU C 422 -15.86 0.20 -5.89
CA GLU C 422 -16.61 0.04 -7.12
C GLU C 422 -16.99 -1.42 -7.35
N LEU C 423 -16.04 -2.35 -7.17
CA LEU C 423 -16.37 -3.76 -7.35
C LEU C 423 -17.42 -4.20 -6.35
N LEU C 424 -17.29 -3.79 -5.09
CA LEU C 424 -18.27 -4.18 -4.09
C LEU C 424 -19.66 -3.73 -4.48
N VAL C 425 -19.80 -2.46 -4.87
CA VAL C 425 -21.13 -1.93 -5.18
C VAL C 425 -21.72 -2.65 -6.39
N LEU C 426 -20.92 -2.84 -7.43
CA LEU C 426 -21.45 -3.48 -8.64
C LEU C 426 -21.91 -4.91 -8.36
N MET C 427 -21.05 -5.71 -7.74
CA MET C 427 -21.40 -7.11 -7.50
C MET C 427 -22.58 -7.24 -6.54
N GLU C 428 -22.62 -6.40 -5.50
CA GLU C 428 -23.72 -6.48 -4.56
C GLU C 428 -25.05 -6.05 -5.22
N ASN C 429 -25.00 -5.07 -6.11
CA ASN C 429 -26.22 -4.69 -6.82
C ASN C 429 -26.73 -5.83 -7.69
N GLU C 430 -25.83 -6.50 -8.40
CA GLU C 430 -26.24 -7.64 -9.22
C GLU C 430 -26.86 -8.73 -8.34
N ARG C 431 -26.23 -9.03 -7.22
CA ARG C 431 -26.74 -10.08 -6.34
C ARG C 431 -28.08 -9.71 -5.75
N THR C 432 -28.28 -8.45 -5.37
CA THR C 432 -29.56 -8.03 -4.81
C THR C 432 -30.68 -8.14 -5.84
N LEU C 433 -30.42 -7.66 -7.06
CA LEU C 433 -31.46 -7.74 -8.08
C LEU C 433 -31.78 -9.17 -8.47
N ASP C 434 -30.80 -10.08 -8.43
CA ASP C 434 -31.12 -11.49 -8.65
C ASP C 434 -31.86 -12.10 -7.47
N PHE C 435 -31.53 -11.64 -6.26
CA PHE C 435 -32.15 -12.15 -5.04
C PHE C 435 -33.63 -11.86 -5.00
N HIS C 436 -34.03 -10.67 -5.46
CA HIS C 436 -35.46 -10.33 -5.47
C HIS C 436 -36.25 -11.25 -6.41
N ASP C 437 -35.73 -11.46 -7.62
CA ASP C 437 -36.41 -12.35 -8.56
C ASP C 437 -36.46 -13.78 -8.04
N SER C 438 -35.38 -14.24 -7.40
CA SER C 438 -35.39 -15.57 -6.81
C SER C 438 -36.47 -15.68 -5.73
N ASN C 439 -36.62 -14.65 -4.90
CA ASN C 439 -37.63 -14.68 -3.86
C ASN C 439 -39.03 -14.75 -4.44
N VAL C 440 -39.31 -13.95 -5.47
CA VAL C 440 -40.65 -13.97 -6.07
C VAL C 440 -40.93 -15.34 -6.70
N LYS C 441 -39.94 -15.90 -7.40
CA LYS C 441 -40.12 -17.22 -8.00
C LYS C 441 -40.34 -18.28 -6.93
N ASN C 442 -39.64 -18.17 -5.80
CA ASN C 442 -39.85 -19.13 -4.72
C ASN C 442 -41.25 -19.03 -4.15
N LEU C 443 -41.78 -17.80 -4.01
CA LEU C 443 -43.15 -17.65 -3.56
C LEU C 443 -44.13 -18.32 -4.52
N TYR C 444 -43.94 -18.09 -5.81
CA TYR C 444 -44.80 -18.72 -6.82
C TYR C 444 -44.71 -20.24 -6.73
N ASP C 445 -43.49 -20.78 -6.58
CA ASP C 445 -43.31 -22.22 -6.52
C ASP C 445 -43.97 -22.81 -5.28
N LYS C 446 -43.83 -22.14 -4.13
CA LYS C 446 -44.45 -22.63 -2.91
C LYS C 446 -45.96 -22.65 -3.04
N VAL C 447 -46.55 -21.59 -3.59
CA VAL C 447 -47.99 -21.56 -3.78
C VAL C 447 -48.44 -22.68 -4.72
N ARG C 448 -47.70 -22.89 -5.81
CA ARG C 448 -48.07 -23.95 -6.76
C ARG C 448 -47.97 -25.32 -6.12
N MET C 449 -46.90 -25.57 -5.36
CA MET C 449 -46.72 -26.85 -4.70
C MET C 449 -47.84 -27.11 -3.71
N GLN C 450 -48.25 -26.08 -2.97
CA GLN C 450 -49.33 -26.27 -2.02
C GLN C 450 -50.67 -26.48 -2.71
N LEU C 451 -50.94 -25.75 -3.79
CA LEU C 451 -52.22 -25.86 -4.47
C LEU C 451 -52.36 -27.15 -5.29
N ARG C 452 -51.24 -27.75 -5.70
CA ARG C 452 -51.23 -29.07 -6.35
C ARG C 452 -52.07 -28.98 -7.62
N ASP C 453 -52.99 -29.92 -7.84
CA ASP C 453 -53.66 -30.06 -9.12
C ASP C 453 -55.08 -29.50 -9.13
N ASN C 454 -55.56 -29.00 -7.98
CA ASN C 454 -56.88 -28.39 -7.94
C ASN C 454 -56.97 -27.12 -8.76
N VAL C 455 -55.84 -26.56 -9.18
CA VAL C 455 -55.82 -25.29 -9.89
C VAL C 455 -55.27 -25.50 -11.29
N LYS C 456 -55.24 -24.43 -12.07
CA LYS C 456 -54.74 -24.46 -13.43
C LYS C 456 -53.88 -23.22 -13.65
N GLU C 457 -52.64 -23.42 -14.09
CA GLU C 457 -51.73 -22.31 -14.32
C GLU C 457 -52.13 -21.59 -15.59
N LEU C 458 -52.21 -20.26 -15.51
CA LEU C 458 -52.53 -19.45 -16.67
C LEU C 458 -51.31 -18.98 -17.45
N GLY C 459 -50.11 -19.16 -16.88
CA GLY C 459 -48.89 -18.83 -17.59
C GLY C 459 -48.38 -17.42 -17.42
N ASN C 460 -49.14 -16.54 -16.76
CA ASN C 460 -48.69 -15.19 -16.47
C ASN C 460 -48.56 -14.94 -14.98
N GLY C 461 -48.24 -15.98 -14.21
CA GLY C 461 -48.12 -15.87 -12.78
C GLY C 461 -49.41 -16.02 -12.01
N CYS C 462 -50.53 -16.12 -12.71
CA CYS C 462 -51.84 -16.22 -12.09
C CYS C 462 -52.36 -17.65 -12.12
N PHE C 463 -53.07 -18.04 -11.06
CA PHE C 463 -53.66 -19.36 -10.93
C PHE C 463 -55.18 -19.22 -10.94
N GLU C 464 -55.84 -20.09 -11.70
CA GLU C 464 -57.30 -20.13 -11.75
C GLU C 464 -57.78 -21.40 -11.07
N PHE C 465 -58.62 -21.24 -10.05
CA PHE C 465 -59.14 -22.36 -9.30
C PHE C 465 -60.25 -23.06 -10.08
N TYR C 466 -60.46 -24.33 -9.76
CA TYR C 466 -61.58 -25.09 -10.29
C TYR C 466 -62.80 -25.03 -9.37
N HIS C 467 -62.59 -25.21 -8.06
CA HIS C 467 -63.65 -25.07 -7.09
C HIS C 467 -63.87 -23.61 -6.74
N LYS C 468 -65.03 -23.33 -6.14
CA LYS C 468 -65.31 -21.99 -5.64
C LYS C 468 -64.52 -21.78 -4.36
N CYS C 469 -63.77 -20.68 -4.30
CA CYS C 469 -62.93 -20.36 -3.15
C CYS C 469 -63.39 -19.04 -2.55
N ASP C 470 -63.65 -19.04 -1.25
CA ASP C 470 -64.09 -17.86 -0.54
C ASP C 470 -62.91 -17.15 0.12
N ASN C 471 -63.21 -16.10 0.88
CA ASN C 471 -62.15 -15.31 1.49
C ASN C 471 -61.32 -16.13 2.47
N GLU C 472 -61.97 -17.01 3.24
CA GLU C 472 -61.23 -17.85 4.17
C GLU C 472 -60.27 -18.77 3.44
N CYS C 473 -60.69 -19.31 2.30
CA CYS C 473 -59.82 -20.19 1.53
C CYS C 473 -58.59 -19.45 1.04
N MET C 474 -58.75 -18.23 0.53
CA MET C 474 -57.59 -17.47 0.08
C MET C 474 -56.68 -17.10 1.26
N ASP C 475 -57.26 -16.70 2.39
CA ASP C 475 -56.45 -16.43 3.56
C ASP C 475 -55.69 -17.67 4.01
N SER C 476 -56.27 -18.86 3.77
CA SER C 476 -55.61 -20.11 4.10
C SER C 476 -54.48 -20.41 3.12
N VAL C 477 -54.65 -20.06 1.85
CA VAL C 477 -53.60 -20.34 0.88
C VAL C 477 -52.46 -19.32 0.97
N LYS C 478 -52.72 -18.15 1.55
CA LYS C 478 -51.69 -17.12 1.64
C LYS C 478 -50.72 -17.33 2.79
N ASN C 479 -51.03 -18.19 3.77
CA ASN C 479 -50.16 -18.34 4.92
C ASN C 479 -49.51 -19.71 5.04
N GLY C 480 -50.07 -20.75 4.44
CA GLY C 480 -49.39 -22.03 4.41
C GLY C 480 -50.21 -23.22 4.86
N THR C 481 -51.51 -23.03 5.08
CA THR C 481 -52.41 -24.10 5.50
C THR C 481 -53.58 -24.15 4.52
N TYR C 482 -53.49 -25.03 3.52
CA TYR C 482 -54.55 -25.22 2.54
C TYR C 482 -54.92 -26.69 2.52
N ASP C 483 -56.22 -26.98 2.59
CA ASP C 483 -56.71 -28.35 2.71
C ASP C 483 -57.02 -28.90 1.32
N TYR C 484 -56.02 -29.53 0.72
CA TYR C 484 -56.21 -30.17 -0.58
C TYR C 484 -57.29 -31.26 -0.55
N PRO C 485 -57.30 -32.17 0.42
CA PRO C 485 -58.37 -33.19 0.43
C PRO C 485 -59.76 -32.61 0.54
N LYS C 486 -59.92 -31.48 1.22
CA LYS C 486 -61.26 -30.92 1.44
C LYS C 486 -61.94 -30.58 0.13
N TYR C 487 -61.19 -29.98 -0.80
CA TYR C 487 -61.74 -29.58 -2.08
C TYR C 487 -61.40 -30.56 -3.21
N GLU C 488 -60.69 -31.65 -2.90
CA GLU C 488 -60.24 -32.56 -3.94
C GLU C 488 -61.39 -33.10 -4.77
N GLU C 489 -62.48 -33.50 -4.13
CA GLU C 489 -63.53 -34.21 -4.85
C GLU C 489 -64.28 -33.30 -5.83
N GLU C 490 -64.71 -32.10 -5.41
CA GLU C 490 -65.38 -31.28 -6.39
C GLU C 490 -64.39 -30.62 -7.34
N SER C 491 -63.11 -30.51 -6.96
CA SER C 491 -62.13 -30.09 -7.94
C SER C 491 -62.04 -31.10 -9.08
N LYS C 492 -61.98 -32.38 -8.76
CA LYS C 492 -61.99 -33.42 -9.79
C LYS C 492 -63.28 -33.37 -10.59
N LEU C 493 -64.42 -33.23 -9.91
CA LEU C 493 -65.70 -33.23 -10.59
C LEU C 493 -65.78 -32.10 -11.61
N ASN C 494 -65.33 -30.90 -11.23
CA ASN C 494 -65.40 -29.76 -12.15
C ASN C 494 -64.34 -29.85 -13.24
N ARG C 495 -63.15 -30.39 -12.92
CA ARG C 495 -62.09 -30.46 -13.91
C ARG C 495 -62.42 -31.46 -15.02
N ASN C 496 -62.91 -32.64 -14.65
CA ASN C 496 -63.16 -33.68 -15.64
C ASN C 496 -64.37 -33.40 -16.52
N GLU C 497 -65.18 -32.40 -16.18
CA GLU C 497 -66.37 -32.09 -16.97
C GLU C 497 -66.01 -31.60 -18.36
C1 NAG D . -22.85 -35.51 18.38
C2 NAG D . -22.31 -35.66 19.80
C3 NAG D . -21.03 -36.49 19.80
C4 NAG D . -21.26 -37.82 19.09
C5 NAG D . -21.83 -37.58 17.69
C6 NAG D . -22.19 -38.86 16.98
C7 NAG D . -22.98 -33.76 21.20
C8 NAG D . -22.57 -32.42 21.75
N2 NAG D . -22.08 -34.37 20.42
O3 NAG D . -20.61 -36.72 21.13
O4 NAG D . -20.02 -38.52 18.97
O5 NAG D . -23.04 -36.81 17.79
O6 NAG D . -21.43 -39.03 15.80
O7 NAG D . -24.07 -34.27 21.46
C1 NAG E . -24.33 -13.68 17.29
C2 NAG E . -25.24 -12.54 17.70
C3 NAG E . -24.48 -11.52 18.54
C4 NAG E . -23.79 -12.21 19.72
C5 NAG E . -22.95 -13.38 19.22
C6 NAG E . -22.35 -14.19 20.34
C7 NAG E . -27.09 -12.13 16.13
C8 NAG E . -27.53 -11.38 14.91
N2 NAG E . -25.84 -11.89 16.54
O3 NAG E . -25.37 -10.52 19.02
O4 NAG E . -22.96 -11.28 20.41
O5 NAG E . -23.76 -14.28 18.45
O6 NAG E . -23.08 -15.38 20.58
O7 NAG E . -27.82 -12.93 16.71
C1 NAG F . 45.86 -5.95 -0.64
C2 NAG F . 46.75 -5.10 -1.53
C3 NAG F . 46.51 -5.47 -3.00
C4 NAG F . 46.70 -6.97 -3.20
C5 NAG F . 45.83 -7.75 -2.22
C6 NAG F . 46.08 -9.24 -2.28
C7 NAG F . 47.50 -2.78 -1.29
C8 NAG F . 47.08 -1.37 -1.06
N2 NAG F . 46.52 -3.69 -1.32
O3 NAG F . 47.41 -4.75 -3.82
O4 NAG F . 46.35 -7.32 -4.54
O5 NAG F . 46.11 -7.34 -0.88
O6 NAG F . 46.16 -9.79 -0.98
O7 NAG F . 48.67 -3.10 -1.44
C1 NAG G . 3.59 -29.26 16.06
C2 NAG G . 3.36 -30.25 17.20
C3 NAG G . 3.56 -31.68 16.70
C4 NAG G . 2.69 -31.94 15.48
C5 NAG G . 2.95 -30.89 14.41
C6 NAG G . 2.04 -31.02 13.21
C7 NAG G . 3.86 -29.24 19.37
C8 NAG G . 4.89 -29.05 20.45
N2 NAG G . 4.23 -29.97 18.33
O3 NAG G . 3.22 -32.59 17.75
O4 NAG G . 2.99 -33.23 14.94
O5 NAG G . 2.73 -29.58 14.96
O6 NAG G . 2.77 -31.03 12.00
O7 NAG G . 2.74 -28.76 19.47
C1 NAG H . -28.37 -49.00 -11.74
C2 NAG H . -27.20 -49.70 -12.42
C3 NAG H . -27.66 -51.03 -13.01
C4 NAG H . -28.34 -51.88 -11.94
C5 NAG H . -29.45 -51.09 -11.27
C6 NAG H . -30.09 -51.82 -10.12
C7 NAG H . -25.54 -48.09 -13.24
C8 NAG H . -25.06 -47.29 -14.41
N2 NAG H . -26.60 -48.86 -13.45
O3 NAG H . -26.53 -51.73 -13.54
O4 NAG H . -28.89 -53.05 -12.54
O5 NAG H . -28.93 -49.85 -10.75
O6 NAG H . -31.51 -51.82 -10.22
O7 NAG H . -24.98 -48.05 -12.15
C1 NAG I . -13.02 -25.79 -35.65
C2 NAG I . -11.72 -25.99 -36.39
C3 NAG I . -11.44 -24.79 -37.30
C4 NAG I . -12.62 -24.53 -38.21
C5 NAG I . -13.91 -24.40 -37.39
C6 NAG I . -15.14 -24.26 -38.24
C7 NAG I . -9.76 -27.23 -35.57
C8 NAG I . -8.68 -27.28 -34.53
N2 NAG I . -10.61 -26.19 -35.47
O3 NAG I . -10.27 -25.04 -38.08
O4 NAG I . -12.42 -23.33 -38.95
O5 NAG I . -14.09 -25.57 -36.58
O6 NAG I . -15.93 -23.14 -37.84
O7 NAG I . -9.85 -28.06 -36.45
C1 NAG J . -5.33 -28.37 -15.28
C2 NAG J . -4.98 -29.48 -14.29
C3 NAG J . -3.56 -29.28 -13.76
C4 NAG J . -2.58 -29.16 -14.91
C5 NAG J . -3.02 -28.06 -15.87
C6 NAG J . -2.15 -27.97 -17.10
C7 NAG J . -6.96 -30.39 -13.16
C8 NAG J . -7.85 -30.30 -11.96
N2 NAG J . -5.93 -29.53 -13.20
O3 NAG J . -3.21 -30.39 -12.93
O4 NAG J . -1.28 -28.84 -14.41
O5 NAG J . -4.36 -28.33 -16.32
O6 NAG J . -2.21 -26.67 -17.67
O7 NAG J . -7.16 -31.20 -14.06
C1 NAG K . 19.97 40.15 -12.32
C2 NAG K . 20.05 41.27 -11.28
C3 NAG K . 18.66 41.80 -10.97
C4 NAG K . 17.97 42.23 -12.25
C5 NAG K . 17.97 41.09 -13.26
C6 NAG K . 17.41 41.49 -14.60
C7 NAG K . 21.57 41.53 -9.36
C8 NAG K . 22.13 40.89 -8.13
N2 NAG K . 20.69 40.79 -10.05
O3 NAG K . 18.77 42.92 -10.09
O4 NAG K . 16.62 42.60 -11.98
O5 NAG K . 19.31 40.65 -13.49
O6 NAG K . 18.19 40.97 -15.67
O7 NAG K . 21.89 42.66 -9.71
C1 NAG L . -26.41 6.63 -17.51
C2 NAG L . -25.76 6.82 -18.87
C3 NAG L . -24.80 8.00 -18.85
C4 NAG L . -25.51 9.25 -18.36
C5 NAG L . -26.18 8.98 -17.02
C6 NAG L . -27.02 10.14 -16.53
C7 NAG L . -25.58 4.73 -20.16
C8 NAG L . -24.73 3.53 -20.47
N2 NAG L . -25.06 5.60 -19.29
O3 NAG L . -24.28 8.21 -20.16
O4 NAG L . -24.59 10.32 -18.22
O5 NAG L . -27.06 7.85 -17.12
O6 NAG L . -26.23 11.09 -15.82
O7 NAG L . -26.67 4.90 -20.67
C1 NAG M . 18.04 19.96 37.94
C2 NAG M . 19.32 19.36 38.52
C3 NAG M . 19.02 18.03 39.18
C4 NAG M . 17.91 18.19 40.22
C5 NAG M . 16.69 18.84 39.58
C6 NAG M . 15.61 19.16 40.59
C7 NAG M . 21.63 19.50 37.70
C8 NAG M . 22.55 19.27 36.55
N2 NAG M . 20.34 19.20 37.50
O3 NAG M . 20.19 17.53 39.81
O4 NAG M . 17.55 16.93 40.75
O5 NAG M . 17.05 20.08 38.97
O6 NAG M . 14.35 19.35 39.96
O7 NAG M . 22.03 19.95 38.77
C1 NAG N . -25.46 18.31 10.79
C2 NAG N . -26.19 19.63 11.04
C3 NAG N . -27.24 19.46 12.14
C4 NAG N . -28.17 18.31 11.81
C5 NAG N . -27.36 17.05 11.52
C6 NAG N . -28.22 15.88 11.06
C7 NAG N . -24.74 21.54 10.49
C8 NAG N . -23.79 22.57 11.03
N2 NAG N . -25.25 20.69 11.39
O3 NAG N . -27.98 20.67 12.28
O4 NAG N . -29.05 18.07 12.90
O5 NAG N . -26.41 17.29 10.48
O6 NAG N . -27.76 14.65 11.60
O7 NAG N . -25.05 21.49 9.31
#